data_8HMA
#
_entry.id   8HMA
#
_cell.length_a   1.00
_cell.length_b   1.00
_cell.length_c   1.00
_cell.angle_alpha   90.00
_cell.angle_beta   90.00
_cell.angle_gamma   90.00
#
_symmetry.space_group_name_H-M   'P 1'
#
loop_
_entity.id
_entity.type
_entity.pdbx_description
1 polymer 'Voltage-dependent L-type calcium channel subunit alpha'
2 polymer 'Isoform 2c of Voltage-dependent L-type calcium channel subunit beta-2'
3 polymer 'Voltage-dependent calcium channel subunit alpha-2/delta-1'
4 non-polymer HEXADECANE
5 non-polymer 1,2-Distearoyl-sn-glycerophosphoethanolamine
6 non-polymer "6,6',7,12-tetramethoxy-2,2'-dimethyl-1beta-3,4-didehydroberbaman"
7 non-polymer 'CALCIUM ION'
8 non-polymer 2-acetamido-2-deoxy-beta-D-glucopyranose
9 non-polymer beta-D-mannopyranose
#
loop_
_entity_poly.entity_id
_entity_poly.type
_entity_poly.pdbx_seq_one_letter_code
_entity_poly.pdbx_strand_id
1 'polypeptide(L)'
;MVNENTRMYIPEENHQGSNYGSPRPAHANMNANAAAGLAPEHIPTPGAALSWQAAIDAARQAKLMGSAGNATISTVSSTQ
RKRQQYGKPKKQGSTTATRPPRALLCLTLKNPIRRACISIVEWKPFEIIILLTIFANCVALAIYIPFPEDDSNATNSNLE
RVEYLFLIIFTVEAFLKVIAYGLLFHPNAYLRNGWNLLDFIIVVVGLFSAILEQATKADGANALGGKGAGFDVKALRAFR
VLRPLRLVSGVPSLQVVLNSIIKAMVPLLHIALLVLFVIIIYAIIGLELFMGKMHKTCYNQEGIADVPAEDDPSPCALET
GHGRQCQNGTVCKPGWDGPKHGITNFDNFAFAMLTVFQCITMEGWTDVLYWVNDAVGRDWPWIYFVTLIIIGSFFVLNLV
LGVLSGEFSKEREKAKARGDFQKLREKQQLEEDLKGYLDWITQAEDIDPENEDEGMDEEKPRNMSMPTSETESVNTENVA
GGDIEGENCGARLAHRISKSKFSRYWRRWNRFCRRKCRAAVKSNVFYWLVIFLVFLNTLTIASEHYNQPNWLTEVQDTAN
KALLALFTAEMLLKMYSLGLQAYFVSLFNRFDCFVVCGGILETILVETKIMSPLGISVLRCVRLLRIFKITRYWNSLSNL
VASLLNSVRSIASLLLLLFLFIIIFSLLGMQLFGGKFNFDEMQTRRSTFDNFPQSLLTVFQILTGEDWNSVMYDGIMAYG
GPSFPGMLVCIYFIILFICGNYILLNVFLAIAVDNLADAESLTSAQKEEEEEKERKKLARTASPEKKQELVEKPAVGESK
EEKIELKSITADGESPPATKINMDDLQPNENEDKSPYPNPETTGEEDEEEPEMPVGPRPRPLSELHLKEKAVPMPEASAF
FIFSSNNRFRLQCHRIVNDTIFTNLILFFILLSSISLAAEDPVQHTSFRNHILFYFDIVFTTIFTLEIILKMTAYGAFLH
KGSFCRNYFNILDLLVVSVSLISFGIQSSAINVVKILRVLRVLRPLRAINRAKGLKHVVQCVFVAIRTIGNIVIVTTLLQ
FMFACIGVQLFKGKLYTCSDSSKQTEAECKGNYITYKDGEVDHPIIQPRSWENSKFDFDNVLAAMMALFTVSTFEGWPEL
LYRSIDSHTEDKGPIYNYRVEISIFFIIYIIIIAFFMMNIFVGFVIVTFQEQGEQEYKNCELDKNQRQCVEYALKARPLR
RYIPKNQHQYKVWYVVNSTYFEYLMFVLILLNTICLAMQHYGQSCLFKIAMNILNMLFTGLFTVEMILKLIAFKPKGYFS
DPWNVFDFLIVIGSIIDVILSEVNPAEHTQCSPSMNAEENSRISITFFRLFRVMRLVKLLSRGEGIRTLLWTFIKSFQAL
PYVALLIVMLFFIYAVIGMQVFGKIALNDTTEINRNNNFQTFPQAVLLLFRCATGEAWQDIMLACMPGKKCAPESEPSNS
TEGETPCGSSFAVFYFISFYMLCAFLIINLFVAVIMDNFDYLTRDWSILGPHHLDEFKRIWAEYDPEAKGRIKHLDVVTL
LRRIQPPLGFGKLCPHRVACKRLVSMNMPLNSDGTVMFNATLFALVRTALRIKTEGNLEQANEELRAIIKKIWKRTSMKL
LDQVVPPAGDDEVTVGKFYATFLIQEYFRKFKKRKEQGLVGKPSQRNALSLQAGLRTLHDIGPEIRRAISGDLTAEEELD
KAMKEAVSAASEDDIFRRAGGLFGNHVSYYQSDGRSAFPQTFTTQRPLHINKAGSSQGDTESPSHEKLVDSTFTPSSYSS
TGSNANINNANNTALGRLPRPAGYPSTVSTVEGHGPPLSPAIRVQEVAWKLSSNRERHVPMCEDLELRRDSGSAGTQAHC
LLLRRANPSRCHSRESQAAMAGQEETSQDETYEVKMNHDTEACSEPSLLSTEMLSYQDDENRQLTLPEEDKRDIRQSPKR
GFLRSASLGRRASFHLECLKRQKDRGGDISQKTVLPLHLVHHQALAVAGLSPLLQRSHSPASFPRPFATPPATPGSRGWP
PQPVPTLRLEGVESSEKLNSSFPSIHCGSWAETTPGGGGSSAARRVRPVSLMVPSQAGAPGRQFHGSASSLVEAVLISEG
LGQFAQDPKFIEVTTQELADACDMTIEEMESAADNILSGGAPQSPNGALLPFVNCRDAGQDRAGGEEDAGCVRARGRPSE
EELQDSRVYVSSL
;
E
2 'polypeptide(L)'
;MNQGSGLDLLKISYGKGARRKNRFKGSDGSTSSDTTSNSFVRQGSADSYTSRPSDSDVSLEEDREAVRREAERQAQAQLE
KAKTKPVAFAVRTNVSYSAAHEDDVPVPGMAISFEAKDFLHVKEKFNNDWWIGRLVKEGCEIGFIPSPVKLENMRLQHEQ
RAKQGKFYSSKSGGNSSSSLGDIVPSSRKSTPPSSAIDIDATGLDAEENDIPANHRSPKPSANSVTSPHSKEKRMPFFKK
TEHTPPYDVVPSMRPVVLVGPSLKGYEVTDMMQKALFDFLKHRFEGRISITRVTADISLAKRSVLNNPSKHAIIERSNTR
SSLAEVQSEIERIFELARTLQLVVLDADTINHPAQLSKTSLAPIIVYVKISSPKVLQRLIKSRGKSQAKHLNVQMVAADK
LAQCPPELFDVILDENQLEDACEHLADYLEAYWKATHPPSSSLPNPLLSRTLATSSLPLSPTLASNSQGSQGDQRTDRSA
PIRSASQAEEEPSVEPVKKSQHRSSSSAPHHNHRSGTSRGLSRQETFDSETQESRDSAYVEPKEDYSHDHVDHYASHRDH
NHRDETHGSSDHRHRESRHRSRDVDREQDHNECNKQRSRHKSKDRYCEKDGEVISKKRNEAGEWNRDVYIRQ
;
H
3 'polypeptide(L)'
;MAAGCLLALTLTLFQSLLIGPSSEEPFPSAVTIKSWVDKMQEDLVTLAKTASGVNQLVDIYEKYQDLYTVEPNNARQLVE
IAARDIEKLLSNRSKALVRLALEAEKVQAAHQWREDFASNEVVYYNAKDDLDPEKNDSEPGSQRIKPVFIEDANFGRQIS
YQHAAVHIPTDIYEGSTIVLNELNWTSALDEVFKKNREEDPSLLWQVFGSATGLARYYPASPWVDNSRTPNKIDLYDVRR
RPWYIQGAASPKDMLILVDVSGSVSGLTLKLIRTSVSEMLETLSDDDFVNVASFNSNAQDVSCFQHLVQANVRNKKVLKD
AVNNITAKGITDYKKGFSFAFEQLLNYNVSRANCNKIIMLFTDGGEERAQEIFNKYNKDKKVRVFTFSVGQHNYDRGPIQ
WMACENKGYYYEIPSIGAIRINTQEYLDVLGRPMVLAGDKAKQVQWTNVYLDALELGLVITGTLPVFNITGQFENKTNLK
NQLILGVMGVDVSLEDIKRLTPRFTLCPNGYYFAIDPNGYVLLHPNLQPKPIGVGIPTINLRKRRPNIQNPKSQEPVTLD
FLDAELENDIKVEIRNKMIDGESGEKTFRTLVKSQDERYIDKGNRTYTWTPVNGTDYSLALVLPTYSFYYIKAKLEETIT
QARYSETLKPDNFEESGYTFIAPRDYCNDLKISDNNTEFLLNFNEFIDRKTPNNPSCNADLINRVLLDAGFTNELVQNYW
SKQKNIKGVKARFVVTDGGITRVYPKEAGENWQENPETYEDSFYKRSLDNDNYVFTAPYFNKSGPGAYESGIMVSKAVEI
YIQGKLLKPAVVGIKIDVNSWIENFTKTSIRDPCAGPVCDCKRNSDVMDCVILDDGGFLLMANHDDYTNQIGRFFGEIDP
SLMRHLVNISVYAFNKSYDYQSVCEPGAAPKQGAGHRSAYVPSVADILQIGWWATAAAWSILQQFLLSLTFPRLLEAVEM
EDDDFTASLSKQSCITEQTQYFFDNDSKSFSGVLDCGNCSRIFHGEKLMNTNLIFIMVESKGTCPCDTRLLIQAEQTSDG
PNPCDMVKQPRYRKGPDVCFDNNVLEDYTDC
;
F
#
loop_
_chem_comp.id
_chem_comp.type
_chem_comp.name
_chem_comp.formula
3PE non-polymer 1,2-Distearoyl-sn-glycerophosphoethanolamine 'C41 H82 N O8 P'
A1AC9 non-polymer 6,6',7,12-tetramethoxy-2,2'-dimethyl-1beta-3,4-didehydroberbaman 'C38 H40 N2 O6'
BMA D-saccharide, beta linking beta-D-mannopyranose 'C6 H12 O6'
CA non-polymer 'CALCIUM ION' 'Ca 2'
NAG D-saccharide, beta linking 2-acetamido-2-deoxy-beta-D-glucopyranose 'C8 H15 N O6'
R16 non-polymer HEXADECANE 'C16 H34'
#
# COMPACT_ATOMS: atom_id res chain seq x y z
N ARG A 114 8.41 64.95 0.95
CA ARG A 114 7.52 63.95 1.61
C ARG A 114 7.92 62.53 1.22
N ARG A 115 7.97 62.27 -0.09
CA ARG A 115 8.36 60.95 -0.57
C ARG A 115 9.76 60.58 -0.11
N ALA A 116 10.61 61.58 0.14
CA ALA A 116 11.96 61.30 0.63
C ALA A 116 11.93 60.61 1.98
N CYS A 117 10.93 60.92 2.81
CA CYS A 117 10.82 60.30 4.12
C CYS A 117 10.62 58.80 4.01
N ILE A 118 9.84 58.36 3.03
CA ILE A 118 9.61 56.92 2.85
C ILE A 118 10.88 56.25 2.32
N SER A 119 11.56 56.89 1.38
CA SER A 119 12.73 56.26 0.77
C SER A 119 13.84 56.02 1.79
N ILE A 120 14.06 56.99 2.69
CA ILE A 120 15.14 56.86 3.67
C ILE A 120 14.91 55.68 4.60
N VAL A 121 13.66 55.20 4.71
CA VAL A 121 13.39 54.04 5.54
C VAL A 121 14.12 52.81 5.00
N GLU A 122 14.09 52.63 3.67
CA GLU A 122 14.79 51.50 3.06
C GLU A 122 16.27 51.49 3.44
N TRP A 123 16.86 52.67 3.58
CA TRP A 123 18.25 52.74 4.01
C TRP A 123 18.44 52.07 5.36
N LYS A 124 17.53 52.34 6.30
CA LYS A 124 17.60 51.68 7.60
C LYS A 124 17.46 50.18 7.40
N PRO A 125 18.37 49.37 7.97
CA PRO A 125 18.31 47.93 7.70
C PRO A 125 17.09 47.25 8.34
N PHE A 126 15.91 47.51 7.79
CA PHE A 126 14.72 46.76 8.18
C PHE A 126 14.47 45.58 7.25
N GLU A 127 15.32 45.36 6.25
CA GLU A 127 15.20 44.17 5.42
C GLU A 127 15.32 42.90 6.26
N ILE A 128 15.95 42.99 7.43
CA ILE A 128 16.07 41.82 8.30
C ILE A 128 14.70 41.40 8.82
N ILE A 129 13.89 42.36 9.28
CA ILE A 129 12.61 42.00 9.87
C ILE A 129 11.64 41.47 8.81
N ILE A 130 11.60 42.11 7.64
CA ILE A 130 10.72 41.62 6.58
C ILE A 130 11.17 40.24 6.13
N LEU A 131 12.48 40.04 5.97
CA LEU A 131 12.98 38.72 5.59
C LEU A 131 12.63 37.68 6.64
N LEU A 132 12.80 38.02 7.92
CA LEU A 132 12.39 37.11 8.98
C LEU A 132 10.88 36.88 8.96
N THR A 133 10.10 37.85 8.49
CA THR A 133 8.67 37.63 8.31
C THR A 133 8.43 36.56 7.26
N ILE A 134 9.19 36.60 6.16
CA ILE A 134 9.08 35.55 5.15
C ILE A 134 9.44 34.20 5.77
N PHE A 135 10.54 34.15 6.51
CA PHE A 135 10.88 32.93 7.23
C PHE A 135 9.83 32.62 8.29
N ALA A 136 9.37 33.63 9.00
CA ALA A 136 8.33 33.42 10.00
C ALA A 136 7.06 32.88 9.36
N ASN A 137 6.66 33.45 8.23
CA ASN A 137 5.51 32.92 7.50
C ASN A 137 5.79 31.51 7.00
N CYS A 138 6.99 31.28 6.48
CA CYS A 138 7.34 29.94 5.99
C CYS A 138 7.11 28.90 7.06
N VAL A 139 7.36 29.25 8.33
CA VAL A 139 7.07 28.33 9.42
C VAL A 139 5.58 28.30 9.73
N ALA A 140 4.83 29.29 9.27
CA ALA A 140 3.39 29.33 9.46
C ALA A 140 2.64 28.52 8.41
N LEU A 141 3.32 28.06 7.36
CA LEU A 141 2.70 27.21 6.35
C LEU A 141 2.90 25.73 6.64
N ALA A 142 4.05 25.35 7.21
CA ALA A 142 4.30 23.95 7.51
C ALA A 142 3.39 23.44 8.62
N ILE A 143 3.01 24.31 9.56
CA ILE A 143 2.16 23.88 10.66
C ILE A 143 0.73 23.65 10.20
N TYR A 144 0.33 24.23 9.08
CA TYR A 144 -1.04 24.13 8.59
C TYR A 144 -1.34 22.69 8.21
N ILE A 145 -2.21 22.03 8.97
CA ILE A 145 -2.60 20.65 8.70
C ILE A 145 -3.76 20.66 7.70
N PRO A 146 -3.58 20.12 6.49
CA PRO A 146 -4.67 20.13 5.51
C PRO A 146 -5.65 18.99 5.69
N PHE A 147 -6.64 19.17 6.55
CA PHE A 147 -7.60 18.10 6.82
C PHE A 147 -8.38 17.77 5.55
N PRO A 148 -8.90 16.53 5.44
CA PRO A 148 -9.43 16.07 4.16
C PRO A 148 -10.55 16.92 3.58
N GLU A 149 -11.67 17.06 4.29
CA GLU A 149 -12.90 17.63 3.73
C GLU A 149 -13.45 18.70 4.67
N ASP A 150 -12.93 19.92 4.53
CA ASP A 150 -13.40 21.12 5.21
C ASP A 150 -13.18 21.10 6.72
N ASP A 151 -12.65 20.01 7.27
CA ASP A 151 -12.36 19.99 8.69
C ASP A 151 -11.16 20.90 9.00
N SER A 152 -11.07 21.32 10.25
CA SER A 152 -9.97 22.19 10.67
C SER A 152 -9.89 22.14 12.19
N ASN A 153 -8.72 21.78 12.71
CA ASN A 153 -8.53 21.71 14.15
C ASN A 153 -8.40 23.12 14.71
N ALA A 154 -8.09 23.22 16.01
CA ALA A 154 -8.03 24.53 16.65
C ALA A 154 -6.91 25.39 16.07
N THR A 155 -5.73 24.80 15.85
CA THR A 155 -4.58 25.60 15.44
C THR A 155 -4.82 26.24 14.07
N ASN A 156 -5.41 25.50 13.13
CA ASN A 156 -5.65 26.06 11.81
C ASN A 156 -6.49 27.32 11.88
N SER A 157 -7.33 27.45 12.90
CA SER A 157 -8.14 28.66 13.04
C SER A 157 -7.27 29.87 13.37
N ASN A 158 -6.18 29.66 14.10
CA ASN A 158 -5.30 30.79 14.44
C ASN A 158 -4.45 31.21 13.25
N LEU A 159 -3.97 30.25 12.46
CA LEU A 159 -3.06 30.60 11.37
C LEU A 159 -3.73 31.53 10.36
N GLU A 160 -4.99 31.27 10.03
CA GLU A 160 -5.69 32.16 9.10
C GLU A 160 -5.77 33.58 9.66
N ARG A 161 -6.03 33.70 10.97
CA ARG A 161 -5.96 35.02 11.60
C ARG A 161 -4.56 35.59 11.50
N VAL A 162 -3.55 34.76 11.78
CA VAL A 162 -2.16 35.20 11.65
C VAL A 162 -1.84 35.53 10.19
N GLU A 163 -2.47 34.82 9.25
CA GLU A 163 -2.24 35.10 7.84
C GLU A 163 -2.53 36.56 7.51
N TYR A 164 -3.51 37.16 8.19
CA TYR A 164 -3.82 38.56 7.93
C TYR A 164 -2.64 39.46 8.28
N LEU A 165 -1.96 39.16 9.39
CA LEU A 165 -0.84 40.00 9.80
C LEU A 165 0.26 40.02 8.74
N PHE A 166 0.68 38.84 8.29
CA PHE A 166 1.72 38.78 7.26
C PHE A 166 1.27 39.53 6.01
N LEU A 167 -0.01 39.45 5.68
CA LEU A 167 -0.53 40.18 4.53
C LEU A 167 -0.35 41.68 4.70
N ILE A 168 -0.65 42.19 5.89
CA ILE A 168 -0.51 43.63 6.14
C ILE A 168 0.96 44.04 6.08
N ILE A 169 1.84 43.23 6.68
CA ILE A 169 3.26 43.60 6.73
C ILE A 169 3.83 43.70 5.32
N PHE A 170 3.50 42.73 4.46
CA PHE A 170 3.98 42.81 3.09
C PHE A 170 3.28 43.91 2.31
N THR A 171 1.97 44.08 2.53
CA THR A 171 1.22 45.07 1.76
C THR A 171 1.76 46.48 2.00
N VAL A 172 2.05 46.82 3.25
CA VAL A 172 2.58 48.15 3.53
C VAL A 172 3.93 48.34 2.85
N GLU A 173 4.74 47.29 2.80
CA GLU A 173 6.06 47.40 2.17
C GLU A 173 5.94 47.74 0.70
N ALA A 174 4.99 47.10 0.00
CA ALA A 174 4.78 47.45 -1.40
C ALA A 174 4.51 48.94 -1.57
N PHE A 175 3.65 49.49 -0.71
CA PHE A 175 3.42 50.93 -0.76
C PHE A 175 4.68 51.70 -0.41
N LEU A 176 5.42 51.25 0.61
CA LEU A 176 6.68 51.91 0.96
C LEU A 176 7.68 51.80 -0.18
N LYS A 177 7.74 50.65 -0.85
CA LYS A 177 8.74 50.40 -1.88
C LYS A 177 8.27 50.78 -3.27
N VAL A 178 7.01 51.11 -3.46
CA VAL A 178 6.51 51.58 -4.76
C VAL A 178 6.56 53.09 -4.86
N ILE A 179 6.18 53.80 -3.79
CA ILE A 179 6.30 55.25 -3.77
C ILE A 179 7.76 55.66 -3.83
N ALA A 180 8.62 54.95 -3.11
CA ALA A 180 10.02 55.33 -3.03
C ALA A 180 10.78 55.01 -4.32
N TYR A 181 10.42 53.92 -5.01
CA TYR A 181 11.15 53.48 -6.18
C TYR A 181 10.34 53.55 -7.46
N GLY A 182 9.22 54.30 -7.46
CA GLY A 182 8.46 54.50 -8.67
C GLY A 182 7.53 53.35 -8.99
N LEU A 183 6.31 53.66 -9.41
CA LEU A 183 5.34 52.63 -9.74
C LEU A 183 5.79 51.79 -10.93
N LEU A 184 6.35 52.44 -11.95
CA LEU A 184 6.73 51.72 -13.16
C LEU A 184 7.99 50.89 -12.95
N PHE A 185 8.98 51.44 -12.24
CA PHE A 185 10.27 50.79 -12.13
C PHE A 185 10.25 49.60 -11.17
N HIS A 186 9.48 49.68 -10.09
CA HIS A 186 9.47 48.61 -9.09
C HIS A 186 9.14 47.25 -9.70
N PRO A 187 8.10 47.11 -10.53
CA PRO A 187 7.90 45.82 -11.21
C PRO A 187 9.06 45.42 -12.10
N ASN A 188 9.77 46.38 -12.69
CA ASN A 188 10.87 46.09 -13.60
C ASN A 188 12.12 45.66 -12.82
N ALA A 189 11.99 44.55 -12.11
CA ALA A 189 13.06 44.00 -11.29
C ALA A 189 12.64 42.61 -10.86
N TYR A 190 13.42 42.01 -9.95
CA TYR A 190 13.10 40.70 -9.40
C TYR A 190 11.82 40.72 -8.57
N LEU A 191 11.32 41.90 -8.21
CA LEU A 191 10.12 42.03 -7.39
C LEU A 191 8.83 41.77 -8.15
N ARG A 192 8.90 41.49 -9.45
CA ARG A 192 7.69 41.23 -10.23
C ARG A 192 6.84 40.17 -9.53
N ASN A 193 7.46 39.09 -9.06
CA ASN A 193 6.73 38.12 -8.27
C ASN A 193 6.35 38.67 -6.90
N GLY A 194 7.16 39.57 -6.36
CA GLY A 194 6.85 40.17 -5.08
C GLY A 194 5.50 40.85 -5.08
N TRP A 195 5.23 41.65 -6.11
CA TRP A 195 3.90 42.24 -6.24
C TRP A 195 2.89 41.20 -6.71
N ASN A 196 3.34 40.15 -7.39
CA ASN A 196 2.42 39.12 -7.87
C ASN A 196 1.69 38.47 -6.70
N LEU A 197 2.41 38.15 -5.62
CA LEU A 197 1.76 37.58 -4.45
C LEU A 197 0.81 38.59 -3.82
N LEU A 198 1.26 39.83 -3.63
CA LEU A 198 0.42 40.82 -2.94
C LEU A 198 -0.90 41.02 -3.66
N ASP A 199 -0.87 41.13 -4.99
CA ASP A 199 -2.11 41.38 -5.73
C ASP A 199 -3.11 40.25 -5.51
N PHE A 200 -2.68 39.00 -5.72
CA PHE A 200 -3.60 37.88 -5.69
C PHE A 200 -3.96 37.45 -4.28
N ILE A 201 -3.07 37.67 -3.31
CA ILE A 201 -3.38 37.31 -1.92
C ILE A 201 -4.53 38.18 -1.39
N ILE A 202 -4.51 39.48 -1.72
CA ILE A 202 -5.61 40.34 -1.31
C ILE A 202 -6.93 39.83 -1.88
N VAL A 203 -6.90 39.31 -3.11
CA VAL A 203 -8.10 38.74 -3.69
C VAL A 203 -8.58 37.55 -2.85
N VAL A 204 -7.65 36.74 -2.37
CA VAL A 204 -8.02 35.55 -1.60
C VAL A 204 -8.77 35.94 -0.33
N VAL A 205 -8.19 36.86 0.44
CA VAL A 205 -8.84 37.28 1.68
C VAL A 205 -10.15 38.01 1.38
N GLY A 206 -10.15 38.86 0.36
CA GLY A 206 -11.37 39.58 0.01
C GLY A 206 -12.47 38.65 -0.43
N LEU A 207 -12.14 37.65 -1.25
CA LEU A 207 -13.17 36.77 -1.80
C LEU A 207 -13.67 35.80 -0.74
N PHE A 208 -12.78 35.29 0.12
CA PHE A 208 -13.20 34.35 1.14
C PHE A 208 -14.19 34.99 2.11
N SER A 209 -13.92 36.24 2.52
CA SER A 209 -14.81 36.90 3.46
C SER A 209 -16.21 37.10 2.88
N ALA A 210 -16.30 37.25 1.56
CA ALA A 210 -17.62 37.43 0.94
C ALA A 210 -18.50 36.22 1.15
N ILE A 211 -17.94 35.02 1.02
CA ILE A 211 -18.70 33.78 1.20
C ILE A 211 -18.42 33.22 2.59
N PHE A 231 -16.94 26.00 -5.67
CA PHE A 231 -16.24 27.13 -6.23
C PHE A 231 -14.72 26.94 -6.08
N ASP A 232 -13.95 27.97 -6.44
CA ASP A 232 -12.50 27.92 -6.43
C ASP A 232 -11.88 28.84 -5.37
N VAL A 233 -12.66 29.21 -4.35
CA VAL A 233 -12.14 30.11 -3.33
C VAL A 233 -10.96 29.46 -2.59
N LYS A 234 -11.12 28.20 -2.20
CA LYS A 234 -10.09 27.55 -1.39
C LYS A 234 -8.83 27.25 -2.21
N ALA A 235 -9.00 26.80 -3.44
CA ALA A 235 -7.86 26.38 -4.24
C ALA A 235 -6.95 27.54 -4.61
N LEU A 236 -7.46 28.77 -4.61
CA LEU A 236 -6.66 29.92 -5.02
C LEU A 236 -5.53 30.24 -4.04
N ARG A 237 -5.55 29.64 -2.84
CA ARG A 237 -4.53 29.94 -1.84
C ARG A 237 -3.14 29.44 -2.23
N ALA A 238 -3.04 28.61 -3.28
CA ALA A 238 -1.75 27.99 -3.61
C ALA A 238 -0.67 29.02 -3.90
N PHE A 239 -1.03 30.24 -4.31
CA PHE A 239 -0.04 31.23 -4.63
C PHE A 239 0.87 31.58 -3.44
N ARG A 240 0.41 31.32 -2.22
CA ARG A 240 1.18 31.69 -1.04
C ARG A 240 2.42 30.82 -0.86
N VAL A 241 2.55 29.72 -1.60
CA VAL A 241 3.71 28.85 -1.47
C VAL A 241 4.90 29.48 -2.19
N LEU A 242 4.65 30.56 -2.93
CA LEU A 242 5.73 31.26 -3.62
C LEU A 242 6.48 32.25 -2.74
N ARG A 243 5.94 32.59 -1.57
CA ARG A 243 6.64 33.54 -0.71
C ARG A 243 8.06 33.12 -0.39
N PRO A 244 8.36 31.86 -0.12
CA PRO A 244 9.77 31.48 0.12
C PRO A 244 10.71 31.96 -0.97
N LEU A 245 10.25 32.08 -2.21
CA LEU A 245 11.11 32.59 -3.27
C LEU A 245 11.61 34.00 -2.93
N ARG A 246 10.78 34.81 -2.29
CA ARG A 246 11.25 36.12 -1.84
C ARG A 246 12.45 35.97 -0.92
N LEU A 247 12.52 34.86 -0.17
CA LEU A 247 13.64 34.67 0.75
C LEU A 247 14.96 34.57 -0.01
N VAL A 248 14.99 33.80 -1.10
CA VAL A 248 16.21 33.69 -1.90
C VAL A 248 16.48 34.98 -2.66
N SER A 249 15.45 35.79 -2.92
CA SER A 249 15.66 37.08 -3.58
C SER A 249 16.23 38.11 -2.61
N GLY A 250 15.81 38.08 -1.35
CA GLY A 250 16.25 39.09 -0.40
C GLY A 250 17.75 39.05 -0.16
N VAL A 251 18.29 37.86 0.06
CA VAL A 251 19.73 37.71 0.33
C VAL A 251 20.48 37.76 -0.99
N PRO A 252 21.38 38.72 -1.20
CA PRO A 252 22.13 38.76 -2.47
C PRO A 252 23.18 37.67 -2.60
N SER A 253 23.54 36.98 -1.51
CA SER A 253 24.52 35.92 -1.59
C SER A 253 23.97 34.64 -2.19
N LEU A 254 22.64 34.51 -2.27
CA LEU A 254 22.00 33.35 -2.88
C LEU A 254 21.43 33.62 -4.26
N GLN A 255 21.15 34.88 -4.59
CA GLN A 255 20.69 35.20 -5.94
C GLN A 255 21.73 34.80 -6.98
N VAL A 256 23.01 34.87 -6.64
CA VAL A 256 24.05 34.55 -7.61
C VAL A 256 24.05 33.05 -7.92
N VAL A 257 23.94 32.21 -6.89
CA VAL A 257 23.99 30.77 -7.12
C VAL A 257 22.76 30.29 -7.89
N LEU A 258 21.60 30.88 -7.62
CA LEU A 258 20.42 30.53 -8.38
C LEU A 258 20.61 30.87 -9.85
N ASN A 259 21.12 32.07 -10.13
CA ASN A 259 21.41 32.43 -11.51
C ASN A 259 22.48 31.53 -12.11
N SER A 260 23.39 31.01 -11.29
CA SER A 260 24.36 30.04 -11.78
C SER A 260 23.66 28.77 -12.23
N ILE A 261 22.66 28.32 -11.48
CA ILE A 261 21.90 27.13 -11.87
C ILE A 261 21.11 27.42 -13.14
N ILE A 262 20.38 28.54 -13.16
CA ILE A 262 19.56 28.86 -14.32
C ILE A 262 20.42 29.09 -15.55
N LYS A 263 21.53 29.83 -15.39
CA LYS A 263 22.38 30.14 -16.54
C LYS A 263 22.86 28.88 -17.24
N ALA A 264 22.94 27.76 -16.52
CA ALA A 264 23.35 26.51 -17.12
C ALA A 264 22.19 25.77 -17.80
N MET A 265 20.97 26.29 -17.70
CA MET A 265 19.83 25.62 -18.30
C MET A 265 19.69 25.89 -19.79
N VAL A 266 20.25 26.99 -20.28
CA VAL A 266 20.07 27.34 -21.69
C VAL A 266 20.61 26.28 -22.62
N PRO A 267 21.82 25.74 -22.41
CA PRO A 267 22.30 24.66 -23.31
C PRO A 267 21.40 23.45 -23.33
N LEU A 268 20.76 23.12 -22.20
CA LEU A 268 19.97 21.91 -22.10
C LEU A 268 18.66 21.98 -22.87
N LEU A 269 18.29 23.16 -23.38
CA LEU A 269 17.07 23.24 -24.18
C LEU A 269 17.13 22.29 -25.36
N HIS A 270 18.29 22.14 -25.98
CA HIS A 270 18.43 21.22 -27.10
C HIS A 270 18.14 19.78 -26.67
N ILE A 271 18.66 19.38 -25.52
CA ILE A 271 18.33 18.06 -24.98
C ILE A 271 16.84 17.97 -24.70
N ALA A 272 16.27 19.03 -24.13
CA ALA A 272 14.83 19.07 -23.91
C ALA A 272 14.08 18.96 -25.23
N LEU A 273 14.57 19.64 -26.28
CA LEU A 273 13.91 19.57 -27.57
C LEU A 273 13.96 18.14 -28.12
N LEU A 274 15.10 17.48 -28.00
CA LEU A 274 15.19 16.09 -28.46
C LEU A 274 14.24 15.20 -27.67
N VAL A 275 14.24 15.32 -26.34
CA VAL A 275 13.33 14.52 -25.53
C VAL A 275 11.89 14.81 -25.90
N LEU A 276 11.60 16.05 -26.33
CA LEU A 276 10.26 16.37 -26.77
C LEU A 276 9.89 15.59 -28.02
N PHE A 277 10.82 15.47 -28.98
CA PHE A 277 10.52 14.70 -30.19
C PHE A 277 10.53 13.21 -29.92
N VAL A 278 11.38 12.74 -28.99
CA VAL A 278 11.35 11.34 -28.63
C VAL A 278 9.99 10.97 -28.06
N ILE A 279 9.43 11.83 -27.22
CA ILE A 279 8.09 11.61 -26.69
C ILE A 279 7.08 11.58 -27.84
N ILE A 280 7.15 12.56 -28.74
CA ILE A 280 6.14 12.69 -29.78
C ILE A 280 6.24 11.53 -30.77
N ILE A 281 7.45 11.23 -31.24
CA ILE A 281 7.61 10.18 -32.24
C ILE A 281 7.17 8.84 -31.67
N TYR A 282 7.57 8.54 -30.44
CA TYR A 282 7.23 7.26 -29.83
C TYR A 282 5.77 7.23 -29.39
N ALA A 283 5.23 8.36 -28.94
CA ALA A 283 3.82 8.39 -28.54
C ALA A 283 2.91 8.14 -29.72
N ILE A 284 3.21 8.77 -30.87
CA ILE A 284 2.39 8.55 -32.06
C ILE A 284 2.47 7.09 -32.50
N ILE A 285 3.68 6.52 -32.50
CA ILE A 285 3.84 5.10 -32.84
C ILE A 285 3.03 4.24 -31.87
N GLY A 286 3.06 4.59 -30.59
CA GLY A 286 2.29 3.82 -29.62
C GLY A 286 0.81 3.80 -29.93
N LEU A 287 0.28 4.91 -30.42
CA LEU A 287 -1.13 4.97 -30.79
C LEU A 287 -1.45 3.94 -31.87
N GLU A 288 -0.63 3.89 -32.92
CA GLU A 288 -0.95 3.06 -34.08
C GLU A 288 -0.96 1.58 -33.73
N LEU A 289 0.05 1.13 -32.98
CA LEU A 289 0.15 -0.29 -32.67
C LEU A 289 -0.77 -0.68 -31.52
N PHE A 290 -0.62 -0.02 -30.38
CA PHE A 290 -1.41 -0.32 -29.19
C PHE A 290 -2.66 0.55 -29.11
N MET A 291 -3.46 0.53 -30.17
CA MET A 291 -4.62 1.42 -30.29
C MET A 291 -5.74 0.90 -29.40
N GLY A 292 -5.63 1.18 -28.11
CA GLY A 292 -6.66 0.82 -27.17
C GLY A 292 -6.97 -0.66 -27.15
N LYS A 293 -5.92 -1.48 -27.13
CA LYS A 293 -6.06 -2.94 -27.15
C LYS A 293 -6.05 -3.54 -25.74
N MET A 294 -6.02 -2.72 -24.71
CA MET A 294 -5.94 -3.18 -23.32
C MET A 294 -7.28 -3.10 -22.62
N HIS A 295 -8.37 -3.39 -23.34
CA HIS A 295 -9.72 -3.25 -22.81
C HIS A 295 -10.46 -4.58 -22.75
N LYS A 296 -9.73 -5.69 -22.73
CA LYS A 296 -10.34 -7.01 -22.57
C LYS A 296 -9.67 -7.73 -21.41
N THR A 297 -10.43 -7.93 -20.34
CA THR A 297 -9.92 -8.56 -19.13
C THR A 297 -10.76 -9.79 -18.81
N CYS A 298 -10.14 -10.74 -18.12
CA CYS A 298 -10.78 -12.03 -17.88
C CYS A 298 -11.88 -11.90 -16.83
N TYR A 299 -13.04 -12.50 -17.12
CA TYR A 299 -14.21 -12.43 -16.26
C TYR A 299 -14.63 -13.83 -15.85
N ASN A 300 -15.17 -13.95 -14.63
CA ASN A 300 -15.62 -15.25 -14.14
C ASN A 300 -16.76 -15.77 -15.00
N GLN A 301 -16.79 -17.09 -15.18
CA GLN A 301 -17.78 -17.72 -16.06
C GLN A 301 -19.10 -18.02 -15.36
N GLU A 302 -19.13 -18.01 -14.03
CA GLU A 302 -20.36 -18.38 -13.33
C GLU A 302 -21.49 -17.40 -13.62
N GLY A 303 -21.17 -16.11 -13.71
CA GLY A 303 -22.14 -15.11 -14.10
C GLY A 303 -22.93 -14.49 -12.96
N ILE A 304 -22.70 -14.91 -11.72
CA ILE A 304 -23.39 -14.29 -10.60
C ILE A 304 -23.03 -12.81 -10.50
N ALA A 305 -21.75 -12.50 -10.65
CA ALA A 305 -21.25 -11.13 -10.61
C ALA A 305 -20.38 -10.88 -11.83
N ASP A 306 -20.53 -9.70 -12.43
CA ASP A 306 -19.77 -9.31 -13.61
C ASP A 306 -18.60 -8.44 -13.15
N VAL A 307 -17.57 -9.09 -12.65
CA VAL A 307 -16.38 -8.41 -12.14
C VAL A 307 -15.15 -9.14 -12.67
N PRO A 308 -14.01 -8.45 -12.74
CA PRO A 308 -12.79 -9.09 -13.24
C PRO A 308 -12.44 -10.31 -12.40
N ALA A 309 -11.96 -11.35 -13.08
CA ALA A 309 -11.73 -12.64 -12.42
C ALA A 309 -10.54 -12.56 -11.47
N GLU A 310 -9.43 -11.98 -11.92
CA GLU A 310 -8.19 -12.00 -11.17
C GLU A 310 -8.09 -10.79 -10.24
N ASP A 311 -7.60 -11.02 -9.03
CA ASP A 311 -7.46 -9.94 -8.05
C ASP A 311 -6.53 -8.84 -8.53
N ASP A 312 -5.65 -9.14 -9.49
CA ASP A 312 -4.77 -8.14 -10.10
C ASP A 312 -5.05 -8.19 -11.60
N PRO A 313 -6.04 -7.44 -12.07
CA PRO A 313 -6.45 -7.57 -13.47
C PRO A 313 -5.29 -7.32 -14.42
N SER A 314 -5.20 -8.17 -15.45
CA SER A 314 -4.20 -8.04 -16.49
C SER A 314 -4.88 -8.19 -17.84
N PRO A 315 -4.54 -7.37 -18.83
CA PRO A 315 -5.23 -7.46 -20.14
C PRO A 315 -5.06 -8.85 -20.74
N CYS A 316 -6.15 -9.36 -21.32
CA CYS A 316 -6.13 -10.63 -22.01
C CYS A 316 -6.65 -10.46 -23.43
N ALA A 317 -6.08 -11.24 -24.35
CA ALA A 317 -6.55 -11.31 -25.72
C ALA A 317 -7.14 -12.70 -25.94
N LEU A 318 -8.44 -12.75 -26.25
CA LEU A 318 -9.11 -14.03 -26.39
C LEU A 318 -8.56 -14.80 -27.60
N GLU A 319 -9.03 -16.03 -27.76
CA GLU A 319 -8.60 -16.87 -28.87
C GLU A 319 -8.86 -16.13 -30.18
N THR A 320 -8.21 -16.56 -31.26
CA THR A 320 -8.17 -15.91 -32.56
C THR A 320 -7.20 -14.73 -32.52
N GLY A 321 -6.64 -14.42 -31.37
CA GLY A 321 -5.66 -13.34 -31.26
C GLY A 321 -4.50 -13.77 -30.40
N HIS A 322 -3.34 -13.19 -30.68
CA HIS A 322 -2.13 -13.52 -29.94
C HIS A 322 -2.15 -12.83 -28.57
N GLY A 323 -1.66 -13.54 -27.57
CA GLY A 323 -1.61 -13.04 -26.22
C GLY A 323 -1.95 -14.15 -25.24
N ARG A 324 -2.28 -13.75 -24.02
CA ARG A 324 -2.64 -14.72 -22.99
C ARG A 324 -4.13 -15.05 -23.07
N GLN A 325 -4.48 -16.23 -22.58
CA GLN A 325 -5.86 -16.67 -22.48
C GLN A 325 -6.14 -17.11 -21.05
N CYS A 326 -7.41 -17.00 -20.67
CA CYS A 326 -7.80 -17.33 -19.30
C CYS A 326 -7.52 -18.80 -18.97
N GLN A 327 -7.70 -19.12 -17.70
CA GLN A 327 -7.51 -20.46 -17.19
C GLN A 327 -8.71 -21.33 -17.55
N ASN A 328 -8.80 -22.50 -16.94
CA ASN A 328 -9.84 -23.47 -17.30
C ASN A 328 -11.24 -22.95 -17.00
N GLY A 329 -11.39 -22.01 -16.07
CA GLY A 329 -12.71 -21.63 -15.58
C GLY A 329 -13.05 -20.16 -15.65
N THR A 330 -12.49 -19.43 -16.60
CA THR A 330 -12.81 -18.02 -16.77
C THR A 330 -12.66 -17.65 -18.24
N VAL A 331 -13.28 -16.54 -18.62
CA VAL A 331 -13.34 -16.11 -20.02
C VAL A 331 -12.88 -14.66 -20.12
N CYS A 332 -12.40 -14.29 -21.31
CA CYS A 332 -11.88 -12.95 -21.59
C CYS A 332 -12.96 -12.17 -22.34
N LYS A 333 -13.81 -11.45 -21.58
CA LYS A 333 -14.91 -10.70 -22.16
C LYS A 333 -14.54 -9.22 -22.31
N PRO A 334 -15.00 -8.54 -23.36
CA PRO A 334 -14.52 -7.16 -23.61
C PRO A 334 -15.15 -6.09 -22.71
N GLY A 335 -14.66 -6.03 -21.46
CA GLY A 335 -15.03 -4.96 -20.56
C GLY A 335 -13.96 -3.87 -20.58
N TRP A 336 -13.50 -3.46 -19.40
CA TRP A 336 -12.30 -2.61 -19.33
C TRP A 336 -11.72 -2.77 -17.92
N ASP A 337 -10.67 -3.59 -17.79
CA ASP A 337 -9.98 -3.74 -16.53
C ASP A 337 -8.48 -3.91 -16.71
N GLY A 338 -7.95 -3.75 -17.92
CA GLY A 338 -6.55 -3.98 -18.18
C GLY A 338 -5.66 -2.99 -17.46
N PRO A 339 -5.70 -1.73 -17.88
CA PRO A 339 -4.88 -0.72 -17.22
C PRO A 339 -5.44 -0.38 -15.84
N LYS A 340 -4.58 0.19 -15.00
CA LYS A 340 -4.99 0.58 -13.66
C LYS A 340 -5.77 1.89 -13.74
N HIS A 341 -7.08 1.80 -13.60
CA HIS A 341 -7.97 2.96 -13.63
C HIS A 341 -7.96 3.66 -14.98
N GLY A 342 -7.51 2.99 -16.02
CA GLY A 342 -7.48 3.59 -17.34
C GLY A 342 -6.58 4.80 -17.43
N ILE A 343 -5.42 4.75 -16.78
CA ILE A 343 -4.48 5.86 -16.80
C ILE A 343 -3.18 5.51 -17.53
N THR A 344 -2.88 4.23 -17.71
CA THR A 344 -1.61 3.79 -18.27
C THR A 344 -1.79 2.98 -19.55
N ASN A 345 -2.73 3.39 -20.39
CA ASN A 345 -3.00 2.74 -21.67
C ASN A 345 -2.76 3.74 -22.80
N PHE A 346 -2.80 3.23 -24.03
CA PHE A 346 -2.50 4.01 -25.22
C PHE A 346 -3.75 4.49 -25.94
N ASP A 347 -4.88 4.59 -25.24
CA ASP A 347 -6.14 4.95 -25.88
C ASP A 347 -6.04 6.29 -26.60
N ASN A 348 -5.86 7.36 -25.85
CA ASN A 348 -5.81 8.70 -26.42
C ASN A 348 -4.37 9.05 -26.79
N PHE A 349 -4.17 10.26 -27.32
CA PHE A 349 -2.82 10.74 -27.57
C PHE A 349 -2.19 11.34 -26.33
N ALA A 350 -2.98 12.03 -25.50
CA ALA A 350 -2.46 12.50 -24.22
C ALA A 350 -2.07 11.32 -23.34
N PHE A 351 -2.88 10.27 -23.34
CA PHE A 351 -2.50 9.05 -22.64
C PHE A 351 -1.24 8.43 -23.24
N ALA A 352 -0.98 8.70 -24.51
CA ALA A 352 0.21 8.12 -25.16
C ALA A 352 1.48 8.81 -24.69
N MET A 353 1.46 10.13 -24.56
CA MET A 353 2.63 10.82 -24.02
C MET A 353 2.92 10.36 -22.60
N LEU A 354 1.89 10.36 -21.74
CA LEU A 354 2.11 10.04 -20.34
C LEU A 354 2.71 8.65 -20.18
N THR A 355 2.12 7.66 -20.86
CA THR A 355 2.63 6.30 -20.76
C THR A 355 4.05 6.20 -21.29
N VAL A 356 4.34 6.87 -22.40
CA VAL A 356 5.70 6.87 -22.94
C VAL A 356 6.64 7.55 -21.96
N PHE A 357 6.21 8.67 -21.38
CA PHE A 357 7.10 9.42 -20.49
C PHE A 357 7.47 8.60 -19.27
N GLN A 358 6.54 7.77 -18.77
CA GLN A 358 6.87 6.91 -17.63
C GLN A 358 8.02 5.98 -17.96
N CYS A 359 8.02 5.40 -19.16
CA CYS A 359 9.08 4.49 -19.55
C CYS A 359 10.44 5.18 -19.53
N ILE A 360 10.51 6.39 -20.06
CA ILE A 360 11.80 7.09 -20.14
C ILE A 360 12.35 7.34 -18.74
N THR A 361 11.47 7.64 -17.78
CA THR A 361 11.92 7.73 -16.39
C THR A 361 12.28 6.37 -15.81
N MET A 362 11.97 5.28 -16.52
CA MET A 362 12.37 3.92 -16.17
C MET A 362 11.68 3.40 -14.92
N GLU A 363 10.61 4.04 -14.47
CA GLU A 363 9.81 3.54 -13.37
C GLU A 363 8.42 3.19 -13.91
N GLY A 364 8.00 1.95 -13.67
CA GLY A 364 6.84 1.42 -14.34
C GLY A 364 7.07 1.05 -15.78
N TRP A 365 8.34 1.07 -16.23
CA TRP A 365 8.65 0.74 -17.61
C TRP A 365 8.27 -0.69 -17.94
N THR A 366 8.56 -1.63 -17.03
CA THR A 366 8.29 -3.03 -17.31
C THR A 366 6.81 -3.38 -17.15
N ASP A 367 6.12 -2.73 -16.23
CA ASP A 367 4.73 -3.08 -15.98
C ASP A 367 3.88 -2.89 -17.23
N VAL A 368 4.05 -1.76 -17.92
CA VAL A 368 3.29 -1.53 -19.14
C VAL A 368 3.68 -2.55 -20.21
N LEU A 369 4.95 -2.92 -20.27
CA LEU A 369 5.37 -3.92 -21.25
C LEU A 369 4.64 -5.23 -21.04
N TYR A 370 4.44 -5.63 -19.78
CA TYR A 370 3.75 -6.88 -19.51
C TYR A 370 2.25 -6.75 -19.71
N TRP A 371 1.71 -5.54 -19.72
CA TRP A 371 0.31 -5.32 -20.08
C TRP A 371 0.11 -5.24 -21.58
N VAL A 372 1.19 -5.09 -22.35
CA VAL A 372 1.10 -5.13 -23.80
C VAL A 372 1.40 -6.51 -24.33
N ASN A 373 2.40 -7.19 -23.76
CA ASN A 373 2.66 -8.57 -24.15
C ASN A 373 1.43 -9.45 -23.98
N ASP A 374 0.58 -9.11 -23.02
CA ASP A 374 -0.64 -9.88 -22.78
C ASP A 374 -1.79 -9.46 -23.69
N ALA A 375 -1.58 -8.48 -24.57
CA ALA A 375 -2.61 -8.03 -25.49
C ALA A 375 -2.29 -8.28 -26.95
N VAL A 376 -1.02 -8.24 -27.33
CA VAL A 376 -0.63 -8.41 -28.73
C VAL A 376 0.49 -9.43 -28.86
N GLY A 377 0.62 -10.32 -27.89
CA GLY A 377 1.64 -11.34 -27.92
C GLY A 377 2.99 -10.83 -27.45
N ARG A 378 3.91 -11.78 -27.26
CA ARG A 378 5.22 -11.47 -26.70
C ARG A 378 6.30 -11.24 -27.74
N ASP A 379 5.99 -11.33 -29.03
CA ASP A 379 7.05 -11.39 -30.03
C ASP A 379 7.66 -10.03 -30.31
N TRP A 380 6.89 -9.10 -30.88
CA TRP A 380 7.43 -7.81 -31.29
C TRP A 380 7.49 -6.76 -30.17
N PRO A 381 6.48 -6.65 -29.31
CA PRO A 381 6.35 -5.44 -28.47
C PRO A 381 7.64 -5.00 -27.77
N TRP A 382 8.51 -5.93 -27.38
CA TRP A 382 9.71 -5.54 -26.64
C TRP A 382 10.56 -4.56 -27.43
N ILE A 383 10.58 -4.67 -28.75
CA ILE A 383 11.42 -3.78 -29.57
C ILE A 383 11.02 -2.34 -29.35
N TYR A 384 9.72 -2.09 -29.20
CA TYR A 384 9.24 -0.72 -28.97
C TYR A 384 9.80 -0.16 -27.67
N PHE A 385 9.62 -0.89 -26.56
CA PHE A 385 10.06 -0.40 -25.27
C PHE A 385 11.57 -0.48 -25.10
N VAL A 386 12.17 -1.58 -25.52
CA VAL A 386 13.61 -1.75 -25.34
C VAL A 386 14.36 -0.64 -26.08
N THR A 387 13.96 -0.37 -27.32
CA THR A 387 14.55 0.75 -28.05
C THR A 387 14.18 2.08 -27.40
N LEU A 388 12.99 2.17 -26.82
CA LEU A 388 12.58 3.41 -26.17
C LEU A 388 13.51 3.74 -25.00
N ILE A 389 13.85 2.76 -24.18
CA ILE A 389 14.72 3.00 -23.04
C ILE A 389 16.12 3.36 -23.51
N ILE A 390 16.68 2.57 -24.43
CA ILE A 390 18.05 2.81 -24.88
C ILE A 390 18.13 4.15 -25.60
N ILE A 391 17.24 4.37 -26.57
CA ILE A 391 17.25 5.63 -27.31
C ILE A 391 16.75 6.76 -26.42
N GLY A 392 15.64 6.54 -25.72
CA GLY A 392 15.01 7.59 -24.95
C GLY A 392 15.74 7.99 -23.70
N SER A 393 16.20 7.01 -22.92
CA SER A 393 16.74 7.30 -21.59
C SER A 393 18.26 7.37 -21.58
N PHE A 394 18.93 6.32 -22.07
CA PHE A 394 20.39 6.26 -21.90
C PHE A 394 21.09 7.35 -22.70
N PHE A 395 20.71 7.53 -23.97
CA PHE A 395 21.38 8.54 -24.78
C PHE A 395 21.20 9.93 -24.18
N VAL A 396 19.96 10.30 -23.83
CA VAL A 396 19.73 11.62 -23.25
C VAL A 396 20.44 11.71 -21.90
N LEU A 397 20.37 10.66 -21.09
CA LEU A 397 21.13 10.63 -19.85
C LEU A 397 22.61 10.80 -20.13
N ASN A 398 23.09 10.28 -21.26
CA ASN A 398 24.48 10.52 -21.66
C ASN A 398 24.67 11.94 -22.17
N LEU A 399 23.70 12.46 -22.93
CA LEU A 399 23.82 13.82 -23.44
C LEU A 399 23.77 14.84 -22.31
N VAL A 400 22.78 14.70 -21.41
CA VAL A 400 22.65 15.65 -20.31
C VAL A 400 23.91 15.65 -19.46
N LEU A 401 24.46 14.47 -19.19
CA LEU A 401 25.71 14.39 -18.45
C LEU A 401 26.83 15.07 -19.20
N GLY A 402 26.85 14.93 -20.53
CA GLY A 402 27.94 15.52 -21.30
C GLY A 402 27.94 17.04 -21.24
N VAL A 403 26.79 17.65 -21.51
CA VAL A 403 26.73 19.11 -21.52
C VAL A 403 27.00 19.67 -20.13
N LEU A 404 26.41 19.06 -19.09
CA LEU A 404 26.70 19.50 -17.73
C LEU A 404 28.17 19.35 -17.40
N SER A 405 28.75 18.19 -17.73
CA SER A 405 30.19 18.00 -17.53
C SER A 405 30.99 18.94 -18.41
N GLY A 406 30.60 19.07 -19.68
CA GLY A 406 31.32 19.97 -20.57
C GLY A 406 31.19 21.43 -20.19
N GLU A 407 29.99 21.85 -19.79
CA GLU A 407 29.78 23.25 -19.43
C GLU A 407 30.62 23.65 -18.23
N PHE A 408 30.65 22.81 -17.20
CA PHE A 408 31.39 23.15 -15.99
C PHE A 408 32.87 23.31 -16.25
N SER A 409 33.38 22.79 -17.38
CA SER A 409 34.75 23.06 -17.75
C SER A 409 34.96 24.53 -18.10
N LYS A 410 33.93 25.18 -18.66
CA LYS A 410 34.02 26.61 -18.93
C LYS A 410 34.23 27.39 -17.64
N GLU A 411 33.37 27.16 -16.65
CA GLU A 411 33.49 27.87 -15.39
C GLU A 411 34.77 27.50 -14.67
N ARG A 412 35.15 26.21 -14.69
CA ARG A 412 36.39 25.80 -14.07
C ARG A 412 37.58 26.51 -14.70
N GLU A 413 37.59 26.59 -16.03
CA GLU A 413 38.63 27.38 -16.71
C GLU A 413 38.52 28.84 -16.32
N LYS A 414 37.30 29.38 -16.27
CA LYS A 414 37.12 30.76 -15.84
C LYS A 414 37.55 30.95 -14.40
N ALA A 415 37.25 29.99 -13.53
CA ALA A 415 37.61 30.10 -12.12
C ALA A 415 39.12 30.12 -11.92
N LYS A 416 39.89 29.63 -12.90
CA LYS A 416 41.35 29.66 -12.76
C LYS A 416 41.85 31.10 -12.66
N ALA A 417 41.28 32.00 -13.47
CA ALA A 417 41.63 33.41 -13.36
C ALA A 417 41.15 34.02 -12.05
N ARG A 418 40.21 33.39 -11.37
CA ARG A 418 39.71 33.87 -10.09
C ARG A 418 40.61 33.50 -8.91
N GLY A 419 41.64 32.68 -9.15
CA GLY A 419 42.63 32.31 -8.15
C GLY A 419 42.05 31.47 -7.01
N ASP A 420 40.95 30.75 -7.26
CA ASP A 420 40.40 29.88 -6.22
C ASP A 420 41.40 28.80 -5.85
N PHE A 421 42.05 28.20 -6.85
CA PHE A 421 43.10 27.22 -6.56
C PHE A 421 44.32 27.88 -5.93
N GLN A 422 44.70 29.05 -6.43
CA GLN A 422 45.88 29.73 -5.90
C GLN A 422 45.68 30.08 -4.42
N LYS A 423 44.52 30.64 -4.09
CA LYS A 423 44.22 30.91 -2.68
C LYS A 423 44.17 29.61 -1.88
N LEU A 424 43.53 28.58 -2.43
CA LEU A 424 43.49 27.28 -1.76
C LEU A 424 44.90 26.74 -1.57
N ARG A 425 45.73 26.81 -2.61
CA ARG A 425 47.12 26.37 -2.48
C ARG A 425 47.84 27.13 -1.38
N GLU A 426 47.53 28.41 -1.21
CA GLU A 426 48.19 29.20 -0.18
C GLU A 426 47.90 28.64 1.20
N LYS A 427 46.63 28.31 1.48
CA LYS A 427 46.28 27.77 2.79
C LYS A 427 46.94 26.41 3.01
N GLN A 428 46.96 25.56 1.98
CA GLN A 428 47.52 24.22 2.15
C GLN A 428 48.99 24.29 2.54
N GLN A 429 49.79 25.02 1.76
CA GLN A 429 51.20 25.15 2.10
C GLN A 429 51.38 25.92 3.41
N LEU A 430 50.56 26.94 3.62
CA LEU A 430 50.67 27.74 4.85
C LEU A 430 50.49 26.87 6.08
N GLU A 431 49.31 26.24 6.22
CA GLU A 431 49.03 25.46 7.41
C GLU A 431 50.00 24.29 7.57
N GLU A 432 50.51 23.76 6.46
CA GLU A 432 51.47 22.67 6.55
C GLU A 432 52.76 23.13 7.21
N ASP A 433 53.23 24.34 6.90
CA ASP A 433 54.48 24.82 7.45
C ASP A 433 54.42 24.93 8.98
N LEU A 434 53.31 25.43 9.51
CA LEU A 434 53.20 25.61 10.96
C LEU A 434 53.54 24.33 11.68
N LYS A 435 52.97 23.21 11.23
CA LYS A 435 53.27 21.93 11.88
C LYS A 435 54.76 21.62 11.80
N GLY A 436 55.38 21.87 10.65
CA GLY A 436 56.81 21.66 10.54
C GLY A 436 57.61 22.60 11.44
N TYR A 437 57.26 23.89 11.41
CA TYR A 437 57.99 24.86 12.22
C TYR A 437 57.70 24.67 13.71
N LEU A 438 56.45 24.38 14.05
CA LEU A 438 56.12 24.12 15.45
C LEU A 438 56.89 22.94 15.99
N ASP A 439 57.40 22.07 15.11
CA ASP A 439 58.25 20.97 15.55
C ASP A 439 59.56 21.49 16.11
N TRP A 440 60.16 22.49 15.46
CA TRP A 440 61.42 23.04 15.97
C TRP A 440 61.31 23.47 17.42
N ILE A 441 60.27 24.26 17.73
CA ILE A 441 60.14 24.78 19.08
C ILE A 441 60.05 23.63 20.08
N THR A 442 59.26 22.60 19.77
CA THR A 442 59.20 21.44 20.64
C THR A 442 60.55 20.74 20.72
N GLN A 443 61.23 20.59 19.57
CA GLN A 443 62.55 19.99 19.57
C GLN A 443 63.59 20.86 20.27
N ALA A 444 63.29 22.15 20.46
CA ALA A 444 64.21 23.06 21.14
C ALA A 444 63.78 23.39 22.56
N GLU A 445 62.47 23.36 22.84
CA GLU A 445 62.01 23.61 24.19
C GLU A 445 62.54 22.59 25.18
N ASP A 446 62.99 21.43 24.71
CA ASP A 446 63.55 20.39 25.56
C ASP A 446 65.07 20.37 25.51
N ILE A 447 65.70 21.40 24.94
CA ILE A 447 67.15 21.49 24.81
C ILE A 447 67.75 20.13 24.42
N TRP A 509 62.98 20.02 38.32
CA TRP A 509 62.10 19.13 37.57
C TRP A 509 62.75 18.71 36.25
N ASN A 510 62.98 17.41 36.10
CA ASN A 510 63.60 16.85 34.90
C ASN A 510 62.50 16.43 33.94
N ARG A 511 62.66 16.79 32.66
CA ARG A 511 61.69 16.48 31.62
C ARG A 511 62.39 15.87 30.42
N PHE A 512 63.40 15.04 30.67
CA PHE A 512 64.08 14.35 29.57
C PHE A 512 63.20 13.26 28.98
N CYS A 513 62.30 12.70 29.77
CA CYS A 513 61.42 11.64 29.26
C CYS A 513 60.54 12.15 28.14
N ARG A 514 60.25 13.45 28.10
CA ARG A 514 59.41 14.00 27.05
C ARG A 514 60.02 13.75 25.68
N ARG A 515 61.34 13.66 25.58
CA ARG A 515 61.95 13.28 24.31
C ARG A 515 61.57 11.87 23.92
N LYS A 516 61.58 10.94 24.88
CA LYS A 516 61.27 9.55 24.57
C LYS A 516 59.84 9.40 24.07
N CYS A 517 58.90 10.06 24.74
CA CYS A 517 57.50 9.92 24.35
C CYS A 517 57.27 10.43 22.93
N ARG A 518 57.86 11.57 22.59
CA ARG A 518 57.74 12.09 21.23
C ARG A 518 58.32 11.12 20.22
N ALA A 519 59.50 10.55 20.52
CA ALA A 519 60.16 9.67 19.56
C ALA A 519 59.25 8.53 19.13
N ALA A 520 58.39 8.06 20.03
CA ALA A 520 57.49 6.96 19.69
C ALA A 520 56.35 7.44 18.79
N VAL A 521 55.93 8.70 18.93
CA VAL A 521 54.77 9.19 18.19
C VAL A 521 54.99 9.03 16.69
N LYS A 522 56.14 9.49 16.20
CA LYS A 522 56.44 9.38 14.77
C LYS A 522 56.97 8.01 14.38
N SER A 523 57.27 7.15 15.35
CA SER A 523 57.78 5.82 15.04
C SER A 523 56.70 4.98 14.36
N ASN A 524 57.15 4.11 13.46
CA ASN A 524 56.22 3.23 12.75
C ASN A 524 55.47 2.32 13.72
N VAL A 525 56.16 1.86 14.78
CA VAL A 525 55.53 0.95 15.72
C VAL A 525 54.29 1.59 16.34
N PHE A 526 54.38 2.86 16.73
CA PHE A 526 53.23 3.54 17.30
C PHE A 526 52.12 3.72 16.27
N TYR A 527 52.48 4.08 15.04
CA TYR A 527 51.46 4.35 14.03
C TYR A 527 50.62 3.12 13.76
N TRP A 528 51.27 1.96 13.59
CA TRP A 528 50.53 0.74 13.30
C TRP A 528 49.82 0.21 14.54
N LEU A 529 50.34 0.51 15.73
CA LEU A 529 49.68 0.06 16.95
C LEU A 529 48.28 0.67 17.05
N VAL A 530 48.16 1.98 16.81
CA VAL A 530 46.84 2.62 16.86
C VAL A 530 45.97 2.11 15.72
N ILE A 531 46.57 1.86 14.55
CA ILE A 531 45.81 1.30 13.44
C ILE A 531 45.21 -0.04 13.84
N PHE A 532 46.00 -0.88 14.51
CA PHE A 532 45.47 -2.14 15.01
C PHE A 532 44.35 -1.91 16.01
N LEU A 533 44.52 -0.92 16.90
CA LEU A 533 43.45 -0.59 17.83
C LEU A 533 42.18 -0.20 17.08
N VAL A 534 42.31 0.61 16.04
CA VAL A 534 41.15 0.97 15.23
C VAL A 534 40.57 -0.26 14.56
N PHE A 535 41.42 -1.21 14.15
CA PHE A 535 40.93 -2.45 13.59
C PHE A 535 40.11 -3.22 14.61
N LEU A 536 40.58 -3.27 15.85
CA LEU A 536 39.81 -3.95 16.90
C LEU A 536 38.50 -3.24 17.16
N ASN A 537 38.51 -1.90 17.18
CA ASN A 537 37.28 -1.16 17.41
C ASN A 537 36.22 -1.50 16.39
N THR A 538 36.64 -1.71 15.13
CA THR A 538 35.68 -2.12 14.10
C THR A 538 35.04 -3.46 14.45
N LEU A 539 35.85 -4.42 14.90
CA LEU A 539 35.32 -5.71 15.27
C LEU A 539 34.36 -5.59 16.44
N THR A 540 34.68 -4.74 17.41
CA THR A 540 33.78 -4.57 18.55
C THR A 540 32.41 -4.10 18.11
N ILE A 541 32.37 -3.18 17.14
CA ILE A 541 31.10 -2.65 16.65
C ILE A 541 30.54 -3.50 15.51
N ALA A 542 31.38 -3.92 14.57
CA ALA A 542 30.90 -4.68 13.43
C ALA A 542 30.32 -6.03 13.86
N SER A 543 30.67 -6.52 15.04
CA SER A 543 30.20 -7.82 15.50
C SER A 543 28.80 -7.77 16.09
N GLU A 544 28.04 -6.71 15.84
CA GLU A 544 26.67 -6.66 16.31
C GLU A 544 25.87 -7.82 15.73
N HIS A 545 24.73 -8.10 16.34
CA HIS A 545 23.94 -9.28 15.99
C HIS A 545 22.59 -9.15 16.68
N TYR A 546 21.54 -9.63 16.01
CA TYR A 546 20.19 -9.40 16.51
C TYR A 546 20.02 -9.96 17.92
N ASN A 547 20.42 -11.20 18.13
CA ASN A 547 20.36 -11.84 19.44
C ASN A 547 21.75 -12.34 19.79
N GLN A 548 22.56 -11.44 20.32
CA GLN A 548 23.92 -11.79 20.69
C GLN A 548 23.91 -12.76 21.87
N PRO A 549 24.88 -13.68 21.93
CA PRO A 549 25.04 -14.48 23.15
C PRO A 549 25.27 -13.57 24.35
N ASN A 550 24.73 -13.97 25.50
CA ASN A 550 24.79 -13.12 26.68
C ASN A 550 26.23 -12.74 27.02
N TRP A 551 27.19 -13.60 26.68
CA TRP A 551 28.59 -13.26 26.94
C TRP A 551 29.12 -12.23 25.96
N LEU A 552 28.65 -12.26 24.71
CA LEU A 552 29.20 -11.35 23.70
C LEU A 552 28.95 -9.90 24.10
N THR A 553 27.77 -9.60 24.64
CA THR A 553 27.49 -8.24 25.07
C THR A 553 28.50 -7.78 26.12
N GLU A 554 28.85 -8.68 27.05
CA GLU A 554 29.87 -8.34 28.04
C GLU A 554 31.22 -8.13 27.38
N VAL A 555 31.56 -8.97 26.40
CA VAL A 555 32.82 -8.79 25.67
C VAL A 555 32.83 -7.44 24.96
N GLN A 556 31.72 -7.09 24.30
CA GLN A 556 31.62 -5.78 23.70
C GLN A 556 31.62 -4.68 24.75
N ASP A 557 30.98 -4.94 25.89
CA ASP A 557 31.00 -3.97 26.98
C ASP A 557 32.42 -3.69 27.44
N THR A 558 33.17 -4.74 27.75
CA THR A 558 34.55 -4.56 28.21
C THR A 558 35.45 -4.09 27.08
N ALA A 559 35.27 -4.64 25.88
CA ALA A 559 36.13 -4.26 24.76
C ALA A 559 35.96 -2.78 24.44
N ASN A 560 34.72 -2.28 24.46
CA ASN A 560 34.49 -0.87 24.20
C ASN A 560 35.20 0.01 25.24
N LYS A 561 35.10 -0.36 26.51
CA LYS A 561 35.73 0.43 27.57
C LYS A 561 37.25 0.42 27.43
N ALA A 562 37.83 -0.77 27.25
CA ALA A 562 39.29 -0.87 27.18
C ALA A 562 39.83 -0.07 26.00
N LEU A 563 39.21 -0.18 24.83
CA LEU A 563 39.65 0.59 23.68
C LEU A 563 39.52 2.08 23.92
N LEU A 564 38.49 2.49 24.67
CA LEU A 564 38.29 3.90 24.96
C LEU A 564 39.48 4.47 25.74
N ALA A 565 39.94 3.73 26.75
CA ALA A 565 41.05 4.21 27.57
C ALA A 565 42.33 4.34 26.76
N LEU A 566 42.64 3.35 25.93
CA LEU A 566 43.86 3.40 25.14
C LEU A 566 43.83 4.55 24.14
N PHE A 567 42.70 4.74 23.46
CA PHE A 567 42.61 5.79 22.45
C PHE A 567 42.79 7.17 23.08
N THR A 568 42.15 7.40 24.23
CA THR A 568 42.37 8.66 24.94
C THR A 568 43.75 8.71 25.56
N ALA A 569 44.25 7.56 26.03
CA ALA A 569 45.57 7.53 26.64
C ALA A 569 46.65 7.98 25.66
N GLU A 570 46.59 7.47 24.43
CA GLU A 570 47.55 7.91 23.42
C GLU A 570 47.23 9.31 22.92
N MET A 571 45.96 9.70 22.92
CA MET A 571 45.61 11.06 22.52
C MET A 571 46.25 12.08 23.46
N LEU A 572 46.13 11.86 24.77
CA LEU A 572 46.78 12.76 25.72
C LEU A 572 48.28 12.75 25.55
N LEU A 573 48.86 11.60 25.21
CA LEU A 573 50.30 11.52 24.96
C LEU A 573 50.70 12.54 23.90
N LYS A 574 49.97 12.60 22.79
CA LYS A 574 50.27 13.60 21.77
C LYS A 574 49.99 15.00 22.28
N MET A 575 49.00 15.16 23.16
CA MET A 575 48.68 16.48 23.70
C MET A 575 49.88 17.05 24.45
N TYR A 576 50.57 16.22 25.22
CA TYR A 576 51.74 16.65 25.97
C TYR A 576 53.02 16.53 25.16
N SER A 577 53.16 15.44 24.40
CA SER A 577 54.36 15.26 23.59
C SER A 577 54.51 16.37 22.57
N LEU A 578 53.42 16.72 21.89
CA LEU A 578 53.41 17.83 20.95
C LEU A 578 52.70 19.02 21.57
N GLY A 579 53.09 20.21 21.14
CA GLY A 579 52.54 21.43 21.69
C GLY A 579 51.03 21.46 21.63
N LEU A 580 50.39 21.83 22.75
CA LEU A 580 48.93 21.88 22.78
C LEU A 580 48.39 22.68 21.62
N GLN A 581 48.97 23.87 21.39
CA GLN A 581 48.56 24.66 20.23
C GLN A 581 48.93 23.96 18.94
N ALA A 582 50.09 23.31 18.90
CA ALA A 582 50.52 22.62 17.69
C ALA A 582 49.58 21.46 17.34
N TYR A 583 49.11 20.73 18.35
CA TYR A 583 48.24 19.59 18.09
C TYR A 583 46.96 20.02 17.39
N PHE A 584 46.37 21.15 17.80
CA PHE A 584 45.15 21.62 17.19
C PHE A 584 45.36 22.18 15.78
N VAL A 585 46.61 22.36 15.35
CA VAL A 585 46.85 22.92 14.02
C VAL A 585 46.29 22.00 12.95
N SER A 586 46.64 20.72 13.01
CA SER A 586 46.24 19.78 11.97
C SER A 586 44.74 19.52 12.05
N LEU A 587 44.09 19.50 10.87
CA LEU A 587 42.66 19.21 10.83
C LEU A 587 42.36 17.82 11.36
N PHE A 588 43.16 16.83 10.96
CA PHE A 588 42.92 15.47 11.40
C PHE A 588 43.06 15.35 12.92
N ASN A 589 44.08 15.99 13.48
CA ASN A 589 44.25 15.96 14.93
C ASN A 589 43.08 16.61 15.64
N ARG A 590 42.52 17.68 15.06
CA ARG A 590 41.31 18.26 15.61
C ARG A 590 40.17 17.26 15.62
N PHE A 591 40.05 16.47 14.55
CA PHE A 591 38.96 15.50 14.47
C PHE A 591 39.09 14.44 15.56
N ASP A 592 40.31 13.98 15.85
CA ASP A 592 40.50 12.93 16.84
C ASP A 592 40.00 13.39 18.21
N CYS A 593 40.26 14.65 18.58
CA CYS A 593 39.75 15.15 19.85
C CYS A 593 38.22 15.10 19.89
N PHE A 594 37.58 15.36 18.75
CA PHE A 594 36.12 15.37 18.72
C PHE A 594 35.55 13.99 19.05
N VAL A 595 36.06 12.95 18.38
CA VAL A 595 35.55 11.61 18.61
C VAL A 595 35.90 11.12 20.01
N VAL A 596 37.17 11.28 20.41
CA VAL A 596 37.59 10.78 21.71
C VAL A 596 36.86 11.50 22.82
N CYS A 597 36.60 12.80 22.66
CA CYS A 597 35.79 13.51 23.62
C CYS A 597 34.36 12.97 23.65
N GLY A 598 33.80 12.61 22.49
CA GLY A 598 32.48 12.03 22.47
C GLY A 598 32.41 10.72 23.23
N GLY A 599 33.45 9.90 23.12
CA GLY A 599 33.47 8.64 23.84
C GLY A 599 33.39 8.81 25.34
N ILE A 600 33.99 9.89 25.86
CA ILE A 600 33.93 10.14 27.29
C ILE A 600 32.48 10.34 27.73
N LEU A 601 31.70 11.08 26.94
CA LEU A 601 30.29 11.27 27.27
C LEU A 601 29.56 9.94 27.39
N GLU A 602 29.86 9.00 26.48
CA GLU A 602 29.21 7.70 26.53
C GLU A 602 29.43 7.02 27.88
N THR A 603 30.67 7.05 28.37
CA THR A 603 30.96 6.43 29.66
C THR A 603 30.17 7.12 30.79
N ILE A 604 30.13 8.44 30.77
CA ILE A 604 29.37 9.16 31.78
C ILE A 604 27.87 8.91 31.59
N LEU A 605 27.38 9.01 30.36
CA LEU A 605 25.96 8.83 30.11
C LEU A 605 25.52 7.41 30.43
N VAL A 606 26.32 6.42 30.04
CA VAL A 606 25.98 5.04 30.35
C VAL A 606 26.13 4.77 31.84
N GLU A 607 27.17 5.33 32.47
CA GLU A 607 27.37 5.13 33.89
C GLU A 607 26.23 5.74 34.71
N THR A 608 25.79 6.94 34.34
CA THR A 608 24.77 7.66 35.09
C THR A 608 23.35 7.31 34.63
N LYS A 609 23.21 6.49 33.60
CA LYS A 609 21.88 6.05 33.14
C LYS A 609 21.02 7.23 32.74
N ILE A 610 21.61 8.19 32.03
CA ILE A 610 20.90 9.35 31.52
C ILE A 610 20.91 9.38 30.00
N MET A 611 21.19 8.25 29.36
CA MET A 611 21.22 8.18 27.92
C MET A 611 19.80 8.21 27.34
N SER A 612 19.70 8.72 26.13
CA SER A 612 18.45 8.81 25.39
C SER A 612 18.61 8.15 24.03
N PRO A 613 17.51 7.72 23.40
CA PRO A 613 17.64 7.07 22.09
C PRO A 613 18.37 7.93 21.07
N LEU A 614 18.21 9.25 21.13
CA LEU A 614 18.99 10.13 20.28
C LEU A 614 20.47 10.05 20.63
N GLY A 615 20.79 10.00 21.93
CA GLY A 615 22.18 10.04 22.34
C GLY A 615 22.99 8.85 21.83
N ILE A 616 22.43 7.65 21.97
CA ILE A 616 23.18 6.45 21.62
C ILE A 616 23.55 6.47 20.14
N SER A 617 22.63 6.93 19.28
CA SER A 617 22.88 6.93 17.85
C SER A 617 24.15 7.69 17.50
N VAL A 618 24.16 8.99 17.78
CA VAL A 618 25.33 9.81 17.45
C VAL A 618 26.54 9.37 18.26
N LEU A 619 26.35 9.10 19.56
CA LEU A 619 27.47 8.65 20.38
C LEU A 619 28.04 7.34 19.86
N ARG A 620 27.20 6.49 19.27
CA ARG A 620 27.73 5.36 18.51
C ARG A 620 28.42 5.84 17.24
N CYS A 621 27.81 6.80 16.55
CA CYS A 621 28.33 7.23 15.26
C CYS A 621 29.76 7.78 15.39
N VAL A 622 30.02 8.57 16.42
CA VAL A 622 31.36 9.10 16.60
C VAL A 622 32.37 7.96 16.74
N ARG A 623 32.01 6.92 17.47
CA ARG A 623 32.92 5.78 17.63
C ARG A 623 33.24 5.15 16.27
N LEU A 624 32.23 5.02 15.41
CA LEU A 624 32.49 4.53 14.06
C LEU A 624 33.42 5.48 13.31
N LEU A 625 33.23 6.79 13.48
CA LEU A 625 34.05 7.75 12.76
C LEU A 625 35.53 7.54 13.06
N ARG A 626 35.86 6.94 14.20
CA ARG A 626 37.24 6.61 14.50
C ARG A 626 37.83 5.69 13.44
N ILE A 627 36.99 4.96 12.70
CA ILE A 627 37.48 4.16 11.58
C ILE A 627 38.21 5.02 10.57
N PHE A 628 37.93 6.32 10.54
CA PHE A 628 38.64 7.22 9.64
C PHE A 628 40.09 7.40 10.04
N LYS A 629 40.51 6.87 11.19
CA LYS A 629 41.93 6.81 11.50
C LYS A 629 42.69 6.13 10.37
N ILE A 630 42.06 5.12 9.75
CA ILE A 630 42.62 4.54 8.54
C ILE A 630 42.58 5.60 7.44
N THR A 631 43.38 5.37 6.40
CA THR A 631 43.44 6.30 5.26
C THR A 631 44.01 7.65 5.70
N ARG A 632 45.19 7.61 6.31
CA ARG A 632 45.91 8.81 6.72
C ARG A 632 47.02 9.17 5.76
N TYR A 633 47.85 8.21 5.38
CA TYR A 633 48.89 8.46 4.40
C TYR A 633 48.30 8.88 3.06
N TRP A 634 47.20 8.25 2.65
CA TRP A 634 46.62 8.50 1.34
C TRP A 634 46.33 9.98 1.16
N ASN A 635 46.78 10.52 0.03
CA ASN A 635 46.63 11.94 -0.26
C ASN A 635 45.48 12.24 -1.21
N SER A 636 44.98 11.23 -1.94
CA SER A 636 43.87 11.48 -2.86
C SER A 636 42.65 11.97 -2.11
N LEU A 637 42.33 11.34 -0.98
CA LEU A 637 41.20 11.78 -0.17
C LEU A 637 41.54 13.04 0.62
N SER A 638 42.80 13.22 0.98
CA SER A 638 43.18 14.39 1.78
C SER A 638 42.87 15.68 1.02
N ASN A 639 43.19 15.73 -0.28
CA ASN A 639 42.90 16.92 -1.06
C ASN A 639 41.40 17.13 -1.23
N LEU A 640 40.64 16.04 -1.37
CA LEU A 640 39.18 16.17 -1.49
C LEU A 640 38.62 16.91 -0.29
N VAL A 641 38.94 16.45 0.92
CA VAL A 641 38.40 17.08 2.11
C VAL A 641 38.92 18.50 2.25
N ALA A 642 40.22 18.69 2.01
CA ALA A 642 40.81 20.02 2.12
C ALA A 642 40.13 20.99 1.15
N SER A 643 40.00 20.59 -0.11
CA SER A 643 39.28 21.42 -1.06
C SER A 643 37.80 21.53 -0.70
N LEU A 644 37.22 20.45 -0.19
CA LEU A 644 35.82 20.45 0.18
C LEU A 644 35.55 21.47 1.29
N LEU A 645 36.42 21.49 2.31
CA LEU A 645 36.23 22.43 3.42
C LEU A 645 36.34 23.87 2.95
N ASN A 646 37.22 24.15 2.00
CA ASN A 646 37.37 25.52 1.51
C ASN A 646 36.09 26.00 0.83
N SER A 647 35.40 25.11 0.12
CA SER A 647 34.21 25.46 -0.64
C SER A 647 32.92 25.22 0.15
N VAL A 648 33.01 24.95 1.44
CA VAL A 648 31.80 24.74 2.24
C VAL A 648 30.91 25.97 2.19
N ARG A 649 31.50 27.15 2.02
CA ARG A 649 30.70 28.37 1.96
C ARG A 649 29.75 28.37 0.77
N SER A 650 30.00 27.54 -0.25
CA SER A 650 29.12 27.42 -1.39
C SER A 650 28.26 26.18 -1.37
N ILE A 651 28.77 25.07 -0.82
CA ILE A 651 27.96 23.86 -0.72
C ILE A 651 26.71 24.11 0.11
N ALA A 652 26.87 24.81 1.24
CA ALA A 652 25.72 25.14 2.06
C ALA A 652 24.72 25.97 1.27
N SER A 653 25.20 26.95 0.50
CA SER A 653 24.30 27.77 -0.30
C SER A 653 23.57 26.93 -1.34
N LEU A 654 24.30 26.05 -2.03
CA LEU A 654 23.67 25.21 -3.05
C LEU A 654 22.67 24.25 -2.43
N LEU A 655 23.09 23.53 -1.38
CA LEU A 655 22.18 22.59 -0.73
C LEU A 655 20.99 23.31 -0.12
N LEU A 656 21.23 24.48 0.48
CA LEU A 656 20.13 25.27 1.02
C LEU A 656 19.15 25.67 -0.09
N LEU A 657 19.68 26.09 -1.23
CA LEU A 657 18.80 26.47 -2.34
C LEU A 657 17.98 25.27 -2.82
N LEU A 658 18.60 24.09 -2.88
CA LEU A 658 17.84 22.89 -3.21
C LEU A 658 16.76 22.63 -2.17
N PHE A 659 17.06 22.88 -0.90
CA PHE A 659 16.10 22.61 0.16
C PHE A 659 14.84 23.46 0.00
N LEU A 660 15.01 24.74 -0.38
CA LEU A 660 13.84 25.59 -0.58
C LEU A 660 12.95 25.05 -1.69
N PHE A 661 13.55 24.59 -2.78
CA PHE A 661 12.76 24.07 -3.89
C PHE A 661 11.88 22.91 -3.42
N ILE A 662 12.46 21.97 -2.68
CA ILE A 662 11.68 20.86 -2.16
C ILE A 662 10.59 21.37 -1.21
N ILE A 663 10.92 22.37 -0.40
CA ILE A 663 9.92 22.97 0.48
C ILE A 663 8.81 23.61 -0.33
N ILE A 664 9.17 24.34 -1.39
CA ILE A 664 8.17 25.05 -2.18
C ILE A 664 7.18 24.06 -2.79
N PHE A 665 7.70 22.99 -3.38
CA PHE A 665 6.82 21.99 -3.98
C PHE A 665 6.13 21.15 -2.93
N SER A 666 6.80 20.88 -1.80
CA SER A 666 6.16 20.15 -0.72
C SER A 666 4.98 20.93 -0.17
N LEU A 667 5.16 22.24 0.06
CA LEU A 667 4.05 23.07 0.51
C LEU A 667 2.95 23.12 -0.54
N LEU A 668 3.31 23.23 -1.82
CA LEU A 668 2.31 23.21 -2.87
C LEU A 668 1.56 21.89 -2.89
N GLY A 669 2.28 20.78 -2.69
CA GLY A 669 1.62 19.49 -2.66
C GLY A 669 0.54 19.42 -1.60
N MET A 670 0.81 19.99 -0.42
CA MET A 670 -0.20 20.00 0.63
C MET A 670 -1.43 20.79 0.20
N GLN A 671 -1.22 21.94 -0.43
CA GLN A 671 -2.35 22.78 -0.85
C GLN A 671 -3.21 22.11 -1.91
N LEU A 672 -2.64 21.18 -2.68
CA LEU A 672 -3.37 20.51 -3.75
C LEU A 672 -3.89 19.14 -3.31
N PHE A 673 -3.00 18.26 -2.86
CA PHE A 673 -3.36 16.90 -2.49
C PHE A 673 -3.53 16.71 -0.99
N GLY A 674 -3.51 17.79 -0.22
CA GLY A 674 -3.64 17.68 1.22
C GLY A 674 -4.94 17.02 1.63
N GLY A 675 -4.86 15.79 2.11
CA GLY A 675 -6.03 15.08 2.61
C GLY A 675 -6.96 14.57 1.54
N LYS A 676 -6.58 14.63 0.27
CA LYS A 676 -7.41 14.12 -0.81
C LYS A 676 -7.01 12.71 -1.24
N PHE A 677 -6.07 12.08 -0.53
CA PHE A 677 -5.69 10.70 -0.78
C PHE A 677 -6.51 9.71 0.03
N ASN A 678 -7.48 10.19 0.82
CA ASN A 678 -8.34 9.30 1.60
C ASN A 678 -9.31 8.62 0.64
N PHE A 679 -8.95 7.42 0.19
CA PHE A 679 -9.76 6.66 -0.75
C PHE A 679 -10.50 5.54 -0.03
N ASP A 680 -11.49 4.98 -0.73
CA ASP A 680 -12.31 3.93 -0.14
C ASP A 680 -11.47 2.69 0.18
N GLU A 681 -10.57 2.31 -0.73
CA GLU A 681 -9.80 1.09 -0.56
C GLU A 681 -9.03 1.12 0.76
N MET A 682 -8.53 -0.05 1.16
CA MET A 682 -7.74 -0.17 2.38
C MET A 682 -6.57 0.82 2.32
N GLN A 683 -6.30 1.45 3.47
CA GLN A 683 -5.35 2.56 3.53
C GLN A 683 -3.94 2.01 3.40
N THR A 684 -3.53 1.82 2.15
CA THR A 684 -2.15 1.48 1.81
C THR A 684 -1.38 2.68 1.28
N ARG A 685 -1.92 3.88 1.45
CA ARG A 685 -1.31 5.10 0.89
C ARG A 685 -0.38 5.72 1.93
N ARG A 686 0.71 5.01 2.20
CA ARG A 686 1.72 5.53 3.12
C ARG A 686 2.40 6.77 2.53
N SER A 687 2.70 6.74 1.23
CA SER A 687 3.34 7.87 0.56
C SER A 687 2.28 8.91 0.21
N THR A 688 1.79 9.57 1.25
CA THR A 688 0.71 10.54 1.15
C THR A 688 1.25 11.96 1.31
N PHE A 689 0.34 12.93 1.26
CA PHE A 689 0.68 14.35 1.35
C PHE A 689 0.06 15.01 2.58
N ASP A 690 -0.29 14.23 3.59
CA ASP A 690 -1.13 14.75 4.68
C ASP A 690 -0.48 15.90 5.42
N ASN A 691 0.61 15.67 6.13
CA ASN A 691 1.24 16.68 6.97
C ASN A 691 2.65 16.96 6.48
N PHE A 692 3.11 18.19 6.72
CA PHE A 692 4.37 18.66 6.14
C PHE A 692 5.54 17.71 6.38
N PRO A 693 5.81 17.25 7.60
CA PRO A 693 6.96 16.34 7.78
C PRO A 693 6.85 15.09 6.94
N GLN A 694 5.65 14.58 6.72
CA GLN A 694 5.45 13.43 5.85
C GLN A 694 5.30 13.83 4.39
N SER A 695 5.06 15.11 4.10
CA SER A 695 4.99 15.55 2.72
C SER A 695 6.37 15.56 2.07
N LEU A 696 7.41 15.91 2.85
CA LEU A 696 8.76 15.96 2.31
C LEU A 696 9.20 14.58 1.82
N LEU A 697 8.88 13.53 2.57
CA LEU A 697 9.26 12.19 2.15
C LEU A 697 8.62 11.84 0.81
N THR A 698 7.35 12.21 0.62
CA THR A 698 6.71 11.96 -0.66
C THR A 698 7.37 12.76 -1.78
N VAL A 699 7.70 14.01 -1.51
CA VAL A 699 8.37 14.84 -2.53
C VAL A 699 9.75 14.26 -2.84
N PHE A 700 10.53 13.96 -1.81
CA PHE A 700 11.85 13.39 -2.05
C PHE A 700 11.74 12.08 -2.80
N GLN A 701 10.68 11.31 -2.56
CA GLN A 701 10.49 10.06 -3.29
C GLN A 701 10.32 10.33 -4.79
N ILE A 702 9.57 11.36 -5.15
CA ILE A 702 9.44 11.73 -6.55
C ILE A 702 10.78 12.16 -7.12
N LEU A 703 11.55 12.94 -6.35
CA LEU A 703 12.86 13.36 -6.82
C LEU A 703 13.74 12.17 -7.16
N THR A 704 13.82 11.19 -6.25
CA THR A 704 14.54 9.96 -6.56
C THR A 704 13.77 9.11 -7.57
N GLY A 705 12.46 9.28 -7.63
CA GLY A 705 11.65 8.53 -8.58
C GLY A 705 11.69 7.03 -8.35
N GLU A 706 11.19 6.59 -7.20
CA GLU A 706 11.07 5.16 -6.90
C GLU A 706 9.69 4.63 -7.25
N ASP A 707 8.66 5.16 -6.61
CA ASP A 707 7.27 4.85 -6.95
C ASP A 707 6.59 6.09 -7.53
N TRP A 708 7.34 6.84 -8.32
CA TRP A 708 6.86 8.03 -9.00
C TRP A 708 5.48 7.83 -9.62
N ASN A 709 5.18 6.60 -10.03
CA ASN A 709 3.88 6.30 -10.61
C ASN A 709 2.79 6.23 -9.53
N SER A 710 3.02 5.44 -8.49
CA SER A 710 2.00 5.25 -7.47
C SER A 710 1.52 6.57 -6.91
N VAL A 711 2.43 7.53 -6.73
CA VAL A 711 2.03 8.84 -6.22
C VAL A 711 1.20 9.59 -7.26
N MET A 712 1.60 9.49 -8.53
CA MET A 712 0.87 10.20 -9.59
C MET A 712 -0.57 9.71 -9.69
N TYR A 713 -0.75 8.40 -9.81
CA TYR A 713 -2.10 7.86 -9.98
C TYR A 713 -2.97 8.17 -8.79
N ASP A 714 -2.41 8.15 -7.59
CA ASP A 714 -3.18 8.58 -6.42
C ASP A 714 -3.60 10.04 -6.57
N GLY A 715 -2.70 10.89 -7.08
CA GLY A 715 -3.05 12.27 -7.29
C GLY A 715 -4.12 12.44 -8.36
N ILE A 716 -4.03 11.68 -9.45
CA ILE A 716 -5.01 11.80 -10.53
C ILE A 716 -6.38 11.38 -10.05
N MET A 717 -6.47 10.21 -9.40
CA MET A 717 -7.76 9.73 -8.92
C MET A 717 -8.36 10.68 -7.89
N ALA A 718 -7.53 11.43 -7.18
CA ALA A 718 -8.04 12.40 -6.22
C ALA A 718 -8.90 13.45 -6.92
N TYR A 719 -8.42 13.96 -8.06
CA TYR A 719 -9.16 14.95 -8.84
C TYR A 719 -10.07 14.26 -9.84
N GLY A 720 -10.95 13.41 -9.32
CA GLY A 720 -11.81 12.63 -10.18
C GLY A 720 -11.02 11.61 -10.97
N GLY A 721 -11.66 11.07 -11.99
CA GLY A 721 -11.03 10.12 -12.86
C GLY A 721 -10.21 10.80 -13.94
N PRO A 722 -9.73 10.03 -14.91
CA PRO A 722 -8.99 10.64 -16.03
C PRO A 722 -9.91 11.38 -16.98
N SER A 723 -9.82 12.71 -16.99
CA SER A 723 -10.67 13.53 -17.83
C SER A 723 -9.93 14.82 -18.16
N PHE A 724 -10.63 15.76 -18.77
CA PHE A 724 -10.04 17.05 -19.12
C PHE A 724 -9.90 17.96 -17.90
N PRO A 725 -10.97 18.17 -17.12
CA PRO A 725 -10.84 19.08 -15.97
C PRO A 725 -9.83 18.56 -14.96
N GLY A 726 -10.01 17.31 -14.54
CA GLY A 726 -9.01 16.63 -13.73
C GLY A 726 -7.90 16.07 -14.61
N MET A 727 -7.00 15.36 -13.96
CA MET A 727 -5.92 14.66 -14.67
C MET A 727 -4.85 15.63 -15.16
N LEU A 728 -5.09 16.93 -15.02
CA LEU A 728 -4.04 17.90 -15.32
C LEU A 728 -3.02 17.99 -14.20
N VAL A 729 -3.29 17.37 -13.05
CA VAL A 729 -2.33 17.34 -11.97
C VAL A 729 -1.05 16.63 -12.39
N CYS A 730 -1.10 15.86 -13.48
CA CYS A 730 0.13 15.29 -14.02
C CYS A 730 1.17 16.36 -14.30
N ILE A 731 0.72 17.57 -14.63
CA ILE A 731 1.64 18.67 -14.88
C ILE A 731 2.49 18.94 -13.64
N TYR A 732 1.89 18.85 -12.45
CA TYR A 732 2.65 19.08 -11.23
C TYR A 732 3.72 18.01 -11.05
N PHE A 733 3.39 16.74 -11.29
CA PHE A 733 4.37 15.68 -11.11
C PHE A 733 5.45 15.74 -12.17
N ILE A 734 5.06 15.99 -13.43
CA ILE A 734 6.05 16.11 -14.50
C ILE A 734 6.96 17.31 -14.23
N ILE A 735 6.39 18.43 -13.82
CA ILE A 735 7.22 19.59 -13.47
C ILE A 735 8.15 19.24 -12.32
N LEU A 736 7.62 18.58 -11.28
CA LEU A 736 8.43 18.28 -10.12
C LEU A 736 9.59 17.37 -10.48
N PHE A 737 9.33 16.32 -11.27
CA PHE A 737 10.38 15.38 -11.60
C PHE A 737 11.40 16.01 -12.56
N ILE A 738 10.91 16.64 -13.63
CA ILE A 738 11.81 17.21 -14.62
C ILE A 738 12.62 18.37 -14.02
N CYS A 739 11.93 19.29 -13.35
CA CYS A 739 12.63 20.41 -12.72
C CYS A 739 13.40 19.95 -11.48
N GLY A 740 12.82 19.01 -10.73
CA GLY A 740 13.50 18.53 -9.53
C GLY A 740 14.80 17.82 -9.84
N ASN A 741 14.79 16.92 -10.82
CA ASN A 741 15.99 16.17 -11.16
C ASN A 741 17.03 17.02 -11.88
N TYR A 742 16.63 18.11 -12.51
CA TYR A 742 17.61 19.01 -13.13
C TYR A 742 18.43 19.76 -12.09
N ILE A 743 17.81 20.14 -10.97
CA ILE A 743 18.55 20.81 -9.91
C ILE A 743 19.57 19.87 -9.30
N LEU A 744 19.17 18.61 -9.04
CA LEU A 744 20.08 17.68 -8.39
C LEU A 744 21.32 17.43 -9.22
N LEU A 745 21.19 17.40 -10.54
CA LEU A 745 22.37 17.22 -11.38
C LEU A 745 23.31 18.41 -11.28
N ASN A 746 22.77 19.63 -11.33
CA ASN A 746 23.61 20.81 -11.25
C ASN A 746 24.29 20.91 -9.88
N VAL A 747 23.50 20.77 -8.81
CA VAL A 747 24.04 20.97 -7.47
C VAL A 747 25.11 19.94 -7.16
N PHE A 748 24.87 18.68 -7.51
CA PHE A 748 25.77 17.60 -7.13
C PHE A 748 26.88 17.37 -8.13
N LEU A 749 26.65 17.65 -9.42
CA LEU A 749 27.75 17.56 -10.38
C LEU A 749 28.68 18.76 -10.25
N ALA A 750 28.11 19.95 -10.00
CA ALA A 750 28.96 21.12 -9.78
C ALA A 750 29.81 20.94 -8.54
N ILE A 751 29.23 20.42 -7.47
CA ILE A 751 30.00 20.14 -6.26
C ILE A 751 31.06 19.09 -6.54
N ALA A 752 30.68 18.03 -7.25
CA ALA A 752 31.55 16.88 -7.46
C ALA A 752 32.55 17.08 -8.59
N VAL A 753 32.47 18.18 -9.32
CA VAL A 753 33.39 18.47 -10.42
C VAL A 753 34.29 19.65 -10.09
N ASP A 754 33.71 20.76 -9.64
CA ASP A 754 34.51 21.94 -9.31
C ASP A 754 35.41 21.67 -8.11
N ASN A 755 34.83 21.14 -7.02
CA ASN A 755 35.64 20.85 -5.84
C ASN A 755 36.58 19.68 -6.09
N LEU A 756 36.11 18.66 -6.81
CA LEU A 756 36.97 17.53 -7.14
C LEU A 756 38.12 17.97 -8.04
N ALA A 757 37.85 18.83 -9.02
CA ALA A 757 38.90 19.29 -9.91
C ALA A 757 39.98 20.05 -9.15
N ASP A 758 39.58 20.87 -8.18
CA ASP A 758 40.57 21.56 -7.36
C ASP A 758 41.39 20.56 -6.54
N ALA A 759 40.74 19.55 -5.98
CA ALA A 759 41.44 18.61 -5.12
C ALA A 759 42.54 17.88 -5.89
N GLU A 760 42.22 17.37 -7.08
CA GLU A 760 43.24 16.69 -7.87
C GLU A 760 44.31 17.67 -8.35
N SER A 761 43.95 18.94 -8.54
CA SER A 761 44.94 19.93 -8.92
C SER A 761 46.03 20.04 -7.86
N LEU A 762 45.63 20.04 -6.59
CA LEU A 762 46.61 19.99 -5.51
C LEU A 762 47.43 18.71 -5.57
N THR A 763 46.76 17.58 -5.82
CA THR A 763 47.48 16.30 -5.87
C THR A 763 48.52 16.28 -6.96
N SER A 764 48.32 17.06 -8.03
CA SER A 764 49.26 17.13 -9.13
C SER A 764 50.12 18.38 -9.13
N ALA A 765 49.74 19.40 -8.37
CA ALA A 765 50.52 20.64 -8.31
C ALA A 765 51.49 20.63 -7.13
N GLN A 766 50.97 20.53 -5.91
CA GLN A 766 51.82 20.54 -4.73
C GLN A 766 52.66 19.27 -4.64
N LYS A 767 52.03 18.11 -4.78
CA LYS A 767 52.76 16.85 -4.64
C LYS A 767 53.83 16.72 -5.71
N GLU A 768 53.49 17.05 -6.95
CA GLU A 768 54.45 16.90 -8.05
C GLU A 768 55.67 17.78 -7.85
N GLU A 769 55.42 19.07 -7.58
CA GLU A 769 56.57 20.02 -7.57
C GLU A 769 57.31 20.09 -6.24
N GLU A 770 56.64 19.95 -5.10
CA GLU A 770 57.38 20.11 -3.82
C GLU A 770 58.01 18.76 -3.49
N GLU A 771 58.06 17.87 -4.46
CA GLU A 771 58.79 16.60 -4.27
C GLU A 771 59.84 16.63 -5.38
N GLU A 772 59.58 17.44 -6.41
CA GLU A 772 60.62 17.64 -7.45
C GLU A 772 61.69 18.50 -6.79
N LYS A 773 61.29 19.51 -6.02
CA LYS A 773 62.23 20.41 -5.32
C LYS A 773 62.89 19.65 -4.17
N GLU A 774 62.12 18.89 -3.40
CA GLU A 774 62.74 18.23 -2.23
C GLU A 774 63.71 17.17 -2.73
N ARG A 775 63.54 16.71 -3.97
CA ARG A 775 64.53 15.77 -4.56
C ARG A 775 65.54 16.63 -5.31
N LYS A 776 65.11 17.78 -5.83
CA LYS A 776 66.12 18.69 -6.45
C LYS A 776 66.98 19.24 -5.33
N LYS A 777 66.82 18.73 -4.09
CA LYS A 777 67.74 19.13 -3.06
C LYS A 777 69.07 18.91 -3.69
N LEU A 778 69.20 17.76 -4.34
CA LEU A 778 70.41 17.47 -5.05
C LEU A 778 70.77 18.63 -5.95
N PHE A 889 62.71 -32.36 -25.71
CA PHE A 889 61.82 -31.66 -26.64
C PHE A 889 62.46 -31.56 -28.02
N ARG A 890 61.67 -31.09 -28.99
CA ARG A 890 62.11 -30.98 -30.37
C ARG A 890 61.89 -29.55 -30.85
N LEU A 891 62.96 -28.94 -31.40
CA LEU A 891 62.88 -27.60 -31.99
C LEU A 891 63.51 -27.68 -33.39
N GLN A 892 62.71 -28.10 -34.36
CA GLN A 892 63.15 -28.16 -35.75
C GLN A 892 61.96 -28.51 -36.62
N CYS A 893 61.89 -27.90 -37.81
CA CYS A 893 60.83 -28.15 -38.77
C CYS A 893 59.45 -27.79 -38.22
N HIS A 894 59.39 -26.91 -37.21
CA HIS A 894 58.11 -26.48 -36.69
C HIS A 894 57.40 -25.58 -37.69
N ARG A 895 56.07 -25.61 -37.64
CA ARG A 895 55.22 -24.91 -38.61
C ARG A 895 54.40 -23.86 -37.86
N ILE A 896 54.94 -22.65 -37.77
CA ILE A 896 54.18 -21.51 -37.24
C ILE A 896 53.33 -20.85 -38.31
N VAL A 897 53.39 -21.35 -39.55
CA VAL A 897 52.60 -20.80 -40.65
C VAL A 897 51.12 -21.04 -40.37
N ASN A 898 50.26 -20.37 -41.12
CA ASN A 898 48.80 -20.45 -41.01
C ASN A 898 48.26 -19.77 -39.77
N ASP A 899 49.09 -19.04 -39.03
CA ASP A 899 48.61 -18.26 -37.90
C ASP A 899 47.81 -17.04 -38.34
N THR A 900 47.82 -16.70 -39.62
CA THR A 900 47.08 -15.53 -40.10
C THR A 900 45.61 -15.88 -40.35
N ILE A 901 45.35 -16.93 -41.12
CA ILE A 901 43.97 -17.32 -41.40
C ILE A 901 43.28 -17.77 -40.12
N PHE A 902 44.00 -18.52 -39.27
CA PHE A 902 43.41 -18.98 -38.02
C PHE A 902 43.00 -17.81 -37.13
N THR A 903 43.66 -16.66 -37.28
CA THR A 903 43.29 -15.49 -36.50
C THR A 903 41.81 -15.21 -36.63
N ASN A 904 41.34 -14.97 -37.85
CA ASN A 904 39.91 -14.74 -38.07
C ASN A 904 39.12 -16.03 -37.90
N LEU A 905 39.66 -17.15 -38.34
CA LEU A 905 38.92 -18.42 -38.27
C LEU A 905 38.62 -18.80 -36.83
N ILE A 906 39.59 -18.64 -35.93
CA ILE A 906 39.37 -19.00 -34.53
C ILE A 906 38.28 -18.13 -33.93
N LEU A 907 38.30 -16.82 -34.25
CA LEU A 907 37.26 -15.93 -33.75
C LEU A 907 35.88 -16.40 -34.18
N PHE A 908 35.79 -17.11 -35.30
CA PHE A 908 34.49 -17.61 -35.74
C PHE A 908 34.00 -18.73 -34.82
N PHE A 909 34.87 -19.68 -34.49
CA PHE A 909 34.47 -20.78 -33.62
C PHE A 909 34.07 -20.27 -32.25
N ILE A 910 34.84 -19.32 -31.69
CA ILE A 910 34.47 -18.75 -30.40
C ILE A 910 33.08 -18.14 -30.49
N LEU A 911 32.82 -17.38 -31.55
CA LEU A 911 31.50 -16.78 -31.74
C LEU A 911 30.43 -17.84 -31.87
N LEU A 912 30.71 -18.90 -32.63
CA LEU A 912 29.74 -19.98 -32.78
C LEU A 912 29.67 -20.84 -31.54
N SER A 913 30.79 -21.04 -30.85
CA SER A 913 30.76 -21.81 -29.61
C SER A 913 29.91 -21.11 -28.55
N SER A 914 30.06 -19.79 -28.43
CA SER A 914 29.25 -19.05 -27.47
C SER A 914 27.77 -19.18 -27.78
N ILE A 915 27.40 -19.06 -29.06
CA ILE A 915 26.01 -19.23 -29.45
C ILE A 915 25.53 -20.64 -29.14
N SER A 916 26.45 -21.62 -29.18
CA SER A 916 26.06 -22.99 -28.89
C SER A 916 25.51 -23.13 -27.48
N LEU A 917 26.19 -22.51 -26.50
CA LEU A 917 25.71 -22.53 -25.12
C LEU A 917 24.64 -21.49 -24.86
N ALA A 918 24.39 -20.58 -25.80
CA ALA A 918 23.29 -19.64 -25.66
C ALA A 918 21.97 -20.22 -26.12
N ALA A 919 21.98 -21.40 -26.73
CA ALA A 919 20.78 -22.05 -27.23
C ALA A 919 20.35 -23.25 -26.40
N GLU A 920 21.22 -23.77 -25.54
CA GLU A 920 20.85 -24.93 -24.73
C GLU A 920 19.63 -24.62 -23.88
N ASP A 921 18.67 -25.53 -23.89
CA ASP A 921 17.44 -25.33 -23.13
C ASP A 921 17.63 -25.85 -21.71
N PRO A 922 17.57 -25.01 -20.68
CA PRO A 922 17.80 -25.50 -19.32
C PRO A 922 16.63 -26.25 -18.72
N VAL A 923 15.40 -25.81 -19.03
CA VAL A 923 14.23 -26.35 -18.37
C VAL A 923 14.06 -27.83 -18.71
N GLN A 924 14.25 -28.20 -19.97
CA GLN A 924 14.07 -29.58 -20.42
C GLN A 924 15.30 -30.39 -20.02
N HIS A 925 15.17 -31.17 -18.94
CA HIS A 925 16.26 -32.07 -18.56
C HIS A 925 16.47 -33.14 -19.61
N THR A 926 15.39 -33.75 -20.10
CA THR A 926 15.45 -34.70 -21.21
C THR A 926 15.01 -33.96 -22.47
N SER A 927 15.92 -33.16 -23.01
CA SER A 927 15.64 -32.31 -24.14
C SER A 927 15.98 -33.01 -25.45
N PHE A 928 15.15 -32.78 -26.47
CA PHE A 928 15.46 -33.21 -27.81
C PHE A 928 16.57 -32.38 -28.45
N ARG A 929 16.99 -31.30 -27.80
CA ARG A 929 17.99 -30.40 -28.33
C ARG A 929 19.35 -30.52 -27.65
N ASN A 930 19.37 -30.75 -26.33
CA ASN A 930 20.64 -30.82 -25.62
C ASN A 930 21.55 -31.88 -26.21
N HIS A 931 20.99 -33.05 -26.55
CA HIS A 931 21.79 -34.08 -27.20
C HIS A 931 22.36 -33.57 -28.52
N ILE A 932 21.55 -32.84 -29.29
CA ILE A 932 22.05 -32.23 -30.52
C ILE A 932 23.17 -31.25 -30.20
N LEU A 933 22.95 -30.40 -29.19
CA LEU A 933 23.99 -29.47 -28.78
C LEU A 933 25.21 -30.21 -28.23
N PHE A 934 24.97 -31.30 -27.50
CA PHE A 934 26.08 -32.05 -26.91
C PHE A 934 27.13 -32.40 -27.96
N TYR A 935 26.69 -32.74 -29.17
CA TYR A 935 27.62 -33.04 -30.24
C TYR A 935 28.40 -31.80 -30.66
N PHE A 936 27.72 -30.65 -30.75
CA PHE A 936 28.42 -29.42 -31.12
C PHE A 936 29.50 -29.07 -30.12
N ASP A 937 29.34 -29.45 -28.86
CA ASP A 937 30.41 -29.26 -27.89
C ASP A 937 31.58 -30.20 -28.18
N ILE A 938 31.30 -31.39 -28.71
CA ILE A 938 32.37 -32.32 -29.04
C ILE A 938 33.26 -31.75 -30.13
N VAL A 939 32.64 -31.28 -31.23
CA VAL A 939 33.43 -30.78 -32.35
C VAL A 939 34.25 -29.58 -31.93
N PHE A 940 33.65 -28.64 -31.21
CA PHE A 940 34.40 -27.48 -30.74
C PHE A 940 35.47 -27.90 -29.73
N THR A 941 35.13 -28.82 -28.82
CA THR A 941 36.12 -29.30 -27.86
C THR A 941 37.30 -29.95 -28.57
N THR A 942 37.02 -30.79 -29.57
CA THR A 942 38.09 -31.39 -30.35
C THR A 942 38.85 -30.34 -31.15
N ILE A 943 38.14 -29.39 -31.75
CA ILE A 943 38.80 -28.39 -32.58
C ILE A 943 39.78 -27.56 -31.74
N PHE A 944 39.31 -27.04 -30.60
CA PHE A 944 40.16 -26.15 -29.82
C PHE A 944 41.27 -26.89 -29.10
N THR A 945 41.12 -28.20 -28.88
CA THR A 945 42.23 -28.98 -28.36
C THR A 945 43.37 -29.07 -29.36
N LEU A 946 43.09 -28.89 -30.65
CA LEU A 946 44.16 -28.90 -31.65
C LEU A 946 45.12 -27.75 -31.42
N GLU A 947 44.60 -26.56 -31.15
CA GLU A 947 45.46 -25.41 -30.87
C GLU A 947 46.25 -25.60 -29.59
N ILE A 948 45.73 -26.38 -28.63
CA ILE A 948 46.51 -26.72 -27.45
C ILE A 948 47.76 -27.47 -27.86
N ILE A 949 47.62 -28.45 -28.77
CA ILE A 949 48.78 -29.13 -29.32
C ILE A 949 49.64 -28.19 -30.14
N LEU A 950 49.02 -27.26 -30.87
CA LEU A 950 49.78 -26.31 -31.67
C LEU A 950 50.67 -25.45 -30.79
N LYS A 951 50.17 -25.02 -29.63
CA LYS A 951 50.96 -24.19 -28.74
C LYS A 951 52.23 -24.88 -28.26
N MET A 952 52.24 -26.22 -28.26
CA MET A 952 53.46 -26.94 -27.87
C MET A 952 54.61 -26.60 -28.80
N THR A 953 54.34 -26.52 -30.10
CA THR A 953 55.39 -26.16 -31.06
C THR A 953 55.94 -24.77 -30.77
N ALA A 954 55.06 -23.82 -30.47
CA ALA A 954 55.48 -22.48 -30.15
C ALA A 954 56.18 -22.45 -28.79
N TYR A 955 56.98 -21.41 -28.58
CA TYR A 955 57.70 -21.26 -27.32
C TYR A 955 56.74 -21.25 -26.14
N GLY A 956 57.08 -22.00 -25.09
CA GLY A 956 56.25 -22.05 -23.90
C GLY A 956 56.23 -23.41 -23.23
N ALA A 957 55.03 -23.94 -22.99
CA ALA A 957 54.86 -25.22 -22.32
C ALA A 957 55.55 -25.22 -20.96
N PHE A 958 55.41 -24.11 -20.22
CA PHE A 958 56.06 -23.93 -18.93
C PHE A 958 57.58 -24.05 -19.02
N LEU A 959 58.13 -23.93 -20.23
CA LEU A 959 59.56 -24.08 -20.47
C LEU A 959 60.04 -22.95 -21.36
N HIS A 960 61.33 -22.96 -21.68
CA HIS A 960 61.94 -21.94 -22.53
C HIS A 960 61.72 -20.54 -21.93
N LYS A 961 62.22 -20.37 -20.71
CA LYS A 961 62.07 -19.13 -19.96
C LYS A 961 60.61 -18.81 -19.69
N GLY A 962 59.78 -19.84 -19.59
CA GLY A 962 58.38 -19.64 -19.25
C GLY A 962 57.63 -18.74 -20.22
N SER A 963 57.87 -18.91 -21.52
CA SER A 963 57.16 -18.10 -22.50
C SER A 963 55.65 -18.30 -22.40
N PHE A 964 55.23 -19.48 -21.95
CA PHE A 964 53.80 -19.74 -21.78
C PHE A 964 53.25 -19.05 -20.52
N CYS A 965 54.04 -19.01 -19.45
CA CYS A 965 53.61 -18.36 -18.21
C CYS A 965 53.71 -16.85 -18.27
N ARG A 966 54.44 -16.30 -19.24
CA ARG A 966 54.55 -14.86 -19.39
C ARG A 966 53.33 -14.24 -20.05
N ASN A 967 52.42 -15.06 -20.59
CA ASN A 967 51.18 -14.60 -21.21
C ASN A 967 50.03 -15.37 -20.57
N TYR A 968 49.51 -14.85 -19.46
CA TYR A 968 48.42 -15.52 -18.77
C TYR A 968 47.17 -15.57 -19.62
N PHE A 969 46.99 -14.61 -20.53
CA PHE A 969 45.84 -14.64 -21.42
C PHE A 969 45.80 -15.94 -22.22
N ASN A 970 46.97 -16.46 -22.60
CA ASN A 970 47.01 -17.74 -23.30
C ASN A 970 46.75 -18.90 -22.36
N ILE A 971 47.05 -18.75 -21.07
CA ILE A 971 46.74 -19.80 -20.10
C ILE A 971 45.23 -20.01 -20.02
N LEU A 972 44.47 -18.92 -20.04
CA LEU A 972 43.02 -19.03 -20.01
C LEU A 972 42.51 -19.94 -21.12
N ASP A 973 43.16 -19.90 -22.28
CA ASP A 973 42.75 -20.77 -23.38
C ASP A 973 42.82 -22.23 -22.98
N LEU A 974 43.83 -22.60 -22.18
CA LEU A 974 43.96 -23.99 -21.76
C LEU A 974 42.92 -24.34 -20.68
N LEU A 975 42.69 -23.44 -19.73
CA LEU A 975 41.81 -23.75 -18.61
C LEU A 975 40.40 -24.08 -19.09
N VAL A 976 39.88 -23.28 -20.02
CA VAL A 976 38.55 -23.54 -20.55
C VAL A 976 38.50 -24.90 -21.24
N VAL A 977 39.53 -25.20 -22.04
CA VAL A 977 39.58 -26.50 -22.71
C VAL A 977 39.66 -27.62 -21.68
N SER A 978 40.49 -27.44 -20.65
CA SER A 978 40.59 -28.44 -19.59
C SER A 978 39.25 -28.64 -18.90
N VAL A 979 38.52 -27.55 -18.67
CA VAL A 979 37.22 -27.64 -18.02
C VAL A 979 36.27 -28.51 -18.83
N SER A 980 36.22 -28.28 -20.14
CA SER A 980 35.39 -29.11 -20.99
C SER A 980 35.86 -30.57 -20.97
N LEU A 981 37.17 -30.78 -21.02
CA LEU A 981 37.70 -32.14 -21.01
C LEU A 981 37.37 -32.85 -19.70
N ILE A 982 37.48 -32.15 -18.57
CA ILE A 982 37.19 -32.77 -17.29
C ILE A 982 35.74 -33.22 -17.22
N SER A 983 34.84 -32.44 -17.81
CA SER A 983 33.41 -32.75 -17.72
C SER A 983 33.11 -34.13 -18.28
N PHE A 984 33.71 -34.48 -19.42
CA PHE A 984 33.45 -35.78 -20.02
C PHE A 984 33.91 -36.91 -19.10
N GLY A 985 35.05 -36.74 -18.45
CA GLY A 985 35.53 -37.77 -17.54
C GLY A 985 34.58 -38.03 -16.39
N ILE A 986 34.03 -36.97 -15.80
CA ILE A 986 33.08 -37.11 -14.70
C ILE A 986 31.68 -37.43 -15.18
N GLN A 987 31.40 -37.27 -16.48
CA GLN A 987 30.06 -37.54 -16.98
C GLN A 987 29.68 -39.00 -16.79
N SER A 988 30.63 -39.91 -17.02
CA SER A 988 30.35 -41.34 -16.83
C SER A 988 29.92 -41.62 -15.40
N SER A 989 30.55 -40.95 -14.42
CA SER A 989 30.17 -41.15 -13.03
C SER A 989 28.72 -40.75 -12.79
N ALA A 990 28.22 -39.77 -13.53
CA ALA A 990 26.85 -39.27 -13.34
C ALA A 990 26.64 -38.82 -11.90
N ILE A 991 27.41 -37.79 -11.51
CA ILE A 991 27.46 -37.31 -10.14
C ILE A 991 27.20 -35.82 -10.14
N ASN A 992 26.74 -35.33 -8.98
CA ASN A 992 26.34 -33.93 -8.86
C ASN A 992 27.51 -32.97 -9.08
N VAL A 993 28.75 -33.47 -9.02
CA VAL A 993 29.90 -32.58 -9.19
C VAL A 993 29.83 -31.84 -10.52
N VAL A 994 29.40 -32.53 -11.57
CA VAL A 994 29.35 -31.92 -12.89
C VAL A 994 28.35 -30.78 -12.99
N LYS A 995 27.47 -30.63 -12.00
CA LYS A 995 26.47 -29.56 -12.07
C LYS A 995 27.14 -28.19 -12.11
N ILE A 996 28.18 -28.00 -11.29
CA ILE A 996 28.85 -26.70 -11.25
C ILE A 996 29.88 -26.60 -12.36
N LEU A 997 30.57 -27.69 -12.67
CA LEU A 997 31.60 -27.65 -13.70
C LEU A 997 31.02 -27.17 -15.03
N ARG A 998 29.78 -27.56 -15.33
CA ARG A 998 29.15 -27.08 -16.56
C ARG A 998 29.01 -25.56 -16.55
N VAL A 999 28.63 -24.98 -15.40
CA VAL A 999 28.41 -23.55 -15.33
C VAL A 999 29.70 -22.80 -15.67
N LEU A 1000 30.83 -23.26 -15.15
CA LEU A 1000 32.09 -22.57 -15.35
C LEU A 1000 32.52 -22.56 -16.82
N ARG A 1001 31.94 -23.43 -17.65
CA ARG A 1001 32.26 -23.43 -19.07
C ARG A 1001 31.84 -22.14 -19.77
N VAL A 1002 31.02 -21.31 -19.13
CA VAL A 1002 30.57 -20.06 -19.70
C VAL A 1002 31.72 -19.10 -20.02
N LEU A 1003 32.93 -19.40 -19.55
CA LEU A 1003 34.07 -18.52 -19.78
C LEU A 1003 34.51 -18.47 -21.24
N ARG A 1004 33.82 -19.16 -22.14
CA ARG A 1004 34.28 -19.23 -23.53
C ARG A 1004 34.40 -17.86 -24.18
N PRO A 1005 33.43 -16.94 -24.06
CA PRO A 1005 33.54 -15.68 -24.78
C PRO A 1005 34.80 -14.89 -24.46
N LEU A 1006 35.25 -14.92 -23.20
CA LEU A 1006 36.46 -14.18 -22.85
C LEU A 1006 37.69 -14.72 -23.57
N ARG A 1007 37.59 -15.94 -24.11
CA ARG A 1007 38.69 -16.47 -24.91
C ARG A 1007 39.05 -15.55 -26.06
N ALA A 1008 38.03 -14.90 -26.66
CA ALA A 1008 38.28 -14.02 -27.80
C ALA A 1008 39.09 -12.80 -27.43
N ILE A 1009 39.14 -12.44 -26.15
CA ILE A 1009 39.89 -11.24 -25.74
C ILE A 1009 41.36 -11.39 -26.13
N ASN A 1010 41.95 -12.55 -25.84
CA ASN A 1010 43.37 -12.75 -26.12
C ASN A 1010 43.67 -12.70 -27.62
N ARG A 1011 42.67 -12.83 -28.47
CA ARG A 1011 42.89 -12.94 -29.91
C ARG A 1011 42.54 -11.67 -30.67
N ALA A 1012 41.72 -10.78 -30.09
CA ALA A 1012 41.31 -9.55 -30.76
C ALA A 1012 42.17 -8.40 -30.28
N LYS A 1013 42.96 -7.83 -31.18
CA LYS A 1013 43.89 -6.77 -30.79
C LYS A 1013 43.17 -5.54 -30.29
N GLY A 1014 42.10 -5.12 -30.95
CA GLY A 1014 41.36 -3.95 -30.52
C GLY A 1014 40.65 -4.13 -29.20
N LEU A 1015 40.20 -5.35 -28.92
CA LEU A 1015 39.51 -5.62 -27.66
C LEU A 1015 40.47 -5.66 -26.47
N LYS A 1016 41.72 -6.06 -26.70
CA LYS A 1016 42.69 -6.11 -25.61
C LYS A 1016 42.92 -4.72 -25.03
N HIS A 1017 43.00 -3.71 -25.89
CA HIS A 1017 43.21 -2.35 -25.40
C HIS A 1017 42.05 -1.89 -24.52
N VAL A 1018 40.82 -2.21 -24.92
CA VAL A 1018 39.66 -1.76 -24.16
C VAL A 1018 39.63 -2.43 -22.80
N VAL A 1019 39.80 -3.76 -22.76
CA VAL A 1019 39.73 -4.46 -21.49
C VAL A 1019 40.90 -4.06 -20.59
N GLN A 1020 42.09 -3.85 -21.18
CA GLN A 1020 43.21 -3.36 -20.39
C GLN A 1020 42.92 -1.96 -19.84
N CYS A 1021 42.33 -1.09 -20.66
CA CYS A 1021 42.01 0.25 -20.20
C CYS A 1021 41.05 0.23 -19.02
N VAL A 1022 40.16 -0.75 -18.97
CA VAL A 1022 39.24 -0.86 -17.84
C VAL A 1022 40.00 -1.11 -16.55
N PHE A 1023 40.96 -2.03 -16.58
CA PHE A 1023 41.73 -2.34 -15.37
C PHE A 1023 42.51 -1.13 -14.89
N VAL A 1024 43.14 -0.39 -15.81
CA VAL A 1024 43.91 0.78 -15.41
C VAL A 1024 43.01 1.80 -14.72
N ALA A 1025 41.79 1.96 -15.22
CA ALA A 1025 40.85 2.88 -14.59
C ALA A 1025 40.55 2.44 -13.17
N ILE A 1026 40.28 1.16 -12.96
CA ILE A 1026 39.95 0.66 -11.62
C ILE A 1026 41.10 0.95 -10.66
N ARG A 1027 42.33 0.79 -11.13
CA ARG A 1027 43.48 1.05 -10.27
C ARG A 1027 43.49 2.51 -9.81
N THR A 1028 43.18 3.44 -10.72
CA THR A 1028 43.09 4.84 -10.33
C THR A 1028 41.89 5.10 -9.43
N ILE A 1029 40.76 4.44 -9.72
CA ILE A 1029 39.56 4.65 -8.92
C ILE A 1029 39.70 4.11 -7.50
N GLY A 1030 40.65 3.20 -7.27
CA GLY A 1030 40.81 2.58 -5.98
C GLY A 1030 40.78 3.55 -4.81
N ASN A 1031 41.18 4.80 -5.06
CA ASN A 1031 41.18 5.79 -3.99
C ASN A 1031 39.77 6.27 -3.64
N ILE A 1032 38.80 6.03 -4.52
CA ILE A 1032 37.43 6.49 -4.29
C ILE A 1032 36.54 5.38 -3.77
N VAL A 1033 36.51 4.24 -4.48
CA VAL A 1033 35.65 3.13 -4.06
C VAL A 1033 36.00 2.69 -2.65
N ILE A 1034 37.28 2.71 -2.30
CA ILE A 1034 37.69 2.32 -0.95
C ILE A 1034 37.02 3.24 0.07
N VAL A 1035 36.93 4.54 -0.23
CA VAL A 1035 36.29 5.46 0.69
C VAL A 1035 34.80 5.14 0.83
N THR A 1036 34.13 4.86 -0.29
CA THR A 1036 32.70 4.57 -0.22
C THR A 1036 32.42 3.31 0.58
N THR A 1037 33.24 2.28 0.42
CA THR A 1037 33.03 1.04 1.16
C THR A 1037 33.08 1.29 2.66
N LEU A 1038 34.07 2.05 3.11
CA LEU A 1038 34.13 2.41 4.52
C LEU A 1038 32.93 3.25 4.92
N LEU A 1039 32.55 4.21 4.07
CA LEU A 1039 31.41 5.06 4.38
C LEU A 1039 30.11 4.25 4.38
N GLN A 1040 29.93 3.41 3.37
CA GLN A 1040 28.73 2.56 3.34
C GLN A 1040 28.72 1.60 4.52
N PHE A 1041 29.87 1.01 4.84
CA PHE A 1041 29.96 0.16 6.02
C PHE A 1041 29.68 0.95 7.29
N MET A 1042 30.10 2.22 7.33
CA MET A 1042 29.84 3.04 8.51
C MET A 1042 28.34 3.23 8.70
N PHE A 1043 27.61 3.43 7.60
CA PHE A 1043 26.16 3.59 7.70
C PHE A 1043 25.49 2.29 8.12
N ALA A 1044 25.98 1.15 7.63
CA ALA A 1044 25.43 -0.13 8.05
C ALA A 1044 25.60 -0.33 9.54
N CYS A 1045 26.76 0.04 10.09
CA CYS A 1045 26.98 -0.09 11.52
C CYS A 1045 25.98 0.77 12.29
N ILE A 1046 25.72 1.99 11.83
CA ILE A 1046 24.66 2.79 12.42
C ILE A 1046 23.31 2.14 12.20
N GLY A 1047 23.07 1.63 10.99
CA GLY A 1047 21.78 1.01 10.70
C GLY A 1047 21.47 -0.14 11.64
N VAL A 1048 22.46 -0.97 11.94
CA VAL A 1048 22.23 -2.11 12.82
C VAL A 1048 21.78 -1.63 14.19
N GLN A 1049 22.42 -0.60 14.72
CA GLN A 1049 22.06 -0.11 16.04
C GLN A 1049 20.64 0.41 16.07
N LEU A 1050 20.24 1.15 15.03
CA LEU A 1050 18.91 1.75 15.03
C LEU A 1050 17.80 0.70 14.94
N PHE A 1051 18.00 -0.32 14.11
CA PHE A 1051 16.96 -1.30 13.79
C PHE A 1051 17.46 -2.72 14.04
N LYS A 1052 18.05 -2.95 15.21
CA LYS A 1052 18.57 -4.27 15.53
C LYS A 1052 17.42 -5.24 15.82
N GLY A 1053 16.66 -5.59 14.80
CA GLY A 1053 15.57 -6.53 14.94
C GLY A 1053 14.24 -5.94 15.29
N LYS A 1054 14.05 -4.64 15.12
CA LYS A 1054 12.77 -3.99 15.38
C LYS A 1054 11.82 -4.06 14.20
N LEU A 1055 12.23 -4.66 13.08
CA LEU A 1055 11.47 -4.59 11.84
C LEU A 1055 10.48 -5.74 11.68
N TYR A 1056 10.45 -6.70 12.59
CA TYR A 1056 9.51 -7.80 12.47
C TYR A 1056 8.08 -7.27 12.37
N THR A 1057 7.18 -8.11 11.87
CA THR A 1057 5.77 -7.76 11.80
C THR A 1057 4.97 -9.04 11.63
N CYS A 1058 4.03 -9.29 12.53
CA CYS A 1058 3.14 -10.42 12.38
C CYS A 1058 2.22 -10.20 11.18
N SER A 1059 1.89 -11.29 10.49
CA SER A 1059 0.97 -11.19 9.37
C SER A 1059 -0.31 -10.49 9.79
N ASP A 1060 -0.80 -10.79 10.99
CA ASP A 1060 -1.91 -10.04 11.57
C ASP A 1060 -1.36 -8.79 12.25
N SER A 1061 -2.00 -7.65 11.99
CA SER A 1061 -1.48 -6.38 12.48
C SER A 1061 -1.78 -6.13 13.96
N SER A 1062 -2.59 -6.98 14.59
CA SER A 1062 -3.01 -6.77 15.97
C SER A 1062 -2.30 -7.70 16.95
N LYS A 1063 -1.05 -8.06 16.66
CA LYS A 1063 -0.26 -8.92 17.55
C LYS A 1063 1.20 -8.45 17.44
N GLN A 1064 1.65 -7.69 18.43
CA GLN A 1064 2.99 -7.09 18.40
C GLN A 1064 4.03 -7.95 19.10
N THR A 1065 4.06 -9.24 18.80
CA THR A 1065 5.15 -10.11 19.27
C THR A 1065 4.92 -11.51 18.71
N GLU A 1066 6.00 -12.27 18.62
CA GLU A 1066 5.92 -13.62 18.06
C GLU A 1066 5.05 -14.53 18.93
N ALA A 1067 5.20 -14.44 20.25
CA ALA A 1067 4.48 -15.35 21.13
C ALA A 1067 2.97 -15.26 20.94
N GLU A 1068 2.45 -14.07 20.69
CA GLU A 1068 1.03 -13.88 20.42
C GLU A 1068 0.70 -13.95 18.94
N CYS A 1069 1.69 -14.21 18.08
CA CYS A 1069 1.50 -14.31 16.64
C CYS A 1069 1.58 -15.79 16.26
N LYS A 1070 0.45 -16.48 16.39
CA LYS A 1070 0.38 -17.90 16.05
C LYS A 1070 -1.07 -18.25 15.80
N GLY A 1071 -1.28 -19.36 15.08
CA GLY A 1071 -2.60 -19.81 14.77
C GLY A 1071 -3.21 -19.05 13.61
N ASN A 1072 -4.45 -19.41 13.29
CA ASN A 1072 -5.17 -18.78 12.19
C ASN A 1072 -5.70 -17.41 12.61
N TYR A 1073 -6.12 -16.64 11.62
CA TYR A 1073 -6.77 -15.36 11.87
C TYR A 1073 -7.63 -15.03 10.67
N ILE A 1074 -8.60 -14.15 10.88
CA ILE A 1074 -9.58 -13.80 9.86
C ILE A 1074 -9.13 -12.53 9.15
N THR A 1075 -8.97 -12.61 7.83
CA THR A 1075 -8.67 -11.47 7.00
C THR A 1075 -9.77 -11.31 5.96
N TYR A 1076 -10.22 -10.07 5.76
CA TYR A 1076 -11.35 -9.78 4.90
C TYR A 1076 -10.84 -9.34 3.52
N LYS A 1077 -11.37 -9.96 2.48
CA LYS A 1077 -10.96 -9.62 1.12
C LYS A 1077 -11.30 -8.18 0.80
N ASP A 1078 -10.33 -7.43 0.28
CA ASP A 1078 -10.54 -6.09 -0.27
C ASP A 1078 -11.23 -5.15 0.70
N GLY A 1079 -11.29 -5.49 1.98
CA GLY A 1079 -11.86 -4.61 2.99
C GLY A 1079 -13.35 -4.75 3.21
N GLU A 1080 -14.07 -5.50 2.37
CA GLU A 1080 -15.48 -5.72 2.62
C GLU A 1080 -15.67 -6.49 3.92
N VAL A 1081 -16.60 -6.02 4.75
CA VAL A 1081 -16.85 -6.68 6.03
C VAL A 1081 -17.34 -8.10 5.81
N ASP A 1082 -18.13 -8.31 4.76
CA ASP A 1082 -18.58 -9.65 4.42
C ASP A 1082 -17.50 -10.40 3.65
N HIS A 1083 -17.72 -11.70 3.47
CA HIS A 1083 -16.78 -12.57 2.79
C HIS A 1083 -15.44 -12.61 3.53
N PRO A 1084 -15.40 -13.17 4.74
CA PRO A 1084 -14.11 -13.36 5.42
C PRO A 1084 -13.32 -14.50 4.80
N ILE A 1085 -12.01 -14.47 5.03
CA ILE A 1085 -11.10 -15.50 4.57
C ILE A 1085 -10.17 -15.86 5.70
N ILE A 1086 -10.12 -17.15 6.06
CA ILE A 1086 -9.20 -17.61 7.08
C ILE A 1086 -7.79 -17.61 6.52
N GLN A 1087 -6.81 -17.26 7.36
CA GLN A 1087 -5.42 -17.27 6.96
C GLN A 1087 -4.55 -17.46 8.20
N PRO A 1088 -3.34 -17.99 8.04
CA PRO A 1088 -2.46 -18.19 9.19
C PRO A 1088 -1.68 -16.94 9.54
N ARG A 1089 -1.10 -16.96 10.74
CA ARG A 1089 -0.27 -15.88 11.24
C ARG A 1089 1.20 -16.29 11.11
N SER A 1090 2.01 -15.39 10.57
CA SER A 1090 3.43 -15.63 10.39
C SER A 1090 4.22 -14.45 10.94
N TRP A 1091 5.16 -14.73 11.84
CA TRP A 1091 6.04 -13.70 12.39
C TRP A 1091 7.19 -13.43 11.42
N GLU A 1092 6.81 -13.07 10.20
CA GLU A 1092 7.78 -12.91 9.13
C GLU A 1092 8.55 -11.60 9.29
N ASN A 1093 9.85 -11.66 8.98
CA ASN A 1093 10.70 -10.50 9.03
C ASN A 1093 10.59 -9.70 7.72
N SER A 1094 11.09 -8.48 7.75
CA SER A 1094 11.10 -7.65 6.55
C SER A 1094 11.97 -8.29 5.49
N LYS A 1095 11.65 -7.99 4.22
CA LYS A 1095 12.42 -8.55 3.11
C LYS A 1095 13.90 -8.30 3.31
N PHE A 1096 14.28 -7.05 3.60
CA PHE A 1096 15.64 -6.67 3.94
C PHE A 1096 15.63 -6.10 5.34
N ASP A 1097 16.45 -6.66 6.23
CA ASP A 1097 16.45 -6.32 7.63
C ASP A 1097 17.87 -6.10 8.10
N PHE A 1098 18.01 -5.39 9.23
CA PHE A 1098 19.30 -5.02 9.77
C PHE A 1098 19.73 -5.93 10.92
N ASP A 1099 19.34 -7.21 10.87
CA ASP A 1099 19.69 -8.13 11.95
C ASP A 1099 21.20 -8.25 12.09
N ASN A 1100 21.91 -8.36 10.98
CA ASN A 1100 23.36 -8.46 10.96
C ASN A 1100 23.94 -7.20 10.32
N VAL A 1101 25.27 -7.08 10.41
CA VAL A 1101 25.96 -6.05 9.62
C VAL A 1101 25.93 -6.41 8.16
N LEU A 1102 26.14 -7.69 7.83
CA LEU A 1102 26.08 -8.11 6.44
C LEU A 1102 24.68 -7.90 5.87
N ALA A 1103 23.65 -8.30 6.62
CA ALA A 1103 22.29 -8.08 6.16
C ALA A 1103 22.00 -6.59 6.00
N ALA A 1104 22.55 -5.77 6.89
CA ALA A 1104 22.35 -4.33 6.77
C ALA A 1104 22.98 -3.80 5.49
N MET A 1105 24.17 -4.27 5.15
CA MET A 1105 24.88 -3.75 3.98
C MET A 1105 24.09 -4.00 2.70
N MET A 1106 23.56 -5.22 2.55
CA MET A 1106 22.74 -5.51 1.38
C MET A 1106 21.43 -4.73 1.42
N ALA A 1107 20.85 -4.59 2.62
CA ALA A 1107 19.61 -3.83 2.75
C ALA A 1107 19.81 -2.37 2.35
N LEU A 1108 20.91 -1.76 2.81
CA LEU A 1108 21.19 -0.38 2.44
C LEU A 1108 21.58 -0.26 0.97
N PHE A 1109 22.09 -1.33 0.36
CA PHE A 1109 22.49 -1.25 -1.04
C PHE A 1109 21.30 -0.94 -1.94
N THR A 1110 20.17 -1.62 -1.72
CA THR A 1110 18.99 -1.36 -2.52
C THR A 1110 18.52 0.07 -2.34
N VAL A 1111 18.59 0.59 -1.12
CA VAL A 1111 18.22 1.98 -0.88
C VAL A 1111 19.08 2.90 -1.73
N SER A 1112 20.37 2.59 -1.86
CA SER A 1112 21.24 3.36 -2.74
C SER A 1112 20.86 3.23 -4.21
N THR A 1113 20.08 2.21 -4.55
CA THR A 1113 19.65 1.98 -5.93
C THR A 1113 18.27 2.55 -6.21
N PHE A 1114 17.65 3.22 -5.25
CA PHE A 1114 16.32 3.80 -5.42
C PHE A 1114 15.31 2.75 -5.85
N GLU A 1115 15.40 1.56 -5.25
CA GLU A 1115 14.46 0.49 -5.51
C GLU A 1115 14.11 -0.20 -4.20
N GLY A 1116 12.82 -0.45 -4.00
CA GLY A 1116 12.37 -0.97 -2.73
C GLY A 1116 12.69 -0.05 -1.57
N TRP A 1117 12.86 1.23 -1.84
CA TRP A 1117 13.22 2.20 -0.82
C TRP A 1117 12.02 2.56 0.06
N PRO A 1118 10.94 3.08 -0.50
CA PRO A 1118 9.80 3.47 0.35
C PRO A 1118 9.24 2.32 1.16
N GLU A 1119 9.22 1.11 0.62
CA GLU A 1119 8.72 -0.03 1.39
C GLU A 1119 9.53 -0.24 2.66
N LEU A 1120 10.85 -0.06 2.57
CA LEU A 1120 11.69 -0.17 3.75
C LEU A 1120 11.58 1.05 4.64
N LEU A 1121 11.43 2.23 4.05
CA LEU A 1121 11.35 3.45 4.84
C LEU A 1121 10.14 3.43 5.76
N TYR A 1122 8.99 2.99 5.26
CA TYR A 1122 7.78 2.95 6.05
C TYR A 1122 7.68 1.70 6.92
N ARG A 1123 8.55 0.72 6.70
CA ARG A 1123 8.70 -0.38 7.65
C ARG A 1123 9.72 -0.07 8.73
N SER A 1124 10.60 0.91 8.50
CA SER A 1124 11.55 1.37 9.50
C SER A 1124 10.95 2.42 10.42
N ILE A 1125 10.15 3.34 9.85
CA ILE A 1125 9.48 4.34 10.66
C ILE A 1125 8.56 3.69 11.68
N ASP A 1126 7.90 2.60 11.28
CA ASP A 1126 7.00 1.87 12.17
C ASP A 1126 7.75 0.80 12.96
N SER A 1127 8.83 1.20 13.62
CA SER A 1127 9.65 0.30 14.43
C SER A 1127 9.52 0.71 15.88
N HIS A 1128 8.90 -0.14 16.68
CA HIS A 1128 8.60 0.18 18.08
C HIS A 1128 9.78 -0.15 19.00
N THR A 1129 10.17 -1.41 19.05
CA THR A 1129 11.24 -1.85 19.94
C THR A 1129 11.72 -3.21 19.45
N GLU A 1130 12.88 -3.63 19.96
CA GLU A 1130 13.47 -4.89 19.55
C GLU A 1130 12.47 -6.03 19.76
N ASP A 1131 12.30 -6.84 18.72
CA ASP A 1131 11.38 -7.98 18.76
C ASP A 1131 9.98 -7.53 19.15
N LYS A 1132 9.39 -6.68 18.30
CA LYS A 1132 8.04 -6.21 18.53
C LYS A 1132 7.45 -5.74 17.20
N GLY A 1133 6.12 -5.78 17.12
CA GLY A 1133 5.43 -5.44 15.91
C GLY A 1133 5.50 -3.96 15.61
N PRO A 1134 5.00 -3.56 14.45
CA PRO A 1134 5.08 -2.15 14.06
C PRO A 1134 3.93 -1.33 14.62
N ILE A 1135 4.20 -0.03 14.77
CA ILE A 1135 3.21 0.95 15.20
C ILE A 1135 3.21 2.08 14.19
N TYR A 1136 2.02 2.47 13.74
CA TYR A 1136 1.90 3.44 12.65
C TYR A 1136 2.63 4.74 13.02
N ASN A 1137 3.57 5.14 12.17
CA ASN A 1137 4.32 6.39 12.31
C ASN A 1137 4.77 6.59 13.76
N TYR A 1138 5.37 5.55 14.32
CA TYR A 1138 5.90 5.66 15.69
C TYR A 1138 6.97 6.73 15.76
N ARG A 1139 7.89 6.75 14.80
CA ARG A 1139 8.99 7.70 14.79
C ARG A 1139 9.30 8.06 13.34
N VAL A 1140 8.77 9.20 12.89
CA VAL A 1140 9.09 9.69 11.54
C VAL A 1140 10.45 10.37 11.49
N GLU A 1141 11.02 10.71 12.65
CA GLU A 1141 12.36 11.29 12.68
C GLU A 1141 13.40 10.37 12.07
N ILE A 1142 13.14 9.06 12.06
CA ILE A 1142 14.07 8.09 11.48
C ILE A 1142 14.30 8.36 10.01
N SER A 1143 13.37 9.03 9.33
CA SER A 1143 13.55 9.30 7.91
C SER A 1143 14.81 10.09 7.63
N ILE A 1144 15.33 10.80 8.62
CA ILE A 1144 16.58 11.54 8.43
C ILE A 1144 17.70 10.58 8.06
N PHE A 1145 17.72 9.39 8.67
CA PHE A 1145 18.78 8.44 8.40
C PHE A 1145 18.80 8.03 6.93
N PHE A 1146 17.64 7.74 6.36
CA PHE A 1146 17.60 7.34 4.95
C PHE A 1146 17.90 8.52 4.04
N ILE A 1147 17.30 9.68 4.33
CA ILE A 1147 17.52 10.86 3.47
C ILE A 1147 18.99 11.24 3.49
N ILE A 1148 19.62 11.23 4.66
CA ILE A 1148 21.05 11.52 4.73
C ILE A 1148 21.83 10.48 3.96
N TYR A 1149 21.48 9.21 4.09
CA TYR A 1149 22.18 8.16 3.37
C TYR A 1149 22.01 8.31 1.87
N ILE A 1150 20.80 8.62 1.42
CA ILE A 1150 20.53 8.76 -0.01
C ILE A 1150 21.39 9.89 -0.59
N ILE A 1151 21.41 11.04 0.09
CA ILE A 1151 22.16 12.18 -0.42
C ILE A 1151 23.65 11.87 -0.48
N ILE A 1152 24.17 11.25 0.57
CA ILE A 1152 25.62 11.05 0.66
C ILE A 1152 26.09 10.04 -0.37
N ILE A 1153 25.59 8.80 -0.30
CA ILE A 1153 26.13 7.73 -1.13
C ILE A 1153 25.48 7.75 -2.51
N ALA A 1154 24.15 7.71 -2.56
CA ALA A 1154 23.47 7.55 -3.84
C ALA A 1154 23.72 8.74 -4.75
N PHE A 1155 23.65 9.96 -4.22
CA PHE A 1155 23.77 11.16 -5.03
C PHE A 1155 25.19 11.74 -5.02
N PHE A 1156 25.70 12.05 -3.83
CA PHE A 1156 26.96 12.80 -3.76
C PHE A 1156 28.15 11.92 -4.15
N MET A 1157 28.39 10.84 -3.40
CA MET A 1157 29.55 10.01 -3.67
C MET A 1157 29.48 9.42 -5.07
N MET A 1158 28.29 9.09 -5.55
CA MET A 1158 28.14 8.58 -6.90
C MET A 1158 28.59 9.62 -7.93
N ASN A 1159 28.34 10.90 -7.64
CA ASN A 1159 28.76 11.95 -8.56
C ASN A 1159 30.27 12.17 -8.50
N ILE A 1160 30.86 12.05 -7.32
CA ILE A 1160 32.32 12.17 -7.21
C ILE A 1160 32.99 11.11 -8.08
N PHE A 1161 32.50 9.87 -8.01
CA PHE A 1161 33.06 8.81 -8.84
C PHE A 1161 32.91 9.14 -10.32
N VAL A 1162 31.73 9.63 -10.72
CA VAL A 1162 31.54 10.02 -12.11
C VAL A 1162 32.47 11.17 -12.47
N GLY A 1163 32.58 12.16 -11.58
CA GLY A 1163 33.49 13.26 -11.85
C GLY A 1163 34.94 12.82 -11.87
N PHE A 1164 35.30 11.86 -11.01
CA PHE A 1164 36.68 11.37 -10.98
C PHE A 1164 37.03 10.68 -12.29
N VAL A 1165 36.13 9.88 -12.84
CA VAL A 1165 36.40 9.22 -14.10
C VAL A 1165 36.60 10.23 -15.22
N ILE A 1166 35.75 11.26 -15.24
CA ILE A 1166 35.87 12.29 -16.28
C ILE A 1166 37.22 12.97 -16.20
N VAL A 1167 37.64 13.33 -14.98
CA VAL A 1167 38.94 13.98 -14.82
C VAL A 1167 40.07 12.99 -15.10
N THR A 1168 39.94 11.77 -14.59
CA THR A 1168 40.99 10.78 -14.80
C THR A 1168 41.18 10.49 -16.28
N PHE A 1169 40.08 10.32 -17.02
CA PHE A 1169 40.19 10.14 -18.46
C PHE A 1169 40.82 11.35 -19.12
N GLN A 1170 40.61 12.55 -18.57
CA GLN A 1170 41.16 13.75 -19.17
C GLN A 1170 42.68 13.72 -19.14
N GLU A 1171 43.26 13.26 -18.03
CA GLU A 1171 44.72 13.11 -17.97
C GLU A 1171 45.21 12.17 -19.06
N GLN A 1172 44.53 11.03 -19.23
CA GLN A 1172 44.90 10.10 -20.30
C GLN A 1172 44.71 10.77 -21.66
N GLY A 1173 43.63 11.51 -21.83
CA GLY A 1173 43.40 12.18 -23.11
C GLY A 1173 44.45 13.23 -23.43
N GLU A 1174 44.86 13.99 -22.42
CA GLU A 1174 45.84 15.05 -22.61
C GLU A 1174 47.27 14.55 -22.47
N GLN A 1175 47.48 13.23 -22.52
CA GLN A 1175 48.85 12.70 -22.50
C GLN A 1175 49.69 13.37 -23.57
N GLU A 1176 49.12 13.56 -24.76
CA GLU A 1176 49.76 14.33 -25.83
C GLU A 1176 49.37 15.80 -25.76
N TYR A 1177 49.54 16.40 -24.57
CA TYR A 1177 49.18 17.80 -24.40
C TYR A 1177 49.98 18.69 -25.33
N LYS A 1178 51.30 18.48 -25.41
CA LYS A 1178 52.17 19.23 -26.30
C LYS A 1178 51.96 20.73 -26.12
N ASN A 1179 52.30 21.22 -24.92
CA ASN A 1179 52.10 22.62 -24.61
C ASN A 1179 52.86 23.55 -25.56
N CYS A 1180 53.89 23.04 -26.22
CA CYS A 1180 54.67 23.87 -27.13
C CYS A 1180 53.80 24.43 -28.25
N GLU A 1181 52.96 23.59 -28.85
CA GLU A 1181 52.12 24.03 -29.94
C GLU A 1181 50.93 24.85 -29.41
N LEU A 1182 50.26 25.53 -30.33
CA LEU A 1182 49.17 26.44 -29.96
C LEU A 1182 47.89 25.65 -29.72
N ASP A 1183 46.77 26.36 -29.64
CA ASP A 1183 45.49 25.73 -29.31
C ASP A 1183 45.16 24.63 -30.31
N LYS A 1184 44.23 23.75 -29.90
CA LYS A 1184 43.79 22.66 -30.75
C LYS A 1184 42.90 23.13 -31.89
N ASN A 1185 42.46 24.39 -31.88
CA ASN A 1185 41.67 24.91 -32.99
C ASN A 1185 42.47 24.85 -34.29
N GLN A 1186 43.77 25.16 -34.22
CA GLN A 1186 44.61 25.08 -35.41
C GLN A 1186 44.70 23.64 -35.92
N ARG A 1187 44.78 22.67 -34.99
CA ARG A 1187 44.90 21.28 -35.39
C ARG A 1187 43.79 20.88 -36.34
N GLN A 1188 42.55 21.20 -35.97
CA GLN A 1188 41.42 20.95 -36.88
C GLN A 1188 41.56 21.77 -38.15
N CYS A 1189 41.91 23.05 -38.01
CA CYS A 1189 41.94 23.95 -39.16
C CYS A 1189 42.99 23.52 -40.17
N VAL A 1190 44.21 23.24 -39.71
CA VAL A 1190 45.26 22.82 -40.64
C VAL A 1190 44.88 21.50 -41.30
N GLU A 1191 44.32 20.57 -40.52
CA GLU A 1191 43.84 19.31 -41.10
C GLU A 1191 42.71 19.55 -42.09
N TYR A 1192 42.02 20.69 -41.99
CA TYR A 1192 41.00 21.06 -42.95
C TYR A 1192 41.57 21.75 -44.18
N ALA A 1193 42.90 21.90 -44.26
CA ALA A 1193 43.51 22.51 -45.43
C ALA A 1193 43.20 21.73 -46.70
N LEU A 1194 42.90 20.43 -46.59
CA LEU A 1194 42.53 19.60 -47.72
C LEU A 1194 41.05 19.71 -48.07
N LYS A 1195 40.36 20.71 -47.55
CA LYS A 1195 38.93 20.90 -47.78
C LYS A 1195 38.75 21.71 -49.07
N ALA A 1196 37.56 22.24 -49.29
CA ALA A 1196 37.24 23.00 -50.50
C ALA A 1196 37.27 22.10 -51.73
N ARG A 1197 36.45 21.05 -51.70
CA ARG A 1197 36.25 20.13 -52.81
C ARG A 1197 35.00 20.49 -53.58
N PRO A 1198 34.86 20.03 -54.82
CA PRO A 1198 33.61 20.29 -55.57
C PRO A 1198 32.41 19.74 -54.83
N LEU A 1199 31.31 20.50 -54.86
CA LEU A 1199 30.06 20.11 -54.22
C LEU A 1199 28.97 20.02 -55.28
N ARG A 1200 28.24 18.92 -55.28
CA ARG A 1200 27.22 18.67 -56.30
C ARG A 1200 26.14 19.74 -56.24
N ARG A 1201 26.00 20.50 -57.33
CA ARG A 1201 24.92 21.48 -57.48
C ARG A 1201 24.03 21.18 -58.66
N TYR A 1202 24.61 20.92 -59.83
CA TYR A 1202 23.87 20.56 -61.04
C TYR A 1202 22.76 21.57 -61.31
N ILE A 1203 23.19 22.80 -61.60
CA ILE A 1203 22.21 23.83 -61.99
C ILE A 1203 21.53 23.39 -63.29
N PRO A 1204 20.20 23.36 -63.35
CA PRO A 1204 19.55 22.85 -64.57
C PRO A 1204 19.94 23.65 -65.80
N LYS A 1205 20.10 22.93 -66.91
CA LYS A 1205 20.36 23.56 -68.20
C LYS A 1205 19.07 23.85 -68.96
N ASN A 1206 18.12 22.92 -68.92
CA ASN A 1206 16.84 23.13 -69.58
C ASN A 1206 16.04 24.20 -68.85
N GLN A 1207 15.41 25.08 -69.62
CA GLN A 1207 14.59 26.13 -69.02
C GLN A 1207 13.44 25.55 -68.22
N HIS A 1208 12.80 24.51 -68.75
CA HIS A 1208 11.67 23.90 -68.05
C HIS A 1208 12.12 23.33 -66.70
N GLN A 1209 13.27 22.66 -66.66
CA GLN A 1209 13.76 22.09 -65.41
C GLN A 1209 14.08 23.19 -64.40
N TYR A 1210 14.63 24.31 -64.87
CA TYR A 1210 15.02 25.38 -63.95
C TYR A 1210 13.82 25.94 -63.21
N LYS A 1211 12.68 26.10 -63.90
CA LYS A 1211 11.50 26.66 -63.26
C LYS A 1211 11.12 25.87 -62.01
N VAL A 1212 10.99 24.55 -62.15
CA VAL A 1212 10.66 23.71 -61.00
C VAL A 1212 11.82 23.68 -60.01
N TRP A 1213 13.05 23.71 -60.52
CA TRP A 1213 14.22 23.62 -59.64
C TRP A 1213 14.30 24.81 -58.69
N TYR A 1214 14.00 26.01 -59.19
CA TYR A 1214 14.08 27.20 -58.34
C TYR A 1214 13.07 27.12 -57.20
N VAL A 1215 11.82 26.81 -57.52
CA VAL A 1215 10.77 26.81 -56.49
C VAL A 1215 11.06 25.75 -55.44
N VAL A 1216 11.43 24.53 -55.87
CA VAL A 1216 11.70 23.47 -54.92
C VAL A 1216 12.90 23.81 -54.06
N ASN A 1217 13.90 24.48 -54.64
CA ASN A 1217 15.05 24.94 -53.89
C ASN A 1217 14.78 26.23 -53.11
N SER A 1218 13.62 26.85 -53.33
CA SER A 1218 13.31 28.10 -52.64
C SER A 1218 13.14 27.86 -51.15
N THR A 1219 13.54 28.87 -50.36
CA THR A 1219 13.31 28.80 -48.91
C THR A 1219 11.84 28.68 -48.60
N TYR A 1220 10.98 29.26 -49.43
CA TYR A 1220 9.54 29.14 -49.21
C TYR A 1220 9.11 27.68 -49.29
N PHE A 1221 9.63 26.94 -50.26
CA PHE A 1221 9.27 25.53 -50.39
C PHE A 1221 9.69 24.74 -49.17
N GLU A 1222 10.91 24.98 -48.67
CA GLU A 1222 11.37 24.26 -47.49
C GLU A 1222 10.48 24.55 -46.29
N TYR A 1223 10.16 25.83 -46.07
CA TYR A 1223 9.28 26.20 -44.96
C TYR A 1223 7.86 25.68 -45.20
N LEU A 1224 7.39 25.75 -46.44
CA LEU A 1224 6.03 25.29 -46.74
C LEU A 1224 5.85 23.83 -46.37
N MET A 1225 6.82 22.98 -46.76
CA MET A 1225 6.70 21.56 -46.46
C MET A 1225 6.70 21.30 -44.97
N PHE A 1226 7.54 22.02 -44.22
CA PHE A 1226 7.57 21.82 -42.77
C PHE A 1226 6.20 22.05 -42.16
N VAL A 1227 5.40 22.95 -42.74
CA VAL A 1227 4.03 23.13 -42.27
C VAL A 1227 3.23 21.87 -42.53
N LEU A 1228 3.38 21.28 -43.72
CA LEU A 1228 2.60 20.10 -44.07
C LEU A 1228 2.91 18.94 -43.12
N ILE A 1229 4.19 18.67 -42.89
CA ILE A 1229 4.56 17.53 -42.05
C ILE A 1229 4.04 17.73 -40.63
N LEU A 1230 4.16 18.95 -40.10
CA LEU A 1230 3.60 19.24 -38.78
C LEU A 1230 2.10 18.93 -38.77
N LEU A 1231 1.39 19.33 -39.82
CA LEU A 1231 -0.02 18.98 -39.93
C LEU A 1231 -0.20 17.48 -40.05
N ASN A 1232 0.73 16.80 -40.74
CA ASN A 1232 0.60 15.37 -40.94
C ASN A 1232 0.60 14.63 -39.62
N THR A 1233 1.53 14.98 -38.72
CA THR A 1233 1.55 14.35 -37.40
C THR A 1233 0.29 14.70 -36.62
N ILE A 1234 -0.18 15.94 -36.74
CA ILE A 1234 -1.40 16.33 -36.05
C ILE A 1234 -2.55 15.42 -36.46
N CYS A 1235 -2.62 15.09 -37.75
CA CYS A 1235 -3.60 14.10 -38.20
C CYS A 1235 -3.35 12.75 -37.55
N LEU A 1236 -2.08 12.34 -37.46
CA LEU A 1236 -1.75 11.05 -36.87
C LEU A 1236 -2.02 11.03 -35.37
N ALA A 1237 -2.06 12.21 -34.74
CA ALA A 1237 -2.34 12.30 -33.31
C ALA A 1237 -3.82 12.47 -33.00
N MET A 1238 -4.67 12.57 -34.02
CA MET A 1238 -6.09 12.85 -33.79
C MET A 1238 -6.84 11.61 -33.29
N GLN A 1239 -6.51 10.43 -33.81
CA GLN A 1239 -7.32 9.26 -33.52
C GLN A 1239 -7.25 8.92 -32.03
N HIS A 1240 -8.36 8.38 -31.52
CA HIS A 1240 -8.47 7.96 -30.14
C HIS A 1240 -9.42 6.77 -30.06
N TYR A 1241 -9.33 6.03 -28.97
CA TYR A 1241 -10.19 4.87 -28.81
C TYR A 1241 -11.65 5.29 -28.83
N GLY A 1242 -12.51 4.36 -29.25
CA GLY A 1242 -13.91 4.69 -29.43
C GLY A 1242 -14.13 5.73 -30.51
N GLN A 1243 -13.39 5.62 -31.61
CA GLN A 1243 -13.48 6.61 -32.67
C GLN A 1243 -14.78 6.46 -33.45
N SER A 1244 -15.22 7.57 -34.04
CA SER A 1244 -16.43 7.57 -34.84
C SER A 1244 -16.12 7.11 -36.26
N CYS A 1245 -17.04 6.31 -36.83
CA CYS A 1245 -16.84 5.82 -38.19
C CYS A 1245 -16.63 6.97 -39.17
N LEU A 1246 -17.39 8.04 -39.02
CA LEU A 1246 -17.16 9.22 -39.85
C LEU A 1246 -15.78 9.79 -39.60
N PHE A 1247 -15.37 9.87 -38.33
CA PHE A 1247 -14.04 10.39 -38.01
C PHE A 1247 -12.95 9.52 -38.63
N LYS A 1248 -13.11 8.20 -38.56
CA LYS A 1248 -12.11 7.32 -39.14
C LYS A 1248 -11.91 7.60 -40.62
N ILE A 1249 -13.01 7.82 -41.35
CA ILE A 1249 -12.92 8.11 -42.77
C ILE A 1249 -12.16 9.41 -43.00
N ALA A 1250 -12.47 10.44 -42.20
CA ALA A 1250 -11.85 11.74 -42.38
C ALA A 1250 -10.33 11.64 -42.23
N MET A 1251 -9.86 10.90 -41.22
CA MET A 1251 -8.41 10.71 -41.07
C MET A 1251 -7.82 10.02 -42.29
N ASN A 1252 -8.51 9.00 -42.79
CA ASN A 1252 -8.04 8.32 -43.99
C ASN A 1252 -8.02 9.26 -45.19
N ILE A 1253 -9.04 10.11 -45.30
CA ILE A 1253 -9.08 11.06 -46.42
C ILE A 1253 -7.87 11.97 -46.39
N LEU A 1254 -7.59 12.56 -45.22
CA LEU A 1254 -6.39 13.38 -45.09
C LEU A 1254 -5.13 12.56 -45.33
N ASN A 1255 -5.09 11.34 -44.79
CA ASN A 1255 -3.94 10.48 -45.02
C ASN A 1255 -3.72 10.24 -46.51
N MET A 1256 -4.79 10.01 -47.26
CA MET A 1256 -4.67 9.91 -48.70
C MET A 1256 -4.24 11.24 -49.31
N LEU A 1257 -4.80 12.34 -48.82
CA LEU A 1257 -4.44 13.65 -49.36
C LEU A 1257 -2.99 14.00 -49.05
N PHE A 1258 -2.59 13.87 -47.78
CA PHE A 1258 -1.26 14.31 -47.38
C PHE A 1258 -0.19 13.51 -48.09
N THR A 1259 -0.31 12.19 -48.10
CA THR A 1259 0.64 11.39 -48.85
C THR A 1259 0.66 11.79 -50.31
N GLY A 1260 -0.47 12.26 -50.84
CA GLY A 1260 -0.49 12.78 -52.19
C GLY A 1260 0.44 13.96 -52.37
N LEU A 1261 0.39 14.91 -51.43
CA LEU A 1261 1.28 16.05 -51.51
C LEU A 1261 2.75 15.63 -51.42
N PHE A 1262 3.05 14.70 -50.52
CA PHE A 1262 4.42 14.19 -50.43
C PHE A 1262 4.83 13.44 -51.68
N THR A 1263 3.87 12.96 -52.47
CA THR A 1263 4.20 12.45 -53.80
C THR A 1263 4.45 13.58 -54.78
N VAL A 1264 3.77 14.71 -54.63
CA VAL A 1264 4.09 15.90 -55.41
C VAL A 1264 5.51 16.34 -55.11
N GLU A 1265 5.90 16.29 -53.83
CA GLU A 1265 7.30 16.51 -53.47
C GLU A 1265 8.22 15.61 -54.28
N MET A 1266 7.85 14.33 -54.41
CA MET A 1266 8.63 13.41 -55.23
C MET A 1266 8.67 13.87 -56.68
N ILE A 1267 7.51 13.93 -57.32
CA ILE A 1267 7.46 14.25 -58.75
C ILE A 1267 8.11 15.61 -59.00
N LEU A 1268 7.77 16.60 -58.18
CA LEU A 1268 8.31 17.94 -58.39
C LEU A 1268 9.83 17.95 -58.20
N LYS A 1269 10.33 17.27 -57.18
CA LYS A 1269 11.77 17.27 -56.94
C LYS A 1269 12.53 16.50 -58.01
N LEU A 1270 12.06 15.30 -58.34
CA LEU A 1270 12.80 14.46 -59.30
C LEU A 1270 12.87 15.12 -60.68
N ILE A 1271 11.79 15.78 -61.09
CA ILE A 1271 11.82 16.50 -62.36
C ILE A 1271 12.83 17.64 -62.31
N ALA A 1272 12.98 18.27 -61.13
CA ALA A 1272 13.92 19.38 -61.03
C ALA A 1272 15.35 18.92 -61.33
N PHE A 1273 15.75 17.78 -60.78
CA PHE A 1273 17.06 17.22 -61.06
C PHE A 1273 16.95 15.71 -61.10
N LYS A 1274 17.69 15.08 -62.01
CA LYS A 1274 17.46 13.69 -62.33
C LYS A 1274 17.75 12.79 -61.14
N PRO A 1275 17.20 11.58 -61.13
CA PRO A 1275 17.29 10.73 -59.92
C PRO A 1275 18.71 10.53 -59.42
N LYS A 1276 19.70 10.44 -60.32
CA LYS A 1276 21.06 10.16 -59.87
C LYS A 1276 21.51 11.15 -58.81
N GLY A 1277 21.09 12.40 -58.90
CA GLY A 1277 21.32 13.35 -57.82
C GLY A 1277 20.41 13.16 -56.64
N TYR A 1278 19.24 12.54 -56.84
CA TYR A 1278 18.34 12.27 -55.73
C TYR A 1278 18.91 11.23 -54.78
N PHE A 1279 19.60 10.21 -55.32
CA PHE A 1279 20.28 9.25 -54.49
C PHE A 1279 21.51 9.82 -53.79
N SER A 1280 21.94 11.02 -54.16
CA SER A 1280 23.18 11.56 -53.61
C SER A 1280 23.07 11.74 -52.09
N ASP A 1281 22.03 12.43 -51.63
CA ASP A 1281 21.93 12.71 -50.20
C ASP A 1281 20.96 11.74 -49.53
N PRO A 1282 21.30 11.23 -48.35
CA PRO A 1282 20.42 10.25 -47.70
C PRO A 1282 19.03 10.77 -47.42
N TRP A 1283 18.89 12.07 -47.15
CA TRP A 1283 17.57 12.61 -46.84
C TRP A 1283 16.60 12.37 -47.99
N ASN A 1284 17.05 12.62 -49.22
CA ASN A 1284 16.23 12.28 -50.38
C ASN A 1284 16.03 10.77 -50.48
N VAL A 1285 17.07 10.00 -50.19
CA VAL A 1285 16.93 8.54 -50.17
C VAL A 1285 15.92 8.13 -49.12
N PHE A 1286 15.98 8.75 -47.94
CA PHE A 1286 15.03 8.44 -46.89
C PHE A 1286 13.60 8.77 -47.31
N ASP A 1287 13.43 9.61 -48.33
CA ASP A 1287 12.09 9.92 -48.82
C ASP A 1287 11.53 8.79 -49.68
N PHE A 1288 12.39 8.07 -50.39
CA PHE A 1288 11.93 6.98 -51.24
C PHE A 1288 11.03 6.02 -50.47
N LEU A 1289 11.57 5.39 -49.43
CA LEU A 1289 10.81 4.36 -48.72
C LEU A 1289 9.59 4.95 -48.01
N ILE A 1290 9.69 6.19 -47.55
CA ILE A 1290 8.59 6.77 -46.77
C ILE A 1290 7.36 6.94 -47.65
N VAL A 1291 7.51 7.60 -48.80
CA VAL A 1291 6.35 7.89 -49.64
C VAL A 1291 5.73 6.60 -50.16
N ILE A 1292 6.56 5.68 -50.65
CA ILE A 1292 6.04 4.43 -51.18
C ILE A 1292 5.37 3.64 -50.07
N GLY A 1293 5.95 3.65 -48.86
CA GLY A 1293 5.29 3.01 -47.74
C GLY A 1293 3.91 3.57 -47.48
N SER A 1294 3.76 4.87 -47.59
CA SER A 1294 2.44 5.48 -47.47
C SER A 1294 1.51 5.01 -48.58
N ILE A 1295 2.01 4.97 -49.82
CA ILE A 1295 1.15 4.66 -50.96
C ILE A 1295 0.61 3.25 -50.84
N ILE A 1296 1.48 2.28 -50.52
CA ILE A 1296 1.03 0.90 -50.42
C ILE A 1296 -0.04 0.77 -49.34
N ASP A 1297 0.11 1.52 -48.25
CA ASP A 1297 -0.93 1.53 -47.22
C ASP A 1297 -2.26 1.99 -47.79
N VAL A 1298 -2.24 3.03 -48.63
CA VAL A 1298 -3.47 3.49 -49.25
C VAL A 1298 -4.06 2.39 -50.14
N ILE A 1299 -3.20 1.71 -50.91
CA ILE A 1299 -3.67 0.61 -51.73
C ILE A 1299 -4.29 -0.47 -50.85
N LEU A 1300 -3.62 -0.82 -49.76
CA LEU A 1300 -4.18 -1.80 -48.82
C LEU A 1300 -5.49 -1.31 -48.22
N SER A 1301 -5.76 0.00 -48.26
CA SER A 1301 -7.03 0.52 -47.77
C SER A 1301 -8.19 0.19 -48.69
N GLU A 1302 -7.92 -0.25 -49.92
CA GLU A 1302 -9.01 -0.58 -50.84
C GLU A 1302 -9.86 -1.72 -50.30
N VAL A 1303 -9.22 -2.76 -49.77
CA VAL A 1303 -9.94 -3.85 -49.15
C VAL A 1303 -10.35 -3.44 -47.74
N ASN A 1304 -11.46 -4.02 -47.27
CA ASN A 1304 -12.06 -3.67 -45.98
C ASN A 1304 -12.26 -4.94 -45.16
N PRO A 1305 -11.20 -5.43 -44.51
CA PRO A 1305 -11.38 -6.58 -43.60
C PRO A 1305 -12.36 -6.30 -42.48
N ALA A 1306 -12.49 -5.04 -42.07
CA ALA A 1306 -13.43 -4.64 -41.03
C ALA A 1306 -14.56 -3.82 -41.64
N GLU A 1307 -15.65 -3.72 -40.90
CA GLU A 1307 -16.84 -2.98 -41.34
C GLU A 1307 -17.04 -1.76 -40.46
N HIS A 1308 -17.48 -0.67 -41.07
CA HIS A 1308 -17.77 0.57 -40.35
C HIS A 1308 -19.20 0.53 -39.79
N THR A 1309 -19.43 -0.47 -38.94
CA THR A 1309 -20.75 -0.67 -38.35
C THR A 1309 -20.97 0.30 -37.19
N SER A 1324 -3.64 -9.05 -40.20
CA SER A 1324 -3.47 -7.77 -40.86
C SER A 1324 -2.12 -7.16 -40.51
N ILE A 1325 -1.40 -6.69 -41.52
CA ILE A 1325 -0.08 -6.10 -41.34
C ILE A 1325 -0.25 -4.61 -41.11
N THR A 1326 0.32 -4.13 -40.00
CA THR A 1326 0.23 -2.72 -39.61
C THR A 1326 1.63 -2.13 -39.42
N PHE A 1327 2.57 -2.53 -40.27
CA PHE A 1327 3.95 -2.10 -40.17
C PHE A 1327 4.27 -0.89 -41.03
N PHE A 1328 3.55 -0.69 -42.13
CA PHE A 1328 3.80 0.45 -42.99
C PHE A 1328 3.09 1.71 -42.54
N ARG A 1329 2.21 1.61 -41.55
CA ARG A 1329 1.52 2.79 -41.04
C ARG A 1329 2.45 3.68 -40.23
N LEU A 1330 3.55 3.14 -39.71
CA LEU A 1330 4.47 3.92 -38.90
C LEU A 1330 5.40 4.79 -39.72
N PHE A 1331 5.51 4.53 -41.03
CA PHE A 1331 6.41 5.33 -41.85
C PHE A 1331 5.95 6.78 -41.93
N ARG A 1332 4.64 7.03 -41.80
CA ARG A 1332 4.14 8.39 -41.84
C ARG A 1332 4.75 9.23 -40.72
N VAL A 1333 4.68 8.74 -39.49
CA VAL A 1333 5.18 9.51 -38.35
C VAL A 1333 6.70 9.61 -38.40
N MET A 1334 7.37 8.54 -38.83
CA MET A 1334 8.82 8.52 -38.78
C MET A 1334 9.44 9.61 -39.64
N ARG A 1335 8.69 10.17 -40.59
CA ARG A 1335 9.22 11.25 -41.41
C ARG A 1335 9.50 12.50 -40.61
N LEU A 1336 8.99 12.59 -39.38
CA LEU A 1336 9.16 13.79 -38.58
C LEU A 1336 10.62 14.10 -38.29
N VAL A 1337 11.52 13.11 -38.40
CA VAL A 1337 12.92 13.36 -38.11
C VAL A 1337 13.47 14.43 -39.04
N LYS A 1338 12.99 14.47 -40.28
CA LYS A 1338 13.44 15.49 -41.23
C LYS A 1338 13.26 16.88 -40.64
N LEU A 1339 12.22 17.09 -39.84
CA LEU A 1339 12.06 18.37 -39.15
C LEU A 1339 13.19 18.60 -38.17
N LEU A 1340 13.63 17.54 -37.47
CA LEU A 1340 14.67 17.69 -36.47
C LEU A 1340 15.97 18.23 -37.06
N SER A 1341 16.31 17.80 -38.28
CA SER A 1341 17.55 18.23 -38.91
C SER A 1341 17.59 19.73 -39.17
N ARG A 1342 16.43 20.40 -39.17
CA ARG A 1342 16.41 21.82 -39.48
C ARG A 1342 17.22 22.62 -38.45
N GLY A 1343 17.05 22.30 -37.17
CA GLY A 1343 17.77 23.01 -36.13
C GLY A 1343 19.27 22.85 -36.26
N GLU A 1344 19.99 23.97 -36.38
CA GLU A 1344 21.44 23.90 -36.52
C GLU A 1344 22.09 23.41 -35.24
N GLY A 1345 21.60 23.85 -34.08
CA GLY A 1345 22.22 23.47 -32.83
C GLY A 1345 22.07 21.99 -32.52
N ILE A 1346 20.87 21.43 -32.73
CA ILE A 1346 20.61 20.06 -32.31
C ILE A 1346 21.35 19.08 -33.21
N ARG A 1347 21.31 19.29 -34.52
CA ARG A 1347 21.89 18.30 -35.43
C ARG A 1347 23.39 18.13 -35.18
N THR A 1348 24.10 19.24 -34.99
CA THR A 1348 25.53 19.14 -34.70
C THR A 1348 25.77 18.49 -33.34
N LEU A 1349 24.90 18.77 -32.36
CA LEU A 1349 25.02 18.11 -31.06
C LEU A 1349 24.83 16.61 -31.19
N LEU A 1350 23.84 16.19 -31.97
CA LEU A 1350 23.61 14.76 -32.15
C LEU A 1350 24.66 14.14 -33.08
N TRP A 1351 25.02 14.84 -34.15
CA TRP A 1351 25.92 14.27 -35.13
C TRP A 1351 27.25 13.88 -34.50
N THR A 1352 27.82 14.76 -33.67
CA THR A 1352 29.09 14.45 -33.03
C THR A 1352 28.96 13.25 -32.10
N PHE A 1353 27.87 13.19 -31.33
CA PHE A 1353 27.69 12.07 -30.41
C PHE A 1353 27.47 10.77 -31.17
N ILE A 1354 26.60 10.78 -32.18
CA ILE A 1354 26.40 9.59 -33.01
C ILE A 1354 27.72 9.19 -33.66
N LYS A 1355 28.49 10.16 -34.13
CA LYS A 1355 29.79 9.85 -34.73
C LYS A 1355 30.72 9.24 -33.69
N SER A 1356 30.72 9.78 -32.47
CA SER A 1356 31.62 9.27 -31.44
C SER A 1356 31.32 7.82 -31.11
N PHE A 1357 30.03 7.46 -30.99
CA PHE A 1357 29.67 6.07 -30.70
C PHE A 1357 30.29 5.12 -31.72
N GLN A 1358 30.40 5.55 -32.98
CA GLN A 1358 31.03 4.71 -33.98
C GLN A 1358 32.52 4.56 -33.73
N ALA A 1359 33.17 5.60 -33.22
CA ALA A 1359 34.61 5.56 -32.97
C ALA A 1359 34.98 4.71 -31.75
N LEU A 1360 34.00 4.32 -30.94
CA LEU A 1360 34.25 3.52 -29.73
C LEU A 1360 33.32 2.31 -29.76
N PRO A 1361 33.49 1.41 -30.73
CA PRO A 1361 32.60 0.24 -30.81
C PRO A 1361 32.99 -0.86 -29.83
N TYR A 1362 34.29 -1.03 -29.60
CA TYR A 1362 34.73 -2.13 -28.75
C TYR A 1362 34.30 -1.93 -27.31
N VAL A 1363 34.20 -0.68 -26.84
CA VAL A 1363 33.69 -0.43 -25.49
C VAL A 1363 32.25 -0.90 -25.39
N ALA A 1364 31.44 -0.58 -26.39
CA ALA A 1364 30.06 -1.06 -26.41
C ALA A 1364 30.01 -2.58 -26.51
N LEU A 1365 31.05 -3.20 -27.08
CA LEU A 1365 31.08 -4.66 -27.13
C LEU A 1365 31.31 -5.25 -25.76
N LEU A 1366 32.07 -4.57 -24.90
CA LEU A 1366 32.33 -5.08 -23.56
C LEU A 1366 31.05 -5.22 -22.76
N ILE A 1367 30.17 -4.21 -22.83
CA ILE A 1367 28.89 -4.31 -22.13
C ILE A 1367 28.05 -5.42 -22.73
N VAL A 1368 28.17 -5.66 -24.03
CA VAL A 1368 27.48 -6.78 -24.65
C VAL A 1368 27.98 -8.09 -24.07
N MET A 1369 29.29 -8.23 -23.90
CA MET A 1369 29.83 -9.45 -23.32
C MET A 1369 29.36 -9.64 -21.89
N LEU A 1370 29.21 -8.55 -21.13
CA LEU A 1370 28.72 -8.67 -19.76
C LEU A 1370 27.32 -9.27 -19.74
N PHE A 1371 26.43 -8.79 -20.62
CA PHE A 1371 25.08 -9.34 -20.67
C PHE A 1371 25.09 -10.81 -21.04
N PHE A 1372 25.89 -11.19 -22.03
CA PHE A 1372 25.92 -12.58 -22.47
C PHE A 1372 26.47 -13.49 -21.37
N ILE A 1373 27.56 -13.08 -20.73
CA ILE A 1373 28.17 -13.92 -19.71
C ILE A 1373 27.21 -14.13 -18.55
N TYR A 1374 26.58 -13.04 -18.09
CA TYR A 1374 25.67 -13.16 -16.95
C TYR A 1374 24.37 -13.82 -17.34
N ALA A 1375 23.91 -13.61 -18.58
CA ALA A 1375 22.68 -14.28 -19.03
C ALA A 1375 22.85 -15.79 -19.00
N VAL A 1376 24.01 -16.29 -19.42
CA VAL A 1376 24.23 -17.72 -19.46
C VAL A 1376 24.29 -18.30 -18.05
N ILE A 1377 25.05 -17.65 -17.16
CA ILE A 1377 25.17 -18.14 -15.80
C ILE A 1377 23.79 -18.19 -15.14
N GLY A 1378 23.05 -17.08 -15.23
CA GLY A 1378 21.70 -17.08 -14.70
C GLY A 1378 20.80 -18.08 -15.40
N MET A 1379 21.02 -18.28 -16.71
CA MET A 1379 20.20 -19.23 -17.46
C MET A 1379 20.26 -20.63 -16.86
N GLN A 1380 21.40 -21.02 -16.29
CA GLN A 1380 21.62 -22.39 -15.84
C GLN A 1380 21.32 -22.58 -14.36
N VAL A 1381 21.92 -21.75 -13.49
CA VAL A 1381 21.72 -21.92 -12.06
C VAL A 1381 20.26 -21.66 -11.69
N PHE A 1382 19.66 -20.61 -12.26
CA PHE A 1382 18.25 -20.29 -12.05
C PHE A 1382 17.37 -20.73 -13.21
N GLY A 1383 17.82 -21.70 -14.00
CA GLY A 1383 17.05 -22.11 -15.17
C GLY A 1383 15.73 -22.76 -14.81
N LYS A 1384 15.73 -23.61 -13.77
CA LYS A 1384 14.60 -24.47 -13.48
C LYS A 1384 13.71 -23.93 -12.36
N ILE A 1385 13.73 -22.63 -12.13
CA ILE A 1385 12.84 -22.06 -11.11
C ILE A 1385 11.40 -22.25 -11.55
N ALA A 1386 10.51 -22.39 -10.57
CA ALA A 1386 9.10 -22.64 -10.85
C ALA A 1386 8.41 -21.34 -11.23
N LEU A 1387 7.90 -21.28 -12.47
CA LEU A 1387 7.14 -20.13 -12.90
C LEU A 1387 5.80 -20.08 -12.16
N ASN A 1388 5.37 -18.88 -11.80
CA ASN A 1388 4.06 -18.70 -11.18
C ASN A 1388 3.76 -17.22 -11.08
N ASP A 1389 2.51 -16.86 -11.28
CA ASP A 1389 2.09 -15.48 -11.08
C ASP A 1389 2.26 -15.10 -9.61
N THR A 1390 2.09 -13.81 -9.34
CA THR A 1390 2.26 -13.24 -8.01
C THR A 1390 3.71 -13.24 -7.55
N THR A 1391 4.64 -13.64 -8.41
CA THR A 1391 6.06 -13.63 -8.09
C THR A 1391 6.82 -13.09 -9.29
N GLU A 1392 8.01 -12.55 -9.02
CA GLU A 1392 8.78 -11.91 -10.07
C GLU A 1392 9.14 -12.90 -11.17
N ILE A 1393 9.55 -14.12 -10.79
CA ILE A 1393 9.85 -15.16 -11.76
C ILE A 1393 8.54 -15.79 -12.19
N ASN A 1394 7.95 -15.26 -13.27
CA ASN A 1394 6.62 -15.67 -13.71
C ASN A 1394 6.65 -15.84 -15.22
N ARG A 1395 5.46 -15.94 -15.82
CA ARG A 1395 5.38 -16.16 -17.26
C ARG A 1395 6.13 -15.08 -18.03
N ASN A 1396 6.16 -13.84 -17.52
CA ASN A 1396 6.78 -12.73 -18.21
C ASN A 1396 8.21 -12.44 -17.75
N ASN A 1397 8.73 -13.22 -16.80
CA ASN A 1397 10.10 -13.05 -16.32
C ASN A 1397 10.64 -14.40 -15.92
N ASN A 1398 11.73 -14.81 -16.55
CA ASN A 1398 12.33 -16.11 -16.22
C ASN A 1398 13.64 -16.31 -16.98
N PHE A 1399 14.54 -17.11 -16.41
CA PHE A 1399 15.80 -17.45 -17.05
C PHE A 1399 15.70 -18.75 -17.85
N GLN A 1400 14.70 -18.84 -18.72
CA GLN A 1400 14.45 -20.07 -19.48
C GLN A 1400 15.04 -20.00 -20.88
N THR A 1401 14.65 -19.00 -21.66
CA THR A 1401 15.17 -18.80 -23.00
C THR A 1401 16.10 -17.59 -23.00
N PHE A 1402 17.12 -17.64 -23.85
CA PHE A 1402 18.12 -16.57 -23.88
C PHE A 1402 17.50 -15.21 -24.09
N PRO A 1403 16.58 -15.00 -25.04
CA PRO A 1403 15.93 -13.68 -25.13
C PRO A 1403 15.25 -13.25 -23.84
N GLN A 1404 14.56 -14.17 -23.17
CA GLN A 1404 13.90 -13.82 -21.92
C GLN A 1404 14.92 -13.50 -20.83
N ALA A 1405 16.00 -14.28 -20.76
CA ALA A 1405 17.01 -14.03 -19.74
C ALA A 1405 17.66 -12.67 -19.93
N VAL A 1406 18.03 -12.34 -21.16
CA VAL A 1406 18.70 -11.07 -21.43
C VAL A 1406 17.77 -9.91 -21.08
N LEU A 1407 16.48 -10.06 -21.37
CA LEU A 1407 15.53 -9.02 -21.01
C LEU A 1407 15.47 -8.81 -19.50
N LEU A 1408 15.48 -9.91 -18.75
CA LEU A 1408 15.50 -9.80 -17.29
C LEU A 1408 16.78 -9.13 -16.81
N LEU A 1409 17.91 -9.45 -17.44
CA LEU A 1409 19.15 -8.75 -17.11
C LEU A 1409 19.04 -7.27 -17.47
N PHE A 1410 18.45 -6.96 -18.63
CA PHE A 1410 18.19 -5.58 -18.98
C PHE A 1410 17.24 -4.94 -17.98
N ARG A 1411 16.22 -5.69 -17.56
CA ARG A 1411 15.27 -5.17 -16.57
C ARG A 1411 15.99 -4.80 -15.27
N CYS A 1412 16.87 -5.68 -14.79
CA CYS A 1412 17.63 -5.38 -13.59
C CYS A 1412 18.63 -4.26 -13.83
N ALA A 1413 19.10 -4.10 -15.07
CA ALA A 1413 20.07 -3.04 -15.36
C ALA A 1413 19.49 -1.67 -15.06
N THR A 1414 18.25 -1.43 -15.48
CA THR A 1414 17.59 -0.16 -15.24
C THR A 1414 16.99 -0.06 -13.84
N GLY A 1415 17.35 -0.98 -12.94
CA GLY A 1415 16.85 -0.93 -11.57
C GLY A 1415 15.35 -0.83 -11.51
N GLU A 1416 14.65 -1.89 -11.93
CA GLU A 1416 13.20 -1.94 -11.92
C GLU A 1416 12.80 -3.14 -11.07
N ALA A 1417 12.69 -2.92 -9.75
CA ALA A 1417 12.32 -3.98 -8.81
C ALA A 1417 13.27 -5.17 -8.90
N TRP A 1418 14.55 -4.89 -9.20
CA TRP A 1418 15.52 -5.98 -9.30
C TRP A 1418 15.67 -6.69 -7.96
N GLN A 1419 15.66 -5.94 -6.86
CA GLN A 1419 15.77 -6.55 -5.54
C GLN A 1419 14.66 -7.57 -5.32
N ASP A 1420 13.48 -7.33 -5.88
CA ASP A 1420 12.40 -8.30 -5.73
C ASP A 1420 12.70 -9.60 -6.47
N ILE A 1421 13.35 -9.51 -7.63
CA ILE A 1421 13.78 -10.72 -8.33
C ILE A 1421 14.80 -11.48 -7.49
N MET A 1422 15.74 -10.76 -6.89
CA MET A 1422 16.80 -11.42 -6.12
C MET A 1422 16.21 -12.34 -5.06
N LEU A 1423 15.10 -11.93 -4.44
CA LEU A 1423 14.43 -12.79 -3.47
C LEU A 1423 13.73 -13.97 -4.13
N ALA A 1424 13.39 -13.86 -5.41
CA ALA A 1424 12.70 -14.95 -6.09
C ALA A 1424 13.63 -16.10 -6.43
N CYS A 1425 14.92 -15.82 -6.67
CA CYS A 1425 15.89 -16.84 -7.01
C CYS A 1425 16.63 -17.40 -5.80
N MET A 1426 16.28 -16.96 -4.59
CA MET A 1426 16.91 -17.52 -3.40
C MET A 1426 16.52 -18.99 -3.25
N PRO A 1427 17.33 -19.79 -2.58
CA PRO A 1427 17.06 -21.23 -2.51
C PRO A 1427 15.80 -21.52 -1.72
N GLY A 1428 15.22 -22.69 -2.00
CA GLY A 1428 14.00 -23.12 -1.37
C GLY A 1428 12.74 -22.89 -2.18
N LYS A 1429 12.87 -22.49 -3.45
CA LYS A 1429 11.72 -22.22 -4.30
C LYS A 1429 11.34 -23.49 -5.06
N LYS A 1430 10.03 -23.69 -5.24
CA LYS A 1430 9.54 -24.85 -5.97
C LYS A 1430 10.22 -24.91 -7.33
N CYS A 1431 10.30 -26.11 -7.91
CA CYS A 1431 11.05 -26.30 -9.14
C CYS A 1431 10.09 -26.34 -10.33
N ALA A 1432 10.67 -26.29 -11.52
CA ALA A 1432 9.86 -26.29 -12.73
C ALA A 1432 9.10 -27.61 -12.84
N PRO A 1433 7.85 -27.59 -13.33
CA PRO A 1433 7.14 -28.86 -13.54
C PRO A 1433 7.87 -29.79 -14.49
N GLU A 1434 8.62 -29.25 -15.45
CA GLU A 1434 9.38 -30.09 -16.37
C GLU A 1434 10.36 -30.99 -15.64
N SER A 1435 10.98 -30.49 -14.57
CA SER A 1435 11.97 -31.27 -13.85
C SER A 1435 11.37 -32.59 -13.39
N GLU A 1436 12.12 -33.68 -13.60
CA GLU A 1436 11.64 -35.02 -13.26
C GLU A 1436 12.46 -35.60 -12.12
N PRO A 1446 14.06 -26.06 -3.11
CA PRO A 1446 14.81 -27.27 -3.47
C PRO A 1446 15.41 -27.21 -4.88
N CYS A 1447 15.20 -26.09 -5.57
CA CYS A 1447 15.58 -25.98 -6.97
C CYS A 1447 16.11 -24.60 -7.34
N GLY A 1448 16.19 -23.67 -6.41
CA GLY A 1448 16.84 -22.39 -6.61
C GLY A 1448 18.29 -22.44 -6.18
N SER A 1449 18.84 -21.26 -5.90
CA SER A 1449 20.24 -21.16 -5.50
C SER A 1449 20.42 -19.94 -4.60
N SER A 1450 21.49 -20.00 -3.79
CA SER A 1450 21.93 -18.87 -2.98
C SER A 1450 22.96 -18.01 -3.69
N PHE A 1451 23.37 -18.38 -4.90
CA PHE A 1451 24.28 -17.56 -5.69
C PHE A 1451 23.64 -16.26 -6.14
N ALA A 1452 22.32 -16.13 -6.01
CA ALA A 1452 21.64 -14.96 -6.52
C ALA A 1452 22.13 -13.68 -5.86
N VAL A 1453 22.35 -13.71 -4.54
CA VAL A 1453 22.72 -12.49 -3.82
C VAL A 1453 24.00 -11.90 -4.40
N PHE A 1454 24.96 -12.75 -4.76
CA PHE A 1454 26.14 -12.28 -5.46
C PHE A 1454 25.87 -12.02 -6.93
N TYR A 1455 24.98 -12.79 -7.54
CA TYR A 1455 24.74 -12.67 -8.97
C TYR A 1455 24.19 -11.30 -9.33
N PHE A 1456 23.11 -10.88 -8.67
CA PHE A 1456 22.46 -9.63 -9.02
C PHE A 1456 23.23 -8.43 -8.48
N ILE A 1457 23.78 -8.54 -7.28
CA ILE A 1457 24.60 -7.46 -6.75
C ILE A 1457 25.81 -7.22 -7.64
N SER A 1458 26.49 -8.31 -8.03
CA SER A 1458 27.66 -8.19 -8.88
C SER A 1458 27.29 -7.62 -10.24
N PHE A 1459 26.19 -8.09 -10.83
CA PHE A 1459 25.79 -7.61 -12.15
C PHE A 1459 25.51 -6.12 -12.11
N TYR A 1460 24.75 -5.66 -11.12
CA TYR A 1460 24.40 -4.25 -11.07
C TYR A 1460 25.63 -3.38 -10.92
N MET A 1461 26.56 -3.78 -10.05
CA MET A 1461 27.80 -3.02 -9.90
C MET A 1461 28.60 -3.03 -11.19
N LEU A 1462 28.82 -4.21 -11.77
CA LEU A 1462 29.58 -4.29 -13.01
C LEU A 1462 28.85 -3.58 -14.14
N CYS A 1463 27.55 -3.83 -14.27
CA CYS A 1463 26.78 -3.16 -15.32
C CYS A 1463 26.78 -1.66 -15.12
N ALA A 1464 26.59 -1.19 -13.88
CA ALA A 1464 26.59 0.23 -13.63
C ALA A 1464 27.95 0.85 -13.94
N PHE A 1465 29.04 0.11 -13.67
CA PHE A 1465 30.37 0.64 -13.93
C PHE A 1465 30.64 0.73 -15.43
N LEU A 1466 30.34 -0.34 -16.17
CA LEU A 1466 30.62 -0.34 -17.60
C LEU A 1466 29.83 0.74 -18.32
N ILE A 1467 28.56 0.92 -17.93
CA ILE A 1467 27.77 2.01 -18.50
C ILE A 1467 28.45 3.35 -18.20
N ILE A 1468 28.97 3.51 -16.98
CA ILE A 1468 29.69 4.74 -16.66
C ILE A 1468 30.90 4.89 -17.58
N ASN A 1469 31.65 3.80 -17.78
CA ASN A 1469 32.79 3.85 -18.68
C ASN A 1469 32.35 4.15 -20.10
N LEU A 1470 31.26 3.53 -20.54
CA LEU A 1470 30.76 3.79 -21.89
C LEU A 1470 30.32 5.24 -22.04
N PHE A 1471 29.58 5.76 -21.05
CA PHE A 1471 29.12 7.14 -21.11
C PHE A 1471 30.30 8.10 -21.14
N VAL A 1472 31.22 7.97 -20.19
CA VAL A 1472 32.31 8.93 -20.09
C VAL A 1472 33.24 8.81 -21.30
N ALA A 1473 33.43 7.59 -21.80
CA ALA A 1473 34.31 7.41 -22.96
C ALA A 1473 33.81 8.22 -24.15
N VAL A 1474 32.50 8.22 -24.38
CA VAL A 1474 31.94 9.01 -25.47
C VAL A 1474 32.07 10.50 -25.17
N ILE A 1475 31.83 10.90 -23.91
CA ILE A 1475 31.97 12.31 -23.56
C ILE A 1475 33.38 12.79 -23.84
N MET A 1476 34.38 12.05 -23.37
CA MET A 1476 35.75 12.54 -23.45
C MET A 1476 36.25 12.52 -24.89
N ASP A 1477 35.98 11.44 -25.62
CA ASP A 1477 36.40 11.39 -27.02
C ASP A 1477 35.74 12.49 -27.83
N ASN A 1478 34.64 13.06 -27.34
CA ASN A 1478 33.95 14.17 -27.98
C ASN A 1478 34.03 15.43 -27.12
N PHE A 1479 35.05 15.54 -26.27
CA PHE A 1479 35.13 16.65 -25.34
C PHE A 1479 35.41 17.97 -26.04
N ASP A 1480 35.89 17.94 -27.28
CA ASP A 1480 36.20 19.18 -27.98
C ASP A 1480 34.94 20.03 -28.18
N TYR A 1481 33.89 19.44 -28.74
CA TYR A 1481 32.68 20.20 -29.00
C TYR A 1481 31.98 20.61 -27.72
N LEU A 1482 31.98 19.72 -26.71
CA LEU A 1482 31.24 20.00 -25.50
C LEU A 1482 31.77 21.25 -24.80
N THR A 1483 33.09 21.41 -24.73
CA THR A 1483 33.72 22.58 -24.15
C THR A 1483 34.29 23.43 -25.28
N ARG A 1484 33.43 24.28 -25.84
CA ARG A 1484 33.83 25.20 -26.90
C ARG A 1484 33.13 26.53 -26.66
N ASP A 1485 33.92 27.60 -26.51
CA ASP A 1485 33.34 28.90 -26.16
C ASP A 1485 32.39 29.43 -27.23
N TRP A 1486 32.46 28.88 -28.45
CA TRP A 1486 31.61 29.26 -29.57
C TRP A 1486 31.86 30.68 -30.04
N SER A 1487 32.91 31.34 -29.55
CA SER A 1487 33.31 32.67 -30.00
C SER A 1487 34.41 32.61 -31.04
N ILE A 1488 35.49 31.88 -30.75
CA ILE A 1488 36.53 31.68 -31.75
C ILE A 1488 35.95 30.91 -32.94
N LEU A 1489 36.53 31.14 -34.12
CA LEU A 1489 36.04 30.47 -35.31
C LEU A 1489 36.21 28.96 -35.18
N GLY A 1490 35.24 28.21 -35.70
CA GLY A 1490 35.25 26.77 -35.61
C GLY A 1490 34.95 26.11 -36.94
N PRO A 1491 34.91 24.77 -36.95
CA PRO A 1491 34.62 24.07 -38.22
C PRO A 1491 33.29 24.47 -38.83
N HIS A 1492 32.29 24.80 -38.01
CA HIS A 1492 31.00 25.23 -38.54
C HIS A 1492 31.17 26.42 -39.47
N HIS A 1493 32.03 27.38 -39.08
CA HIS A 1493 32.22 28.56 -39.91
C HIS A 1493 32.79 28.19 -41.28
N LEU A 1494 33.72 27.25 -41.31
CA LEU A 1494 34.29 26.82 -42.59
C LEU A 1494 33.21 26.19 -43.47
N ASP A 1495 32.35 25.36 -42.89
CA ASP A 1495 31.32 24.67 -43.68
C ASP A 1495 30.38 25.68 -44.33
N GLU A 1496 29.83 26.60 -43.55
CA GLU A 1496 28.96 27.61 -44.13
C GLU A 1496 29.68 28.47 -45.14
N PHE A 1497 30.99 28.65 -44.96
CA PHE A 1497 31.79 29.33 -45.98
C PHE A 1497 31.83 28.51 -47.28
N LYS A 1498 31.92 27.19 -47.16
CA LYS A 1498 31.88 26.34 -48.34
C LYS A 1498 30.55 26.45 -49.06
N ARG A 1499 29.44 26.44 -48.31
CA ARG A 1499 28.12 26.46 -48.94
C ARG A 1499 27.93 27.74 -49.75
N ILE A 1500 28.28 28.89 -49.18
CA ILE A 1500 28.18 30.14 -49.93
C ILE A 1500 29.14 30.12 -51.11
N TRP A 1501 30.36 29.62 -50.90
CA TRP A 1501 31.29 29.48 -52.02
C TRP A 1501 30.76 28.50 -53.06
N ALA A 1502 30.18 27.40 -52.60
CA ALA A 1502 29.57 26.44 -53.54
C ALA A 1502 28.45 27.09 -54.32
N GLU A 1503 27.54 27.78 -53.63
CA GLU A 1503 26.52 28.56 -54.31
C GLU A 1503 27.16 29.65 -55.17
N TYR A 1504 28.32 30.15 -54.75
CA TYR A 1504 29.08 31.11 -55.54
C TYR A 1504 29.99 30.45 -56.57
N ASP A 1505 30.16 29.12 -56.50
CA ASP A 1505 31.03 28.40 -57.43
C ASP A 1505 30.61 26.94 -57.55
N PRO A 1506 30.28 26.46 -58.76
CA PRO A 1506 29.92 25.04 -58.90
C PRO A 1506 31.13 24.12 -58.83
N GLU A 1507 30.91 22.84 -59.09
CA GLU A 1507 31.94 21.82 -58.92
C GLU A 1507 33.25 22.21 -59.59
N ALA A 1508 34.29 22.39 -58.77
CA ALA A 1508 35.68 22.49 -59.23
C ALA A 1508 35.80 23.40 -60.45
N LYS A 1509 35.42 24.66 -60.27
CA LYS A 1509 35.55 25.67 -61.31
C LYS A 1509 36.22 26.94 -60.81
N GLY A 1510 36.72 26.95 -59.57
CA GLY A 1510 37.26 28.16 -59.00
C GLY A 1510 38.70 28.02 -58.52
N ARG A 1511 39.58 28.86 -59.06
CA ARG A 1511 40.96 28.98 -58.59
C ARG A 1511 41.21 30.32 -57.95
N ILE A 1512 40.99 31.42 -58.68
CA ILE A 1512 40.93 32.74 -58.06
C ILE A 1512 39.59 33.38 -58.42
N LYS A 1513 39.40 33.68 -59.71
CA LYS A 1513 38.11 34.10 -60.26
C LYS A 1513 37.40 35.14 -59.39
N HIS A 1514 38.15 35.91 -58.60
CA HIS A 1514 37.56 36.82 -57.63
C HIS A 1514 37.68 38.26 -58.15
N LEU A 1515 36.53 38.87 -58.42
CA LEU A 1515 36.49 40.27 -58.85
C LEU A 1515 35.36 41.05 -58.18
N ASP A 1516 34.62 40.44 -57.25
CA ASP A 1516 33.51 41.11 -56.57
C ASP A 1516 33.53 40.73 -55.11
N VAL A 1517 32.86 41.54 -54.29
CA VAL A 1517 32.83 41.35 -52.85
C VAL A 1517 31.55 40.62 -52.42
N VAL A 1518 30.93 39.87 -53.34
CA VAL A 1518 29.72 39.12 -53.01
C VAL A 1518 29.94 38.21 -51.81
N THR A 1519 31.19 37.83 -51.54
CA THR A 1519 31.52 37.01 -50.37
C THR A 1519 31.59 37.89 -49.12
N LEU A 1520 30.48 38.59 -48.87
CA LEU A 1520 30.34 39.45 -47.70
C LEU A 1520 29.54 38.78 -46.60
N LEU A 1521 29.18 37.51 -46.77
CA LEU A 1521 28.36 36.82 -45.77
C LEU A 1521 29.05 36.75 -44.42
N ARG A 1522 30.38 36.90 -44.38
CA ARG A 1522 31.09 36.90 -43.11
C ARG A 1522 30.60 38.07 -42.25
N ARG A 1523 30.01 37.75 -41.10
CA ARG A 1523 29.56 38.75 -40.16
C ARG A 1523 30.67 39.04 -39.15
N ILE A 1524 30.33 39.71 -38.06
CA ILE A 1524 31.32 40.06 -37.03
C ILE A 1524 32.19 38.86 -36.70
N GLN A 1525 31.63 37.67 -36.71
CA GLN A 1525 32.42 36.46 -36.46
C GLN A 1525 33.30 36.17 -37.68
N PRO A 1526 34.63 36.02 -37.52
CA PRO A 1526 35.48 35.74 -38.67
C PRO A 1526 35.04 34.51 -39.46
N CYS A 1534 32.94 46.52 -45.34
CA CYS A 1534 34.38 46.75 -45.35
C CYS A 1534 34.81 47.58 -44.14
N PRO A 1535 34.73 47.00 -42.94
CA PRO A 1535 35.13 47.75 -41.75
C PRO A 1535 36.62 48.01 -41.69
N HIS A 1536 37.00 49.28 -41.81
CA HIS A 1536 38.40 49.71 -41.78
C HIS A 1536 39.22 49.12 -42.92
N ARG A 1537 38.55 48.64 -43.98
CA ARG A 1537 39.20 48.11 -45.16
C ARG A 1537 40.09 46.90 -44.84
N VAL A 1538 39.89 46.29 -43.67
CA VAL A 1538 40.70 45.13 -43.31
C VAL A 1538 40.41 43.96 -44.26
N ALA A 1539 39.16 43.84 -44.72
CA ALA A 1539 38.82 42.76 -45.64
C ALA A 1539 39.62 42.88 -46.93
N CYS A 1540 39.76 44.10 -47.46
CA CYS A 1540 40.55 44.29 -48.67
C CYS A 1540 42.01 43.89 -48.45
N LYS A 1541 42.59 44.31 -47.32
CA LYS A 1541 43.94 43.88 -47.00
C LYS A 1541 44.01 42.38 -46.80
N ARG A 1542 43.04 41.81 -46.08
CA ARG A 1542 43.00 40.37 -45.91
C ARG A 1542 42.79 39.67 -47.25
N LEU A 1543 41.90 40.21 -48.09
CA LEU A 1543 41.66 39.60 -49.40
C LEU A 1543 42.92 39.62 -50.24
N VAL A 1544 43.66 40.74 -50.21
CA VAL A 1544 44.92 40.81 -50.96
C VAL A 1544 45.90 39.79 -50.43
N SER A 1545 46.01 39.65 -49.11
CA SER A 1545 46.90 38.68 -48.50
C SER A 1545 46.35 37.27 -48.65
N ASN A 1559 40.45 26.23 -52.36
CA ASN A 1559 41.16 25.94 -51.11
C ASN A 1559 42.17 27.03 -50.79
N ALA A 1560 42.64 27.73 -51.82
CA ALA A 1560 43.63 28.80 -51.61
C ALA A 1560 43.07 29.87 -50.68
N THR A 1561 41.86 30.35 -50.97
CA THR A 1561 41.24 31.35 -50.10
C THR A 1561 40.96 30.79 -48.72
N LEU A 1562 40.52 29.53 -48.64
CA LEU A 1562 40.16 28.94 -47.35
C LEU A 1562 41.32 29.06 -46.37
N PHE A 1563 42.54 28.74 -46.80
CA PHE A 1563 43.69 28.90 -45.93
C PHE A 1563 43.94 30.36 -45.59
N ALA A 1564 43.60 31.27 -46.51
CA ALA A 1564 43.90 32.69 -46.29
C ALA A 1564 43.13 33.22 -45.08
N LEU A 1565 41.86 32.89 -44.95
CA LEU A 1565 41.08 33.39 -43.83
C LEU A 1565 41.58 32.83 -42.50
N VAL A 1566 41.83 31.52 -42.44
CA VAL A 1566 42.19 30.91 -41.16
C VAL A 1566 43.49 31.51 -40.63
N ARG A 1567 44.49 31.67 -41.50
CA ARG A 1567 45.76 32.22 -41.06
C ARG A 1567 45.62 33.66 -40.56
N THR A 1568 44.53 34.34 -40.95
CA THR A 1568 44.30 35.72 -40.53
C THR A 1568 43.01 35.91 -39.74
N ALA A 1569 42.08 34.95 -39.79
CA ALA A 1569 40.85 35.09 -39.01
C ALA A 1569 41.14 35.06 -37.53
N LEU A 1570 42.01 34.14 -37.09
CA LEU A 1570 42.44 34.12 -35.70
C LEU A 1570 43.42 35.24 -35.40
N ARG A 1571 44.06 35.81 -36.41
CA ARG A 1571 45.08 36.84 -36.23
C ARG A 1571 46.21 36.32 -35.33
N ILE A 1572 46.89 35.29 -35.83
CA ILE A 1572 47.95 34.65 -35.04
C ILE A 1572 49.00 35.68 -34.65
N LYS A 1573 49.49 36.44 -35.62
CA LYS A 1573 50.45 37.50 -35.35
C LYS A 1573 50.33 38.55 -36.45
N THR A 1574 50.82 39.76 -36.13
CA THR A 1574 50.86 40.87 -37.09
C THR A 1574 52.25 41.49 -37.00
N GLU A 1575 53.18 40.96 -37.80
CA GLU A 1575 54.56 41.44 -37.75
C GLU A 1575 55.19 41.54 -39.15
N GLY A 1576 54.42 41.33 -40.21
CA GLY A 1576 54.97 41.38 -41.55
C GLY A 1576 55.79 40.16 -41.94
N ASN A 1577 55.77 39.11 -41.12
CA ASN A 1577 56.54 37.90 -41.41
C ASN A 1577 55.75 36.64 -41.13
N LEU A 1578 54.41 36.72 -41.06
CA LEU A 1578 53.61 35.55 -40.73
C LEU A 1578 53.74 34.47 -41.79
N GLU A 1579 53.71 34.87 -43.07
CA GLU A 1579 53.81 33.88 -44.14
C GLU A 1579 55.13 33.14 -44.08
N GLN A 1580 56.23 33.87 -43.89
CA GLN A 1580 57.54 33.22 -43.77
C GLN A 1580 57.58 32.31 -42.55
N ALA A 1581 57.09 32.78 -41.41
CA ALA A 1581 57.02 31.93 -40.22
C ALA A 1581 56.07 30.77 -40.43
N ASN A 1582 54.91 31.02 -41.04
CA ASN A 1582 53.96 29.95 -41.29
C ASN A 1582 54.44 29.02 -42.39
N GLU A 1583 55.21 29.53 -43.34
CA GLU A 1583 55.77 28.67 -44.39
C GLU A 1583 56.65 27.58 -43.80
N GLU A 1584 57.27 27.85 -42.65
CA GLU A 1584 58.08 26.87 -41.95
C GLU A 1584 57.28 26.01 -40.98
N LEU A 1585 56.00 26.33 -40.77
CA LEU A 1585 55.14 25.52 -39.90
C LEU A 1585 54.48 24.39 -40.67
N ARG A 1586 53.80 24.71 -41.77
CA ARG A 1586 53.17 23.66 -42.57
C ARG A 1586 54.19 22.64 -43.04
N ALA A 1587 55.45 23.04 -43.20
CA ALA A 1587 56.49 22.09 -43.57
C ALA A 1587 56.67 21.03 -42.49
N ILE A 1588 56.64 21.42 -41.22
CA ILE A 1588 56.82 20.47 -40.14
C ILE A 1588 55.50 19.83 -39.71
N ILE A 1589 54.40 20.58 -39.76
CA ILE A 1589 53.11 20.03 -39.36
C ILE A 1589 52.72 18.88 -40.29
N LYS A 1590 52.94 19.07 -41.59
CA LYS A 1590 52.64 18.02 -42.57
C LYS A 1590 53.60 16.86 -42.41
N LYS A 1599 53.49 16.68 -47.20
CA LYS A 1599 52.46 15.66 -47.36
C LYS A 1599 51.74 15.81 -48.69
N LEU A 1600 50.82 16.78 -48.75
CA LEU A 1600 50.01 17.01 -49.92
C LEU A 1600 50.53 18.21 -50.70
N LEU A 1601 49.81 18.59 -51.75
CA LEU A 1601 50.22 19.69 -52.62
C LEU A 1601 50.50 20.95 -51.80
N ASP A 1602 51.74 21.43 -51.89
CA ASP A 1602 52.17 22.62 -51.16
C ASP A 1602 52.40 23.82 -52.07
N GLN A 1603 52.01 23.74 -53.34
CA GLN A 1603 52.16 24.87 -54.25
C GLN A 1603 51.01 25.86 -54.16
N VAL A 1604 50.01 25.58 -53.32
CA VAL A 1604 48.94 26.54 -53.03
C VAL A 1604 48.99 27.01 -51.59
N VAL A 1605 49.73 26.34 -50.71
CA VAL A 1605 49.78 26.75 -49.31
C VAL A 1605 50.34 28.17 -49.14
N PRO A 1606 51.43 28.55 -49.80
CA PRO A 1606 52.03 29.87 -49.54
C PRO A 1606 51.02 30.99 -49.72
N PRO A 1607 50.16 30.93 -50.76
CA PRO A 1607 49.13 31.95 -50.89
C PRO A 1607 48.01 31.78 -49.87
N ASP B 248 91.29 37.59 1.63
CA ASP B 248 92.44 37.89 2.53
C ASP B 248 93.15 36.60 2.92
N VAL B 249 93.11 36.23 4.20
CA VAL B 249 93.72 35.01 4.70
C VAL B 249 92.70 34.28 5.56
N VAL B 250 92.55 32.98 5.33
CA VAL B 250 91.62 32.19 6.15
C VAL B 250 92.14 32.13 7.58
N PRO B 251 91.31 32.44 8.60
CA PRO B 251 91.74 32.29 9.99
C PRO B 251 91.72 30.83 10.48
N SER B 252 92.26 29.94 9.65
CA SER B 252 92.32 28.50 9.94
C SER B 252 90.95 27.89 10.16
N MET B 253 89.87 28.63 9.92
CA MET B 253 88.53 28.16 10.22
C MET B 253 87.53 28.98 9.42
N ARG B 254 86.29 28.50 9.39
CA ARG B 254 85.16 29.22 8.79
C ARG B 254 84.10 29.36 9.88
N PRO B 255 84.14 30.43 10.67
CA PRO B 255 83.21 30.54 11.81
C PRO B 255 81.76 30.49 11.36
N VAL B 256 80.95 29.79 12.15
CA VAL B 256 79.54 29.58 11.84
C VAL B 256 78.70 30.46 12.76
N VAL B 257 77.84 31.27 12.17
CA VAL B 257 76.91 32.13 12.91
C VAL B 257 75.52 31.96 12.30
N LEU B 258 74.51 32.35 13.08
CA LEU B 258 73.12 32.19 12.69
C LEU B 258 72.33 33.43 13.04
N VAL B 259 71.70 34.02 12.03
CA VAL B 259 70.93 35.25 12.20
C VAL B 259 69.47 34.98 12.56
N GLY B 260 68.97 33.78 12.31
CA GLY B 260 67.59 33.46 12.58
C GLY B 260 66.68 34.12 11.57
N PRO B 261 65.37 33.96 11.74
CA PRO B 261 64.42 34.64 10.86
C PRO B 261 64.15 36.08 11.22
N SER B 262 64.59 36.53 12.41
CA SER B 262 64.26 37.86 12.88
C SER B 262 65.22 38.20 14.02
N LEU B 263 64.90 39.27 14.75
CA LEU B 263 65.78 39.73 15.82
C LEU B 263 66.01 38.64 16.85
N LYS B 264 67.27 38.51 17.29
CA LYS B 264 67.61 37.55 18.34
C LYS B 264 67.13 37.98 19.72
N GLY B 265 66.66 39.22 19.87
CA GLY B 265 66.30 39.72 21.18
C GLY B 265 65.11 39.04 21.82
N TYR B 266 64.32 38.31 21.03
CA TYR B 266 63.14 37.62 21.54
C TYR B 266 63.41 36.12 21.63
N GLU B 267 62.50 35.43 22.32
CA GLU B 267 62.64 33.99 22.51
C GLU B 267 62.26 33.21 21.27
N VAL B 268 61.29 33.70 20.49
CA VAL B 268 60.77 32.92 19.36
C VAL B 268 61.90 32.53 18.43
N THR B 269 62.77 33.49 18.10
CA THR B 269 63.92 33.18 17.25
C THR B 269 64.92 32.28 17.98
N ASP B 270 65.04 32.43 19.29
CA ASP B 270 66.05 31.68 20.03
C ASP B 270 65.81 30.18 19.95
N MET B 271 64.57 29.74 20.18
CA MET B 271 64.30 28.30 20.14
C MET B 271 64.55 27.72 18.76
N MET B 272 64.40 28.54 17.71
CA MET B 272 64.54 28.01 16.35
C MET B 272 65.90 27.40 16.11
N GLN B 273 66.91 27.78 16.91
CA GLN B 273 68.29 27.41 16.64
C GLN B 273 68.91 26.50 17.69
N LYS B 274 68.50 26.60 18.95
CA LYS B 274 69.12 25.77 19.99
C LYS B 274 69.03 24.30 19.63
N ALA B 275 67.85 23.87 19.16
CA ALA B 275 67.72 22.51 18.67
C ALA B 275 68.64 22.27 17.47
N LEU B 276 68.72 23.25 16.56
CA LEU B 276 69.57 23.10 15.39
C LEU B 276 71.03 22.93 15.80
N PHE B 277 71.50 23.74 16.73
CA PHE B 277 72.90 23.64 17.15
C PHE B 277 73.21 22.27 17.72
N ASP B 278 72.27 21.69 18.47
CA ASP B 278 72.52 20.41 19.11
C ASP B 278 72.91 19.35 18.10
N PHE B 279 72.14 19.22 17.02
CA PHE B 279 72.42 18.18 16.04
C PHE B 279 73.80 18.33 15.42
N LEU B 280 74.29 19.57 15.27
CA LEU B 280 75.62 19.76 14.70
C LEU B 280 76.69 19.09 15.55
N LYS B 281 76.63 19.26 16.87
CA LYS B 281 77.68 18.70 17.72
C LYS B 281 77.50 17.21 17.97
N HIS B 282 76.31 16.65 17.72
CA HIS B 282 76.13 15.21 17.83
C HIS B 282 76.48 14.46 16.55
N ARG B 283 76.76 15.17 15.46
CA ARG B 283 77.17 14.54 14.22
C ARG B 283 78.50 15.08 13.69
N PHE B 284 79.16 15.98 14.41
CA PHE B 284 80.49 16.48 14.08
C PHE B 284 81.38 16.48 15.31
N GLU B 285 81.36 15.38 16.06
CA GLU B 285 82.16 15.27 17.28
C GLU B 285 83.59 15.68 17.01
N GLY B 286 84.04 16.72 17.69
CA GLY B 286 85.39 17.25 17.49
C GLY B 286 85.53 18.13 16.27
N ARG B 287 84.94 17.70 15.15
CA ARG B 287 85.03 18.49 13.92
C ARG B 287 84.51 19.87 14.28
N ILE B 288 83.33 19.97 14.90
CA ILE B 288 82.71 21.24 15.23
C ILE B 288 82.93 21.74 16.66
N SER B 289 83.07 23.05 16.81
CA SER B 289 83.17 23.69 18.11
C SER B 289 82.19 24.85 18.15
N ILE B 290 81.76 25.21 19.36
CA ILE B 290 80.73 26.22 19.55
C ILE B 290 81.25 27.29 20.50
N THR B 291 80.94 28.55 20.20
CA THR B 291 81.34 29.68 21.02
C THR B 291 80.13 30.59 21.24
N ARG B 292 80.00 31.09 22.46
CA ARG B 292 78.90 31.98 22.84
C ARG B 292 79.49 33.30 23.32
N VAL B 293 79.04 34.40 22.71
CA VAL B 293 79.49 35.74 23.07
C VAL B 293 78.28 36.66 23.11
N THR B 294 78.46 37.82 23.76
CA THR B 294 77.39 38.79 23.92
C THR B 294 77.75 40.19 23.46
N ALA B 295 78.96 40.39 22.95
CA ALA B 295 79.42 41.70 22.51
C ALA B 295 79.22 41.83 21.00
N ASP B 296 79.69 42.95 20.45
CA ASP B 296 79.54 43.25 19.03
C ASP B 296 80.80 42.88 18.26
N ILE B 297 80.62 42.42 17.03
CA ILE B 297 81.72 42.05 16.15
C ILE B 297 81.76 42.88 14.88
N SER B 298 80.74 43.68 14.59
CA SER B 298 80.71 44.44 13.35
C SER B 298 81.90 45.41 13.28
N LEU B 299 82.18 46.11 14.37
CA LEU B 299 83.26 47.09 14.40
C LEU B 299 84.58 46.34 14.58
N ALA B 300 85.04 45.74 13.48
CA ALA B 300 86.30 45.01 13.44
C ALA B 300 87.22 45.66 12.42
N LYS B 301 88.45 45.95 12.82
CA LYS B 301 89.44 46.62 11.99
C LYS B 301 90.48 45.59 11.57
N ARG B 302 90.24 44.97 10.42
CA ARG B 302 91.17 43.96 9.89
C ARG B 302 92.41 44.63 9.31
N LEU B 323 82.99 49.32 23.28
CA LEU B 323 83.99 49.09 22.24
C LEU B 323 85.24 48.44 22.84
N ALA B 324 85.53 48.77 24.10
CA ALA B 324 86.71 48.21 24.75
C ALA B 324 86.63 46.69 24.84
N GLU B 325 85.45 46.16 25.20
CA GLU B 325 85.27 44.72 25.24
C GLU B 325 85.42 44.12 23.85
N VAL B 326 84.89 44.79 22.83
CA VAL B 326 84.99 44.31 21.46
C VAL B 326 86.45 44.20 21.02
N GLN B 327 87.35 44.94 21.67
CA GLN B 327 88.76 44.89 21.27
C GLN B 327 89.32 43.48 21.40
N SER B 328 89.00 42.79 22.48
CA SER B 328 89.47 41.43 22.71
C SER B 328 88.55 40.37 22.12
N GLU B 329 87.38 40.76 21.60
CA GLU B 329 86.43 39.77 21.10
C GLU B 329 86.97 39.03 19.88
N ILE B 330 87.58 39.74 18.95
CA ILE B 330 88.05 39.10 17.71
C ILE B 330 89.17 38.11 18.02
N GLU B 331 90.09 38.48 18.90
CA GLU B 331 91.25 37.63 19.16
C GLU B 331 90.85 36.29 19.78
N ARG B 332 89.97 36.34 20.79
CA ARG B 332 89.55 35.09 21.43
C ARG B 332 88.83 34.19 20.43
N ILE B 333 88.01 34.78 19.55
CA ILE B 333 87.44 34.01 18.46
C ILE B 333 88.54 33.44 17.59
N PHE B 334 89.54 34.27 17.27
CA PHE B 334 90.70 33.79 16.52
C PHE B 334 91.45 32.72 17.31
N GLU B 335 91.57 32.90 18.62
CA GLU B 335 92.27 31.92 19.44
C GLU B 335 91.64 30.54 19.29
N LEU B 336 90.32 30.46 19.37
CA LEU B 336 89.64 29.19 19.11
C LEU B 336 89.87 28.74 17.67
N ALA B 337 89.82 29.69 16.72
CA ALA B 337 90.04 29.34 15.33
C ALA B 337 91.45 28.80 15.09
N ARG B 338 92.41 29.15 15.96
CA ARG B 338 93.77 28.63 15.84
C ARG B 338 93.87 27.17 16.28
N THR B 339 92.89 26.66 17.03
CA THR B 339 92.97 25.29 17.53
C THR B 339 92.78 24.26 16.44
N LEU B 340 92.29 24.66 15.27
CA LEU B 340 92.04 23.72 14.17
C LEU B 340 91.09 22.61 14.62
N LEU B 342 84.36 22.67 12.51
CA LEU B 342 84.35 24.12 12.39
C LEU B 342 84.15 24.75 13.77
N VAL B 343 84.02 26.07 13.80
CA VAL B 343 83.75 26.80 15.04
C VAL B 343 82.44 27.56 14.85
N VAL B 344 81.52 27.40 15.80
CA VAL B 344 80.22 28.06 15.76
C VAL B 344 80.26 29.25 16.71
N LEU B 345 80.02 30.43 16.16
CA LEU B 345 79.97 31.66 16.93
C LEU B 345 78.52 32.09 17.10
N ASP B 346 78.12 32.36 18.34
CA ASP B 346 76.77 32.80 18.66
C ASP B 346 76.84 34.22 19.21
N ALA B 347 76.10 35.13 18.58
CA ALA B 347 76.12 36.53 18.98
C ALA B 347 74.74 37.13 18.70
N ASP B 348 74.44 38.24 19.39
CA ASP B 348 73.19 38.94 19.23
C ASP B 348 73.33 40.21 18.40
N THR B 349 74.47 40.41 17.75
CA THR B 349 74.75 41.64 17.02
C THR B 349 74.43 41.55 15.54
N ILE B 350 74.52 40.37 14.94
CA ILE B 350 74.32 40.22 13.50
C ILE B 350 72.82 40.09 13.23
N ASN B 351 72.31 40.99 12.40
CA ASN B 351 70.92 40.94 11.93
C ASN B 351 70.81 41.12 10.43
N HIS B 352 71.94 41.20 9.72
CA HIS B 352 71.95 41.41 8.28
C HIS B 352 73.36 41.13 7.77
N PRO B 353 73.52 40.55 6.57
CA PRO B 353 74.88 40.29 6.06
C PRO B 353 75.77 41.51 6.08
N ALA B 354 75.18 42.70 6.08
CA ALA B 354 75.97 43.93 6.12
C ALA B 354 76.78 44.01 7.41
N GLN B 355 76.19 43.61 8.54
CA GLN B 355 76.88 43.70 9.81
C GLN B 355 78.18 42.91 9.81
N LEU B 356 78.23 41.80 9.06
CA LEU B 356 79.44 41.01 8.95
C LEU B 356 80.26 41.31 7.71
N SER B 357 79.71 42.09 6.77
CA SER B 357 80.48 42.48 5.59
C SER B 357 81.56 43.49 5.91
N LYS B 358 81.53 44.11 7.10
CA LYS B 358 82.52 45.09 7.48
C LYS B 358 83.88 44.46 7.77
N THR B 359 83.95 43.14 7.92
CA THR B 359 85.20 42.43 8.17
C THR B 359 85.30 41.24 7.24
N SER B 360 86.53 40.91 6.85
CA SER B 360 86.80 39.80 5.94
C SER B 360 87.52 38.70 6.73
N LEU B 361 86.72 37.84 7.37
CA LEU B 361 87.23 36.69 8.10
C LEU B 361 86.79 35.37 7.48
N ALA B 362 86.26 35.42 6.26
CA ALA B 362 85.67 34.25 5.60
C ALA B 362 84.65 33.54 6.50
N PRO B 363 83.74 34.29 7.13
CA PRO B 363 82.70 33.64 7.93
C PRO B 363 81.66 32.96 7.05
N ILE B 364 81.04 31.93 7.61
CA ILE B 364 79.90 31.26 6.98
C ILE B 364 78.68 31.60 7.82
N ILE B 365 77.70 32.24 7.18
CA ILE B 365 76.52 32.76 7.86
C ILE B 365 75.32 31.97 7.35
N VAL B 366 74.50 31.47 8.27
CA VAL B 366 73.34 30.67 7.95
C VAL B 366 72.06 31.45 8.27
N TYR B 367 71.07 31.32 7.40
CA TYR B 367 69.85 32.12 7.43
C TYR B 367 68.65 31.21 7.68
N VAL B 368 67.84 31.54 8.68
CA VAL B 368 66.53 30.93 8.83
C VAL B 368 65.51 31.79 8.12
N LYS B 369 64.66 31.17 7.31
CA LYS B 369 63.68 31.87 6.49
C LYS B 369 62.28 31.36 6.76
N ILE B 370 61.32 32.29 6.77
CA ILE B 370 59.91 31.98 6.73
C ILE B 370 59.39 32.57 5.42
N SER B 371 59.18 31.70 4.43
CA SER B 371 58.86 32.18 3.09
C SER B 371 57.64 33.09 3.10
N SER B 372 56.61 32.73 3.86
CA SER B 372 55.41 33.55 3.98
C SER B 372 55.42 34.26 5.33
N PRO B 373 55.48 35.59 5.38
CA PRO B 373 55.45 36.27 6.69
C PRO B 373 54.21 35.95 7.50
N LYS B 374 53.12 35.54 6.84
CA LYS B 374 51.89 35.24 7.58
C LYS B 374 52.12 34.17 8.64
N VAL B 375 53.11 33.31 8.45
CA VAL B 375 53.39 32.26 9.43
C VAL B 375 53.87 32.87 10.75
N LEU B 376 54.62 33.98 10.67
CA LEU B 376 55.24 34.54 11.87
C LEU B 376 54.20 34.86 12.94
N GLN B 377 53.08 35.47 12.54
CA GLN B 377 52.10 35.90 13.52
C GLN B 377 51.53 34.71 14.28
N ARG B 378 51.24 33.62 13.57
CA ARG B 378 50.74 32.42 14.24
C ARG B 378 51.79 31.86 15.20
N LEU B 379 53.05 31.81 14.77
CA LEU B 379 54.11 31.31 15.64
C LEU B 379 54.28 32.21 16.85
N ILE B 380 54.36 33.53 16.63
CA ILE B 380 54.61 34.46 17.73
C ILE B 380 53.45 34.42 18.71
N LYS B 381 52.21 34.41 18.21
CA LYS B 381 51.05 34.40 19.09
C LYS B 381 51.02 33.18 20.00
N SER B 382 51.66 32.08 19.59
CA SER B 382 51.54 30.82 20.32
C SER B 382 52.29 30.86 21.64
N ARG B 383 53.54 31.32 21.62
CA ARG B 383 54.36 31.24 22.83
C ARG B 383 53.79 32.08 23.97
N GLY B 384 53.35 33.31 23.66
CA GLY B 384 52.81 34.18 24.69
C GLY B 384 52.24 35.47 24.14
N LYS B 385 51.23 36.00 24.81
CA LYS B 385 50.60 37.24 24.39
C LYS B 385 51.43 38.47 24.75
N SER B 386 52.38 38.33 25.68
CA SER B 386 53.18 39.49 26.08
C SER B 386 53.97 40.05 24.91
N GLN B 387 54.61 39.19 24.14
CA GLN B 387 55.41 39.60 23.00
C GLN B 387 54.63 39.55 21.69
N ALA B 388 53.33 39.21 21.73
CA ALA B 388 52.54 39.16 20.51
C ALA B 388 52.48 40.52 19.84
N LYS B 389 52.29 41.58 20.63
CA LYS B 389 52.24 42.93 20.09
C LYS B 389 53.56 43.40 19.51
N HIS B 390 54.66 42.68 19.78
CA HIS B 390 55.96 43.02 19.24
C HIS B 390 56.22 42.39 17.87
N LEU B 391 55.21 41.75 17.27
CA LEU B 391 55.39 41.19 15.94
C LEU B 391 55.91 42.24 14.97
N ASN B 392 55.45 43.49 15.12
CA ASN B 392 55.95 44.56 14.26
C ASN B 392 57.45 44.75 14.42
N VAL B 393 57.94 44.73 15.66
CA VAL B 393 59.38 44.84 15.88
C VAL B 393 60.10 43.61 15.31
N GLN B 394 59.41 42.48 15.24
CA GLN B 394 60.04 41.24 14.79
C GLN B 394 59.85 41.01 13.30
N MET B 395 58.62 41.12 12.81
CA MET B 395 58.35 40.86 11.40
C MET B 395 59.19 41.76 10.50
N VAL B 396 59.48 42.98 10.95
CA VAL B 396 60.30 43.88 10.15
C VAL B 396 61.68 43.27 9.91
N ALA B 397 62.27 42.68 10.95
CA ALA B 397 63.59 42.08 10.79
C ALA B 397 63.58 41.01 9.70
N ALA B 398 62.50 40.24 9.60
CA ALA B 398 62.40 39.26 8.54
C ALA B 398 62.46 39.92 7.17
N ASP B 399 61.76 41.05 7.01
CA ASP B 399 61.80 41.76 5.73
C ASP B 399 63.20 42.24 5.40
N LYS B 400 63.93 42.73 6.41
CA LYS B 400 65.30 43.18 6.18
C LYS B 400 66.17 42.05 5.65
N LEU B 401 65.82 40.81 5.97
CA LEU B 401 66.58 39.65 5.54
C LEU B 401 66.19 39.15 4.15
N ALA B 402 65.25 39.81 3.50
CA ALA B 402 64.74 39.40 2.19
C ALA B 402 65.19 40.35 1.09
N GLN B 403 66.43 40.83 1.17
CA GLN B 403 66.98 41.74 0.17
C GLN B 403 68.40 41.39 -0.25
N CYS B 404 68.96 40.29 0.25
CA CYS B 404 70.35 39.94 -0.03
C CYS B 404 70.41 38.83 -1.07
N PRO B 405 70.99 39.07 -2.25
CA PRO B 405 71.05 38.02 -3.27
C PRO B 405 71.94 36.86 -2.84
N PRO B 406 71.99 35.77 -3.62
CA PRO B 406 72.79 34.59 -3.25
C PRO B 406 74.14 34.88 -2.63
N GLU B 407 74.85 35.90 -3.12
CA GLU B 407 76.21 36.14 -2.66
C GLU B 407 76.26 36.35 -1.15
N LEU B 408 75.40 37.23 -0.64
CA LEU B 408 75.23 37.42 0.80
C LEU B 408 74.10 36.56 1.35
N PHE B 409 73.74 35.49 0.64
CA PHE B 409 72.59 34.67 0.96
C PHE B 409 72.94 33.18 0.80
N ASP B 410 74.12 32.80 1.25
CA ASP B 410 74.72 31.50 0.94
C ASP B 410 73.83 30.32 1.34
N VAL B 411 73.62 30.13 2.64
CA VAL B 411 73.00 28.91 3.13
C VAL B 411 71.48 29.03 3.06
N ILE B 412 70.82 27.94 2.68
CA ILE B 412 69.39 27.93 2.42
C ILE B 412 68.72 27.06 3.48
N LEU B 413 67.91 27.68 4.33
CA LEU B 413 67.06 26.99 5.29
C LEU B 413 65.62 27.31 4.92
N ASP B 414 65.06 26.50 4.02
CA ASP B 414 63.71 26.68 3.50
C ASP B 414 62.74 25.62 3.99
N GLU B 415 63.17 24.37 4.07
CA GLU B 415 62.28 23.30 4.51
C GLU B 415 61.86 23.53 5.96
N ASN B 416 60.66 23.06 6.28
CA ASN B 416 60.07 23.33 7.60
C ASN B 416 60.58 22.37 8.66
N GLN B 417 60.43 21.06 8.43
CA GLN B 417 60.89 20.08 9.41
C GLN B 417 62.39 20.22 9.65
N LEU B 418 62.88 19.55 10.68
CA LEU B 418 64.28 19.61 11.04
C LEU B 418 65.09 18.49 10.40
N GLU B 419 64.65 17.24 10.57
CA GLU B 419 65.44 16.10 10.11
C GLU B 419 65.87 16.26 8.66
N ASP B 420 64.97 16.74 7.81
CA ASP B 420 65.30 16.98 6.41
C ASP B 420 65.82 18.39 6.17
N ALA B 421 65.85 19.25 7.19
CA ALA B 421 66.49 20.56 7.07
C ALA B 421 67.89 20.56 7.64
N CYS B 422 68.12 19.85 8.75
CA CYS B 422 69.45 19.76 9.32
C CYS B 422 70.42 19.09 8.35
N GLU B 423 69.97 18.01 7.69
CA GLU B 423 70.84 17.33 6.74
C GLU B 423 71.30 18.26 5.64
N HIS B 424 70.49 19.28 5.31
CA HIS B 424 70.90 20.27 4.33
C HIS B 424 72.00 21.19 4.86
N LEU B 425 72.29 21.17 6.15
CA LEU B 425 73.43 21.88 6.69
C LEU B 425 74.70 21.03 6.63
N ALA B 426 74.59 19.74 6.95
CA ALA B 426 75.77 18.88 6.95
C ALA B 426 76.40 18.80 5.57
N ASP B 427 75.57 18.65 4.53
CA ASP B 427 76.11 18.54 3.17
C ASP B 427 76.88 19.79 2.79
N TYR B 428 76.39 20.97 3.21
CA TYR B 428 77.11 22.21 2.95
C TYR B 428 78.37 22.31 3.79
N LEU B 429 78.47 21.58 4.89
CA LEU B 429 79.65 21.58 5.74
C LEU B 429 80.72 20.62 5.24
N GLU B 430 80.47 19.91 4.15
CA GLU B 430 81.45 18.99 3.57
C GLU B 430 82.28 19.65 2.48
N ALA B 431 82.17 20.97 2.31
CA ALA B 431 82.94 21.66 1.28
C ALA B 431 84.43 21.49 1.53
N TYR B 432 84.87 21.59 2.79
CA TYR B 432 86.26 21.40 3.15
C TYR B 432 86.46 20.29 4.17
N TRP B 433 85.53 20.08 5.09
CA TRP B 433 85.60 18.99 6.05
C TRP B 433 84.31 18.19 6.08
N PHE C 27 -82.00 -7.62 -16.72
CA PHE C 27 -83.38 -7.53 -16.15
C PHE C 27 -83.39 -8.00 -14.69
N PRO C 28 -83.13 -7.07 -13.76
CA PRO C 28 -83.11 -7.45 -12.33
C PRO C 28 -84.53 -7.54 -11.78
N SER C 29 -84.94 -8.75 -11.42
CA SER C 29 -86.24 -9.01 -10.81
C SER C 29 -86.00 -9.67 -9.46
N ALA C 30 -86.36 -8.95 -8.39
CA ALA C 30 -85.96 -9.37 -7.05
C ALA C 30 -86.54 -10.73 -6.68
N VAL C 31 -87.81 -10.96 -7.01
CA VAL C 31 -88.46 -12.19 -6.58
C VAL C 31 -87.81 -13.40 -7.24
N THR C 32 -87.47 -13.31 -8.52
CA THR C 32 -86.81 -14.43 -9.19
C THR C 32 -85.44 -14.70 -8.58
N ILE C 33 -84.70 -13.65 -8.24
CA ILE C 33 -83.40 -13.83 -7.60
C ILE C 33 -83.57 -14.51 -6.25
N LYS C 34 -84.58 -14.10 -5.48
CA LYS C 34 -84.83 -14.73 -4.19
C LYS C 34 -85.19 -16.20 -4.36
N SER C 35 -86.01 -16.52 -5.36
CA SER C 35 -86.36 -17.91 -5.61
C SER C 35 -85.15 -18.74 -6.01
N TRP C 36 -84.30 -18.17 -6.87
CA TRP C 36 -83.09 -18.89 -7.28
C TRP C 36 -82.17 -19.12 -6.09
N VAL C 37 -82.01 -18.12 -5.23
CA VAL C 37 -81.18 -18.28 -4.05
C VAL C 37 -81.77 -19.34 -3.13
N ASP C 38 -83.09 -19.35 -2.96
CA ASP C 38 -83.72 -20.36 -2.14
C ASP C 38 -83.46 -21.76 -2.69
N LYS C 39 -83.60 -21.92 -4.01
CA LYS C 39 -83.36 -23.22 -4.61
C LYS C 39 -81.92 -23.66 -4.43
N MET C 40 -80.96 -22.76 -4.66
CA MET C 40 -79.55 -23.10 -4.50
C MET C 40 -79.26 -23.46 -3.05
N GLN C 41 -79.76 -22.67 -2.10
CA GLN C 41 -79.53 -22.96 -0.69
C GLN C 41 -80.12 -24.31 -0.30
N GLU C 42 -81.34 -24.60 -0.75
CA GLU C 42 -81.95 -25.89 -0.44
C GLU C 42 -81.13 -27.03 -1.01
N ASP C 43 -80.70 -26.90 -2.27
CA ASP C 43 -79.92 -27.96 -2.89
C ASP C 43 -78.63 -28.20 -2.12
N LEU C 44 -77.87 -27.13 -1.84
CA LEU C 44 -76.59 -27.29 -1.17
C LEU C 44 -76.77 -27.88 0.22
N VAL C 45 -77.70 -27.33 1.00
CA VAL C 45 -77.88 -27.78 2.37
C VAL C 45 -78.35 -29.22 2.40
N THR C 46 -79.30 -29.58 1.55
CA THR C 46 -79.80 -30.95 1.52
C THR C 46 -78.69 -31.92 1.12
N LEU C 47 -77.92 -31.59 0.09
CA LEU C 47 -76.84 -32.47 -0.35
C LEU C 47 -75.82 -32.65 0.77
N ALA C 48 -75.37 -31.55 1.37
CA ALA C 48 -74.37 -31.64 2.42
C ALA C 48 -74.88 -32.43 3.63
N LYS C 49 -76.12 -32.17 4.03
CA LYS C 49 -76.66 -32.86 5.20
C LYS C 49 -76.83 -34.34 4.93
N THR C 50 -77.48 -34.71 3.82
CA THR C 50 -77.73 -36.11 3.54
C THR C 50 -76.44 -36.88 3.31
N ALA C 51 -75.51 -36.30 2.56
CA ALA C 51 -74.26 -37.01 2.25
C ALA C 51 -73.42 -37.20 3.51
N SER C 52 -72.99 -36.09 4.12
CA SER C 52 -72.19 -36.21 5.34
C SER C 52 -72.99 -36.85 6.46
N GLY C 53 -74.25 -36.43 6.64
CA GLY C 53 -75.08 -36.99 7.68
C GLY C 53 -74.66 -36.54 9.07
N VAL C 54 -74.74 -35.24 9.32
CA VAL C 54 -74.34 -34.72 10.63
C VAL C 54 -75.22 -35.34 11.72
N ASN C 55 -76.53 -35.29 11.54
CA ASN C 55 -77.44 -35.84 12.55
C ASN C 55 -77.22 -37.33 12.75
N GLN C 56 -76.80 -38.03 11.70
CA GLN C 56 -76.53 -39.46 11.84
C GLN C 56 -75.37 -39.71 12.79
N LEU C 57 -74.29 -38.92 12.66
CA LEU C 57 -73.18 -39.04 13.60
C LEU C 57 -73.60 -38.59 15.00
N VAL C 58 -74.44 -37.56 15.09
CA VAL C 58 -74.98 -37.15 16.39
C VAL C 58 -75.66 -38.34 17.06
N ASP C 59 -76.52 -39.02 16.33
CA ASP C 59 -77.24 -40.17 16.89
C ASP C 59 -76.28 -41.29 17.25
N ILE C 60 -75.28 -41.54 16.40
CA ILE C 60 -74.33 -42.62 16.67
C ILE C 60 -73.59 -42.34 17.97
N TYR C 61 -73.14 -41.11 18.16
CA TYR C 61 -72.48 -40.74 19.42
C TYR C 61 -73.45 -40.84 20.59
N GLU C 62 -74.68 -40.37 20.41
CA GLU C 62 -75.62 -40.32 21.53
C GLU C 62 -76.00 -41.71 22.02
N LYS C 63 -76.25 -42.65 21.10
CA LYS C 63 -76.74 -43.95 21.51
C LYS C 63 -75.74 -44.67 22.41
N TYR C 64 -74.44 -44.47 22.19
CA TYR C 64 -73.41 -45.06 23.03
C TYR C 64 -72.99 -44.06 24.11
N GLN C 65 -73.93 -43.77 25.01
CA GLN C 65 -73.64 -42.89 26.12
C GLN C 65 -72.46 -43.42 26.94
N ASP C 66 -72.39 -44.73 27.12
CA ASP C 66 -71.23 -45.34 27.76
C ASP C 66 -69.97 -45.01 26.97
N LEU C 67 -68.83 -45.30 27.59
CA LEU C 67 -67.51 -44.94 27.09
C LEU C 67 -67.28 -43.43 27.07
N TYR C 68 -68.16 -42.66 27.69
CA TYR C 68 -68.00 -41.22 27.82
C TYR C 68 -67.92 -40.85 29.29
N THR C 69 -67.01 -39.93 29.61
CA THR C 69 -66.97 -39.29 30.92
C THR C 69 -66.48 -37.87 30.68
N VAL C 70 -67.43 -36.94 30.53
CA VAL C 70 -67.09 -35.59 30.08
C VAL C 70 -66.55 -34.79 31.26
N GLU C 71 -65.23 -34.85 31.44
CA GLU C 71 -64.61 -34.04 32.46
C GLU C 71 -64.53 -32.58 32.00
N PRO C 72 -64.71 -31.62 32.89
CA PRO C 72 -64.70 -30.21 32.46
C PRO C 72 -63.30 -29.60 32.50
N ASN C 73 -62.91 -28.96 31.40
CA ASN C 73 -61.69 -28.14 31.40
C ASN C 73 -62.01 -26.87 32.18
N ASN C 74 -61.59 -26.82 33.45
CA ASN C 74 -61.97 -25.72 34.31
C ASN C 74 -61.42 -24.38 33.82
N ALA C 75 -60.40 -24.40 32.97
CA ALA C 75 -59.80 -23.18 32.42
C ALA C 75 -59.01 -22.41 33.46
N ARG C 76 -59.03 -22.86 34.71
CA ARG C 76 -58.27 -22.24 35.79
C ARG C 76 -57.32 -23.21 36.46
N GLN C 77 -57.79 -24.42 36.79
CA GLN C 77 -56.88 -25.43 37.31
C GLN C 77 -55.89 -25.88 36.25
N LEU C 78 -56.31 -25.93 34.98
CA LEU C 78 -55.39 -26.29 33.91
C LEU C 78 -54.26 -25.27 33.79
N VAL C 79 -54.60 -23.98 33.76
CA VAL C 79 -53.56 -22.97 33.68
C VAL C 79 -52.70 -22.99 34.94
N GLU C 80 -53.32 -23.20 36.10
CA GLU C 80 -52.55 -23.26 37.34
C GLU C 80 -51.54 -24.39 37.31
N ILE C 81 -51.96 -25.59 36.91
CA ILE C 81 -51.07 -26.74 36.94
C ILE C 81 -49.99 -26.61 35.86
N ALA C 82 -50.35 -26.09 34.69
CA ALA C 82 -49.35 -25.87 33.65
C ALA C 82 -48.30 -24.86 34.11
N ALA C 83 -48.73 -23.78 34.74
CA ALA C 83 -47.79 -22.81 35.28
C ALA C 83 -46.90 -23.45 36.33
N ARG C 84 -47.48 -24.27 37.21
CA ARG C 84 -46.69 -24.94 38.23
C ARG C 84 -45.63 -25.83 37.60
N ASP C 85 -46.00 -26.59 36.57
CA ASP C 85 -45.06 -27.52 35.95
C ASP C 85 -43.94 -26.78 35.24
N ILE C 86 -44.28 -25.73 34.48
CA ILE C 86 -43.24 -24.97 33.79
C ILE C 86 -42.32 -24.29 34.81
N GLU C 87 -42.89 -23.80 35.92
CA GLU C 87 -42.07 -23.22 36.97
C GLU C 87 -41.14 -24.26 37.57
N LYS C 88 -41.63 -25.49 37.76
CA LYS C 88 -40.78 -26.55 38.29
C LYS C 88 -39.63 -26.85 37.35
N LEU C 89 -39.91 -26.92 36.04
CA LEU C 89 -38.85 -27.18 35.07
C LEU C 89 -37.80 -26.07 35.11
N LEU C 90 -38.26 -24.81 35.10
CA LEU C 90 -37.31 -23.70 35.15
C LEU C 90 -36.51 -23.70 36.44
N SER C 91 -37.13 -24.09 37.56
CA SER C 91 -36.40 -24.16 38.82
C SER C 91 -35.39 -25.30 38.81
N ASN C 92 -35.71 -26.42 38.16
CA ASN C 92 -34.73 -27.48 38.00
C ASN C 92 -33.50 -26.98 37.25
N ARG C 93 -33.74 -26.26 36.14
CA ARG C 93 -32.62 -25.70 35.39
C ARG C 93 -31.84 -24.70 36.23
N SER C 94 -32.55 -23.89 37.03
CA SER C 94 -31.88 -22.93 37.89
C SER C 94 -31.00 -23.63 38.91
N LYS C 95 -31.48 -24.73 39.49
CA LYS C 95 -30.67 -25.49 40.44
C LYS C 95 -29.41 -26.03 39.77
N ALA C 96 -29.57 -26.58 38.56
CA ALA C 96 -28.40 -27.08 37.84
C ALA C 96 -27.40 -25.96 37.61
N LEU C 97 -27.88 -24.79 37.20
CA LEU C 97 -26.99 -23.65 36.98
C LEU C 97 -26.30 -23.25 38.26
N VAL C 98 -27.03 -23.22 39.38
CA VAL C 98 -26.45 -22.80 40.65
C VAL C 98 -25.31 -23.73 41.03
N ARG C 99 -25.55 -25.04 40.98
CA ARG C 99 -24.51 -25.97 41.39
C ARG C 99 -23.32 -25.92 40.44
N LEU C 100 -23.58 -25.78 39.13
CA LEU C 100 -22.48 -25.66 38.19
C LEU C 100 -21.64 -24.44 38.48
N ALA C 101 -22.29 -23.30 38.76
CA ALA C 101 -21.56 -22.08 39.05
C ALA C 101 -20.72 -22.20 40.31
N LEU C 102 -21.30 -22.80 41.37
CA LEU C 102 -20.53 -23.00 42.59
C LEU C 102 -19.30 -23.85 42.34
N GLU C 103 -19.47 -24.96 41.61
CA GLU C 103 -18.34 -25.84 41.33
C GLU C 103 -17.28 -25.11 40.52
N ALA C 104 -17.70 -24.35 39.50
CA ALA C 104 -16.73 -23.65 38.66
C ALA C 104 -15.94 -22.63 39.46
N GLU C 105 -16.63 -21.84 40.29
CA GLU C 105 -15.94 -20.83 41.08
C GLU C 105 -14.97 -21.48 42.06
N LYS C 106 -15.41 -22.55 42.74
CA LYS C 106 -14.54 -23.20 43.71
C LYS C 106 -13.30 -23.78 43.02
N VAL C 107 -13.48 -24.38 41.85
CA VAL C 107 -12.33 -24.93 41.12
C VAL C 107 -11.38 -23.79 40.72
N GLN C 108 -11.93 -22.69 40.22
CA GLN C 108 -11.08 -21.57 39.80
C GLN C 108 -10.31 -21.00 40.97
N ALA C 109 -10.88 -21.06 42.18
CA ALA C 109 -10.24 -20.43 43.33
C ALA C 109 -8.81 -20.93 43.52
N ALA C 110 -8.53 -22.18 43.16
CA ALA C 110 -7.20 -22.78 43.34
C ALA C 110 -6.73 -23.32 41.99
N HIS C 111 -5.92 -22.55 41.30
CA HIS C 111 -5.40 -22.94 39.99
C HIS C 111 -3.89 -22.93 39.91
N GLN C 112 -3.22 -21.96 40.54
CA GLN C 112 -1.77 -21.80 40.63
C GLN C 112 -1.16 -21.26 39.35
N TRP C 113 -1.92 -21.11 38.26
CA TRP C 113 -1.46 -20.44 37.05
C TRP C 113 -0.12 -21.02 36.56
N ARG C 114 -0.18 -22.26 36.13
CA ARG C 114 0.96 -22.83 35.43
C ARG C 114 1.29 -22.00 34.20
N GLU C 115 2.54 -22.12 33.73
CA GLU C 115 2.97 -21.37 32.56
C GLU C 115 3.82 -22.18 31.59
N ASP C 116 4.03 -23.47 31.84
CA ASP C 116 4.81 -24.34 30.95
C ASP C 116 4.02 -25.62 30.76
N PHE C 117 3.15 -25.63 29.73
CA PHE C 117 2.28 -26.77 29.46
C PHE C 117 2.85 -27.72 28.42
N ALA C 118 4.05 -27.45 27.90
CA ALA C 118 4.68 -28.40 26.98
C ALA C 118 4.78 -29.78 27.62
N SER C 119 4.96 -29.84 28.93
CA SER C 119 4.86 -31.06 29.69
C SER C 119 3.54 -31.08 30.44
N ASN C 120 3.03 -32.29 30.69
CA ASN C 120 1.73 -32.47 31.34
C ASN C 120 0.63 -31.78 30.53
N GLU C 121 0.58 -32.09 29.24
CA GLU C 121 -0.36 -31.43 28.35
C GLU C 121 -1.80 -31.68 28.79
N VAL C 122 -2.64 -30.65 28.64
CA VAL C 122 -4.05 -30.78 28.96
C VAL C 122 -4.73 -31.65 27.92
N VAL C 123 -5.70 -32.45 28.35
CA VAL C 123 -6.43 -33.36 27.49
C VAL C 123 -7.85 -32.82 27.33
N TYR C 124 -8.27 -32.62 26.09
CA TYR C 124 -9.59 -32.07 25.81
C TYR C 124 -9.97 -32.46 24.39
N TYR C 125 -11.28 -32.41 24.12
CA TYR C 125 -11.82 -32.76 22.81
C TYR C 125 -12.20 -31.47 22.10
N ASN C 126 -11.29 -30.96 21.26
CA ASN C 126 -11.61 -29.80 20.45
C ASN C 126 -12.69 -30.17 19.44
N ALA C 127 -13.78 -29.40 19.43
CA ALA C 127 -14.91 -29.73 18.57
C ALA C 127 -14.53 -29.68 17.10
N LYS C 128 -13.72 -28.70 16.71
CA LYS C 128 -13.39 -28.47 15.31
C LYS C 128 -12.25 -29.41 14.91
N ASP C 129 -12.62 -30.67 14.68
CA ASP C 129 -11.66 -31.67 14.22
C ASP C 129 -11.98 -32.11 12.80
N GLN C 143 -3.48 -32.11 24.25
CA GLN C 143 -3.58 -33.33 23.45
C GLN C 143 -5.04 -33.70 23.22
N ARG C 144 -5.46 -33.66 21.95
CA ARG C 144 -6.85 -33.91 21.62
C ARG C 144 -7.25 -35.33 22.03
N ILE C 145 -8.56 -35.55 22.06
CA ILE C 145 -9.14 -36.84 22.41
C ILE C 145 -9.78 -37.44 21.18
N LYS C 146 -9.88 -38.77 21.15
CA LYS C 146 -10.63 -39.47 20.12
C LYS C 146 -11.96 -39.91 20.72
N PRO C 147 -13.07 -39.29 20.37
CA PRO C 147 -14.35 -39.69 20.95
C PRO C 147 -15.07 -40.74 20.11
N VAL C 148 -15.91 -41.51 20.79
CA VAL C 148 -16.78 -42.49 20.16
C VAL C 148 -18.21 -41.97 20.27
N PHE C 149 -18.84 -41.73 19.13
CA PHE C 149 -20.10 -41.02 19.07
C PHE C 149 -21.28 -41.98 18.97
N ILE C 150 -22.34 -41.67 19.71
CA ILE C 150 -23.59 -42.42 19.68
C ILE C 150 -24.62 -41.55 18.98
N GLU C 151 -25.34 -42.14 18.00
CA GLU C 151 -26.32 -41.38 17.25
C GLU C 151 -27.55 -41.12 18.12
N ASP C 152 -27.41 -40.30 19.15
CA ASP C 152 -28.52 -40.00 20.03
C ASP C 152 -29.56 -39.17 19.30
N ALA C 153 -30.82 -39.61 19.37
CA ALA C 153 -31.90 -38.90 18.70
C ALA C 153 -32.45 -37.74 19.52
N ASN C 154 -32.08 -37.64 20.80
CA ASN C 154 -32.59 -36.55 21.63
C ASN C 154 -32.17 -35.19 21.07
N PHE C 155 -30.89 -35.06 20.71
CA PHE C 155 -30.36 -33.81 20.20
C PHE C 155 -30.27 -33.79 18.68
N GLY C 156 -30.61 -34.89 18.01
CA GLY C 156 -30.60 -34.93 16.57
C GLY C 156 -29.23 -34.98 15.93
N ARG C 157 -28.18 -35.26 16.70
CA ARG C 157 -26.83 -35.29 16.17
C ARG C 157 -25.99 -36.20 17.05
N GLN C 158 -24.72 -36.38 16.65
CA GLN C 158 -23.83 -37.25 17.38
C GLN C 158 -23.55 -36.71 18.78
N ILE C 159 -23.49 -37.60 19.76
CA ILE C 159 -23.26 -37.25 21.16
C ILE C 159 -22.25 -38.23 21.75
N SER C 160 -21.61 -37.80 22.84
CA SER C 160 -20.61 -38.60 23.52
C SER C 160 -21.01 -38.94 24.96
N TYR C 161 -21.43 -37.94 25.73
CA TYR C 161 -21.81 -38.10 27.14
C TYR C 161 -20.64 -38.51 28.03
N GLN C 162 -19.43 -38.60 27.48
CA GLN C 162 -18.27 -39.00 28.26
C GLN C 162 -17.27 -37.87 28.46
N HIS C 163 -17.56 -36.67 27.98
CA HIS C 163 -16.65 -35.54 28.14
C HIS C 163 -17.33 -34.32 27.53
N ALA C 164 -16.79 -33.15 27.86
CA ALA C 164 -17.30 -31.88 27.36
C ALA C 164 -16.41 -31.39 26.24
N ALA C 165 -17.00 -31.16 25.07
CA ALA C 165 -16.24 -30.65 23.94
C ALA C 165 -15.77 -29.22 24.23
N VAL C 166 -15.00 -28.67 23.31
CA VAL C 166 -14.54 -27.29 23.40
C VAL C 166 -14.61 -26.68 22.00
N HIS C 167 -14.80 -25.36 21.96
CA HIS C 167 -14.86 -24.62 20.70
C HIS C 167 -14.07 -23.33 20.87
N ILE C 168 -12.80 -23.37 20.53
CA ILE C 168 -11.97 -22.16 20.53
C ILE C 168 -12.28 -21.39 19.25
N PRO C 169 -12.69 -20.12 19.33
CA PRO C 169 -12.98 -19.38 18.10
C PRO C 169 -11.76 -19.33 17.19
N THR C 170 -12.03 -19.34 15.88
CA THR C 170 -10.97 -19.55 14.90
C THR C 170 -9.84 -18.55 15.06
N ASP C 171 -10.13 -17.34 15.52
CA ASP C 171 -9.13 -16.28 15.62
C ASP C 171 -8.42 -16.25 16.96
N ILE C 172 -8.53 -17.32 17.76
CA ILE C 172 -7.82 -17.45 19.03
C ILE C 172 -6.86 -18.62 18.91
N TYR C 173 -5.61 -18.40 19.29
CA TYR C 173 -4.60 -19.45 19.19
C TYR C 173 -4.96 -20.61 20.12
N GLU C 174 -4.86 -21.82 19.59
CA GLU C 174 -5.32 -22.99 20.34
C GLU C 174 -4.52 -23.18 21.62
N GLY C 175 -3.19 -23.05 21.55
CA GLY C 175 -2.34 -23.39 22.67
C GLY C 175 -1.66 -22.22 23.33
N SER C 176 -2.35 -21.09 23.46
CA SER C 176 -1.79 -19.95 24.15
C SER C 176 -1.70 -20.23 25.64
N THR C 177 -0.87 -19.44 26.33
CA THR C 177 -0.70 -19.63 27.76
C THR C 177 -1.99 -19.37 28.53
N ILE C 178 -2.73 -18.34 28.16
CA ILE C 178 -3.99 -18.02 28.82
C ILE C 178 -5.07 -19.04 28.49
N VAL C 179 -5.12 -19.51 27.25
CA VAL C 179 -6.15 -20.46 26.86
C VAL C 179 -5.92 -21.81 27.55
N LEU C 180 -4.69 -22.30 27.52
CA LEU C 180 -4.41 -23.62 28.08
C LEU C 180 -4.76 -23.67 29.57
N ASN C 181 -4.52 -22.56 30.29
CA ASN C 181 -4.90 -22.52 31.69
C ASN C 181 -6.41 -22.65 31.86
N GLU C 182 -7.16 -21.98 30.99
CA GLU C 182 -8.63 -22.11 31.03
C GLU C 182 -9.04 -23.55 30.79
N LEU C 183 -8.44 -24.19 29.78
CA LEU C 183 -8.72 -25.60 29.53
C LEU C 183 -8.45 -26.43 30.78
N ASN C 184 -7.30 -26.20 31.41
CA ASN C 184 -6.90 -27.02 32.55
C ASN C 184 -7.90 -26.87 33.70
N TRP C 185 -8.19 -25.63 34.10
CA TRP C 185 -9.03 -25.47 35.28
C TRP C 185 -10.50 -25.75 34.98
N THR C 186 -10.93 -25.69 33.71
CA THR C 186 -12.29 -26.09 33.38
C THR C 186 -12.42 -27.59 33.18
N SER C 187 -11.31 -28.31 33.00
CA SER C 187 -11.40 -29.75 32.78
C SER C 187 -12.06 -30.46 33.95
N ALA C 188 -12.07 -29.86 35.14
CA ALA C 188 -12.74 -30.45 36.29
C ALA C 188 -14.24 -30.20 36.28
N LEU C 189 -14.75 -29.41 35.34
CA LEU C 189 -16.17 -29.13 35.27
C LEU C 189 -16.97 -30.27 34.66
N ASP C 190 -16.32 -31.18 33.94
CA ASP C 190 -17.03 -32.29 33.31
C ASP C 190 -17.68 -33.19 34.34
N GLU C 191 -17.06 -33.33 35.52
CA GLU C 191 -17.65 -34.17 36.55
C GLU C 191 -19.02 -33.65 36.96
N VAL C 192 -19.13 -32.34 37.21
CA VAL C 192 -20.41 -31.78 37.61
C VAL C 192 -21.37 -31.74 36.42
N PHE C 193 -20.85 -31.53 35.21
CA PHE C 193 -21.70 -31.65 34.03
C PHE C 193 -22.40 -33.01 34.01
N LYS C 194 -21.61 -34.07 34.17
CA LYS C 194 -22.18 -35.42 34.17
C LYS C 194 -23.12 -35.62 35.35
N LYS C 195 -22.77 -35.07 36.51
CA LYS C 195 -23.66 -35.17 37.66
C LYS C 195 -25.03 -34.61 37.33
N ASN C 196 -25.07 -33.41 36.73
CA ASN C 196 -26.35 -32.80 36.39
C ASN C 196 -27.08 -33.63 35.35
N ARG C 197 -26.39 -34.03 34.28
CA ARG C 197 -27.06 -34.77 33.23
C ARG C 197 -27.54 -36.14 33.70
N GLU C 198 -26.98 -36.64 34.79
CA GLU C 198 -27.37 -37.95 35.31
C GLU C 198 -28.50 -37.86 36.33
N GLU C 199 -28.46 -36.86 37.21
CA GLU C 199 -29.50 -36.75 38.23
C GLU C 199 -30.87 -36.49 37.60
N ASP C 200 -30.91 -36.00 36.36
CA ASP C 200 -32.17 -35.85 35.64
C ASP C 200 -31.88 -35.78 34.14
N PRO C 201 -32.51 -36.61 33.32
CA PRO C 201 -32.25 -36.55 31.88
C PRO C 201 -33.05 -35.45 31.20
N SER C 202 -32.96 -35.38 29.86
CA SER C 202 -33.70 -34.42 29.07
C SER C 202 -33.15 -33.00 29.19
N LEU C 203 -31.89 -32.86 29.61
CA LEU C 203 -31.23 -31.57 29.71
C LEU C 203 -30.31 -31.42 28.50
N LEU C 204 -30.50 -30.36 27.72
CA LEU C 204 -29.91 -30.30 26.39
C LEU C 204 -28.42 -29.96 26.43
N TRP C 205 -28.09 -28.76 26.90
CA TRP C 205 -26.70 -28.32 26.93
C TRP C 205 -26.39 -27.65 28.25
N GLN C 206 -25.12 -27.75 28.66
CA GLN C 206 -24.56 -26.93 29.71
C GLN C 206 -23.29 -26.29 29.16
N VAL C 207 -23.34 -24.98 28.92
CA VAL C 207 -22.25 -24.27 28.28
C VAL C 207 -21.59 -23.35 29.30
N PHE C 208 -20.27 -23.32 29.30
CA PHE C 208 -19.49 -22.41 30.13
C PHE C 208 -18.81 -21.42 29.19
N GLY C 209 -19.48 -20.31 28.92
CA GLY C 209 -18.96 -19.32 28.00
C GLY C 209 -17.87 -18.48 28.65
N SER C 210 -16.70 -19.08 28.88
CA SER C 210 -15.62 -18.38 29.54
C SER C 210 -15.34 -17.06 28.85
N ALA C 211 -14.85 -16.09 29.61
CA ALA C 211 -14.58 -14.77 29.04
C ALA C 211 -13.22 -14.75 28.34
N THR C 212 -12.98 -15.76 27.50
CA THR C 212 -11.82 -15.75 26.61
C THR C 212 -12.16 -16.33 25.25
N GLY C 213 -13.44 -16.56 24.95
CA GLY C 213 -13.86 -17.16 23.71
C GLY C 213 -14.15 -18.64 23.81
N LEU C 214 -13.66 -19.32 24.85
CA LEU C 214 -13.88 -20.75 24.96
C LEU C 214 -15.36 -21.07 25.10
N ALA C 215 -15.68 -22.35 24.92
CA ALA C 215 -17.06 -22.81 25.03
C ALA C 215 -17.00 -24.30 25.36
N ARG C 216 -17.34 -24.66 26.58
CA ARG C 216 -17.25 -26.04 27.06
C ARG C 216 -18.67 -26.57 27.27
N TYR C 217 -19.26 -27.10 26.21
CA TYR C 217 -20.60 -27.67 26.28
C TYR C 217 -20.51 -29.17 26.51
N TYR C 218 -21.35 -29.66 27.44
CA TYR C 218 -21.11 -31.01 27.99
C TYR C 218 -21.34 -32.10 26.96
N PRO C 219 -22.52 -32.23 26.35
CA PRO C 219 -22.69 -33.32 25.38
C PRO C 219 -21.84 -33.04 24.15
N ALA C 220 -20.73 -33.76 24.04
CA ALA C 220 -19.70 -33.42 23.05
C ALA C 220 -20.18 -33.85 21.67
N SER C 221 -20.41 -32.87 20.80
CA SER C 221 -20.78 -33.13 19.42
C SER C 221 -19.89 -32.30 18.51
N PRO C 222 -19.59 -32.80 17.31
CA PRO C 222 -18.77 -32.01 16.38
C PRO C 222 -19.45 -30.69 16.06
N TRP C 223 -18.66 -29.64 15.95
CA TRP C 223 -19.20 -28.33 15.62
C TRP C 223 -19.94 -28.38 14.30
N VAL C 224 -21.10 -27.74 14.25
CA VAL C 224 -21.96 -27.76 13.07
C VAL C 224 -21.15 -27.39 11.82
N LYS C 232 -17.46 -22.37 4.32
CA LYS C 232 -17.82 -22.42 5.73
C LYS C 232 -16.70 -21.89 6.61
N ILE C 233 -16.93 -20.74 7.21
CA ILE C 233 -16.00 -20.12 8.15
C ILE C 233 -16.69 -19.98 9.49
N ASP C 234 -16.02 -20.43 10.55
CA ASP C 234 -16.60 -20.41 11.90
C ASP C 234 -16.37 -19.03 12.50
N LEU C 235 -17.43 -18.22 12.54
CA LEU C 235 -17.39 -16.91 13.18
C LEU C 235 -17.96 -16.93 14.59
N TYR C 236 -18.37 -18.09 15.08
CA TYR C 236 -18.99 -18.18 16.40
C TYR C 236 -18.05 -17.64 17.47
N ASP C 237 -18.62 -16.91 18.43
CA ASP C 237 -17.86 -16.36 19.54
C ASP C 237 -18.80 -16.23 20.72
N VAL C 238 -18.58 -17.03 21.77
CA VAL C 238 -19.53 -17.08 22.87
C VAL C 238 -19.70 -15.71 23.51
N ARG C 239 -18.64 -14.89 23.50
CA ARG C 239 -18.71 -13.61 24.18
C ARG C 239 -19.69 -12.64 23.53
N ARG C 240 -20.18 -12.95 22.33
CA ARG C 240 -21.15 -12.11 21.64
C ARG C 240 -22.56 -12.71 21.62
N ARG C 241 -22.72 -13.98 21.95
CA ARG C 241 -24.02 -14.61 21.86
C ARG C 241 -24.99 -13.99 22.86
N PRO C 242 -26.28 -13.91 22.51
CA PRO C 242 -27.23 -13.22 23.41
C PRO C 242 -27.26 -13.79 24.81
N TRP C 243 -27.13 -15.10 24.96
CA TRP C 243 -27.18 -15.69 26.30
C TRP C 243 -25.95 -15.33 27.13
N TYR C 244 -24.86 -14.90 26.49
CA TYR C 244 -23.70 -14.46 27.25
C TYR C 244 -23.86 -13.02 27.70
N ILE C 245 -24.22 -12.13 26.78
CA ILE C 245 -24.40 -10.72 27.13
C ILE C 245 -25.48 -10.57 28.18
N GLN C 246 -26.40 -11.53 28.30
CA GLN C 246 -27.45 -11.44 29.29
C GLN C 246 -26.90 -11.43 30.70
N GLY C 247 -25.89 -12.25 30.98
CA GLY C 247 -25.32 -12.34 32.31
C GLY C 247 -24.08 -11.50 32.48
N ALA C 248 -23.41 -11.16 31.38
CA ALA C 248 -22.18 -10.39 31.48
C ALA C 248 -22.42 -9.01 32.07
N ALA C 249 -23.51 -8.36 31.69
CA ALA C 249 -23.80 -7.02 32.17
C ALA C 249 -25.31 -6.82 32.22
N SER C 250 -25.72 -5.84 32.99
CA SER C 250 -27.13 -5.48 33.13
C SER C 250 -27.57 -4.69 31.92
N PRO C 251 -28.87 -4.36 31.79
CA PRO C 251 -29.31 -3.54 30.65
C PRO C 251 -28.54 -2.24 30.55
N LYS C 252 -28.69 -1.52 29.44
CA LYS C 252 -27.90 -0.33 29.17
C LYS C 252 -28.81 0.75 28.61
N ASP C 253 -28.24 1.96 28.51
CA ASP C 253 -28.87 3.08 27.78
C ASP C 253 -27.79 3.61 26.84
N MET C 254 -27.68 2.98 25.67
CA MET C 254 -26.61 3.32 24.75
C MET C 254 -26.85 4.70 24.14
N LEU C 255 -25.77 5.34 23.71
CA LEU C 255 -25.87 6.51 22.85
C LEU C 255 -24.55 6.61 22.09
N ILE C 256 -24.58 6.23 20.82
CA ILE C 256 -23.37 6.15 20.01
C ILE C 256 -23.18 7.50 19.32
N LEU C 257 -22.06 8.15 19.62
CA LEU C 257 -21.76 9.48 19.07
C LEU C 257 -20.84 9.32 17.88
N VAL C 258 -21.43 8.90 16.76
CA VAL C 258 -20.67 8.78 15.52
C VAL C 258 -20.08 10.14 15.18
N ASP C 259 -18.78 10.16 14.84
CA ASP C 259 -18.09 11.40 14.51
C ASP C 259 -17.98 11.51 13.00
N VAL C 260 -19.05 12.00 12.38
CA VAL C 260 -19.05 12.21 10.92
C VAL C 260 -18.56 13.64 10.70
N SER C 261 -17.25 13.80 10.70
CA SER C 261 -16.59 15.06 10.43
C SER C 261 -15.62 14.89 9.28
N GLY C 262 -15.15 16.01 8.75
CA GLY C 262 -14.28 15.97 7.58
C GLY C 262 -13.04 15.12 7.80
N SER C 263 -12.58 15.00 9.05
CA SER C 263 -11.35 14.29 9.32
C SER C 263 -11.49 12.77 9.23
N VAL C 264 -12.71 12.25 9.13
CA VAL C 264 -12.94 10.81 9.09
C VAL C 264 -13.38 10.35 7.71
N SER C 265 -13.11 11.14 6.67
CA SER C 265 -13.46 10.71 5.33
C SER C 265 -12.54 9.60 4.86
N GLY C 266 -13.10 8.64 4.13
CA GLY C 266 -12.32 7.56 3.58
C GLY C 266 -12.48 6.26 4.34
N LEU C 267 -11.37 5.57 4.59
CA LEU C 267 -11.43 4.28 5.29
C LEU C 267 -11.99 4.44 6.69
N THR C 268 -11.61 5.51 7.39
CA THR C 268 -12.07 5.70 8.76
C THR C 268 -13.59 5.64 8.85
N LEU C 269 -14.28 6.24 7.88
CA LEU C 269 -15.74 6.20 7.90
C LEU C 269 -16.26 4.78 7.72
N LYS C 270 -15.64 4.00 6.83
CA LYS C 270 -16.05 2.61 6.66
C LYS C 270 -15.88 1.84 7.96
N LEU C 271 -14.75 2.03 8.65
CA LEU C 271 -14.55 1.37 9.93
C LEU C 271 -15.59 1.82 10.95
N ILE C 272 -15.90 3.12 10.97
CA ILE C 272 -16.88 3.63 11.92
C ILE C 272 -18.24 2.98 11.69
N ARG C 273 -18.67 2.92 10.44
CA ARG C 273 -19.98 2.35 10.14
C ARG C 273 -20.02 0.87 10.48
N THR C 274 -18.97 0.13 10.11
CA THR C 274 -18.95 -1.30 10.42
C THR C 274 -18.96 -1.53 11.92
N SER C 275 -18.17 -0.77 12.67
CA SER C 275 -18.11 -0.94 14.12
C SER C 275 -19.44 -0.59 14.76
N VAL C 276 -20.10 0.47 14.30
CA VAL C 276 -21.39 0.84 14.86
C VAL C 276 -22.42 -0.24 14.59
N SER C 277 -22.42 -0.80 13.38
CA SER C 277 -23.34 -1.89 13.07
C SER C 277 -23.08 -3.09 13.97
N GLU C 278 -21.81 -3.45 14.16
CA GLU C 278 -21.50 -4.57 15.06
C GLU C 278 -21.96 -4.28 16.48
N MET C 279 -21.72 -3.07 16.97
CA MET C 279 -22.16 -2.70 18.31
C MET C 279 -23.67 -2.88 18.44
N LEU C 280 -24.43 -2.31 17.52
CA LEU C 280 -25.87 -2.49 17.55
C LEU C 280 -26.22 -3.97 17.51
N GLU C 281 -25.39 -4.78 16.84
CA GLU C 281 -25.60 -6.23 16.88
C GLU C 281 -25.33 -6.82 18.25
N THR C 282 -24.55 -6.14 19.09
CA THR C 282 -24.25 -6.62 20.44
C THR C 282 -25.14 -5.97 21.49
N LEU C 283 -26.40 -5.69 21.16
CA LEU C 283 -27.35 -5.13 22.10
C LEU C 283 -28.56 -6.05 22.20
N SER C 284 -28.92 -6.42 23.43
CA SER C 284 -30.08 -7.26 23.64
C SER C 284 -31.35 -6.51 23.28
N ASP C 285 -32.49 -7.19 23.41
CA ASP C 285 -33.79 -6.61 23.10
C ASP C 285 -34.44 -5.98 24.32
N ASP C 286 -33.67 -5.72 25.38
CA ASP C 286 -34.20 -5.14 26.61
C ASP C 286 -33.41 -3.91 27.05
N ASP C 287 -32.52 -3.40 26.21
CA ASP C 287 -31.75 -2.19 26.49
C ASP C 287 -31.98 -1.20 25.38
N PHE C 288 -31.88 0.09 25.69
CA PHE C 288 -32.22 1.10 24.72
C PHE C 288 -30.96 1.59 24.01
N VAL C 289 -31.15 2.36 22.94
CA VAL C 289 -30.03 2.81 22.12
C VAL C 289 -30.48 3.99 21.27
N ASN C 290 -29.52 4.79 20.83
CA ASN C 290 -29.72 5.80 19.80
C ASN C 290 -28.37 6.10 19.18
N VAL C 291 -28.40 6.71 18.00
CA VAL C 291 -27.18 6.99 17.23
C VAL C 291 -27.22 8.46 16.85
N ALA C 292 -26.41 9.27 17.52
CA ALA C 292 -26.26 10.68 17.19
C ALA C 292 -25.07 10.86 16.27
N SER C 293 -24.77 12.11 15.93
CA SER C 293 -23.61 12.42 15.11
C SER C 293 -23.38 13.92 15.15
N PHE C 294 -22.11 14.33 15.28
CA PHE C 294 -21.75 15.74 15.42
C PHE C 294 -20.74 16.12 14.34
N ASN C 295 -21.07 17.16 13.58
CA ASN C 295 -20.19 17.70 12.55
C ASN C 295 -20.19 19.23 12.62
N SER C 296 -19.97 19.75 13.83
CA SER C 296 -20.21 21.14 14.21
C SER C 296 -21.69 21.35 14.51
N ASN C 297 -22.50 20.29 14.48
CA ASN C 297 -23.92 20.36 14.80
C ASN C 297 -24.38 18.94 15.06
N ALA C 298 -24.95 18.70 16.24
CA ALA C 298 -25.30 17.34 16.65
C ALA C 298 -26.71 17.02 16.16
N GLN C 299 -26.80 16.44 14.97
CA GLN C 299 -28.08 15.97 14.45
C GLN C 299 -28.23 14.50 14.83
N ASP C 300 -29.26 13.84 14.27
CA ASP C 300 -29.49 12.42 14.48
C ASP C 300 -29.57 11.73 13.13
N VAL C 301 -28.83 10.63 13.00
CA VAL C 301 -28.78 9.92 11.72
C VAL C 301 -30.13 9.35 11.33
N SER C 302 -31.01 9.11 12.30
CA SER C 302 -32.26 8.41 12.05
C SER C 302 -33.44 9.32 12.36
N CYS C 303 -34.64 8.73 12.31
CA CYS C 303 -35.90 9.44 12.49
C CYS C 303 -36.39 9.44 13.93
N PHE C 304 -35.61 8.90 14.86
CA PHE C 304 -36.11 8.61 16.20
C PHE C 304 -36.02 9.83 17.12
N GLN C 305 -34.82 10.36 17.31
CA GLN C 305 -34.57 11.51 18.19
C GLN C 305 -34.75 11.17 19.67
N HIS C 306 -34.71 9.90 20.03
CA HIS C 306 -34.66 9.48 21.43
C HIS C 306 -34.35 7.99 21.44
N LEU C 307 -34.38 7.40 22.64
CA LEU C 307 -33.99 6.00 22.81
C LEU C 307 -35.14 5.08 22.41
N VAL C 308 -34.82 4.02 21.66
CA VAL C 308 -35.83 3.32 20.87
C VAL C 308 -35.84 1.80 21.06
N GLN C 309 -35.36 1.31 22.20
CA GLN C 309 -35.49 -0.06 22.66
C GLN C 309 -34.56 -1.05 21.95
N ALA C 310 -33.84 -0.65 20.91
CA ALA C 310 -32.90 -1.55 20.26
C ALA C 310 -33.57 -2.88 19.92
N ASN C 311 -34.78 -2.81 19.39
CA ASN C 311 -35.51 -4.01 19.03
C ASN C 311 -34.90 -4.64 17.79
N VAL C 312 -35.53 -5.72 17.31
CA VAL C 312 -35.09 -6.34 16.07
C VAL C 312 -35.28 -5.38 14.90
N ARG C 313 -36.36 -4.59 14.94
CA ARG C 313 -36.63 -3.64 13.87
C ARG C 313 -35.78 -2.38 14.01
N ASN C 314 -35.84 -1.73 15.18
CA ASN C 314 -35.13 -0.48 15.37
C ASN C 314 -33.66 -0.61 15.05
N LYS C 315 -33.06 -1.77 15.37
CA LYS C 315 -31.68 -2.00 14.99
C LYS C 315 -31.49 -1.85 13.49
N LYS C 316 -32.44 -2.35 12.71
CA LYS C 316 -32.33 -2.24 11.26
C LYS C 316 -32.36 -0.78 10.81
N VAL C 317 -33.25 0.01 11.38
CA VAL C 317 -33.34 1.42 11.01
C VAL C 317 -32.03 2.13 11.35
N LEU C 318 -31.50 1.89 12.55
CA LEU C 318 -30.26 2.53 12.94
C LEU C 318 -29.10 2.08 12.05
N LYS C 319 -29.08 0.80 11.69
CA LYS C 319 -28.01 0.31 10.82
C LYS C 319 -28.07 0.97 9.45
N ASP C 320 -29.27 1.09 8.87
CA ASP C 320 -29.39 1.74 7.57
C ASP C 320 -28.98 3.20 7.66
N ALA C 321 -29.45 3.90 8.70
CA ALA C 321 -29.09 5.31 8.85
C ALA C 321 -27.59 5.48 8.99
N VAL C 322 -26.95 4.62 9.79
CA VAL C 322 -25.51 4.69 9.94
C VAL C 322 -24.82 4.43 8.62
N ASN C 323 -25.27 3.42 7.88
CA ASN C 323 -24.66 3.11 6.60
C ASN C 323 -24.75 4.29 5.64
N ASN C 324 -25.85 5.03 5.67
CA ASN C 324 -26.01 6.19 4.80
C ASN C 324 -25.65 7.48 5.56
N ILE C 325 -24.35 7.63 5.80
CA ILE C 325 -23.81 8.86 6.36
C ILE C 325 -22.55 9.23 5.57
N THR C 326 -22.17 10.50 5.67
CA THR C 326 -21.04 11.03 4.93
C THR C 326 -20.22 11.96 5.81
N ALA C 327 -18.93 12.02 5.54
CA ALA C 327 -18.03 12.89 6.30
C ALA C 327 -18.03 14.29 5.70
N LYS C 328 -18.16 15.29 6.56
CA LYS C 328 -18.24 16.68 6.13
C LYS C 328 -18.24 17.61 7.32
N GLY C 329 -17.76 18.84 7.13
CA GLY C 329 -17.81 19.83 8.19
C GLY C 329 -16.60 19.79 9.10
N ILE C 330 -16.76 20.42 10.26
CA ILE C 330 -15.71 20.56 11.26
C ILE C 330 -16.16 19.88 12.54
N THR C 331 -15.24 19.15 13.17
CA THR C 331 -15.55 18.44 14.40
C THR C 331 -15.81 19.42 15.53
N ASP C 332 -16.75 19.07 16.41
CA ASP C 332 -17.07 19.90 17.59
C ASP C 332 -17.49 18.95 18.71
N TYR C 333 -16.53 18.56 19.55
CA TYR C 333 -16.83 17.63 20.64
C TYR C 333 -17.76 18.26 21.65
N LYS C 334 -17.55 19.53 22.00
CA LYS C 334 -18.34 20.17 23.04
C LYS C 334 -19.83 20.10 22.72
N LYS C 335 -20.20 20.54 21.52
CA LYS C 335 -21.61 20.55 21.14
C LYS C 335 -22.16 19.13 21.06
N GLY C 336 -21.38 18.20 20.50
CA GLY C 336 -21.84 16.83 20.40
C GLY C 336 -22.08 16.20 21.76
N PHE C 337 -21.13 16.39 22.69
CA PHE C 337 -21.30 15.82 24.01
C PHE C 337 -22.44 16.49 24.77
N SER C 338 -22.64 17.78 24.58
CA SER C 338 -23.78 18.45 25.19
C SER C 338 -25.09 17.85 24.69
N PHE C 339 -25.18 17.66 23.37
CA PHE C 339 -26.36 17.02 22.79
C PHE C 339 -26.56 15.63 23.38
N ALA C 340 -25.48 14.85 23.48
CA ALA C 340 -25.58 13.49 23.99
C ALA C 340 -26.10 13.50 25.42
N PHE C 341 -25.46 14.26 26.30
CA PHE C 341 -25.88 14.28 27.69
C PHE C 341 -27.30 14.81 27.83
N GLU C 342 -27.73 15.70 26.92
CA GLU C 342 -29.12 16.14 26.93
C GLU C 342 -30.05 14.98 26.60
N GLN C 343 -29.68 14.15 25.61
CA GLN C 343 -30.57 13.08 25.18
C GLN C 343 -30.79 12.04 26.28
N LEU C 344 -29.76 11.73 27.07
CA LEU C 344 -29.90 10.74 28.12
C LEU C 344 -30.75 11.21 29.30
N LEU C 345 -31.11 12.50 29.34
CA LEU C 345 -31.95 13.03 30.40
C LEU C 345 -33.41 13.16 29.99
N ASN C 346 -33.79 12.53 28.87
CA ASN C 346 -35.18 12.53 28.42
C ASN C 346 -35.94 11.44 29.18
N TYR C 347 -36.14 11.71 30.47
CA TYR C 347 -36.69 10.71 31.38
C TYR C 347 -38.14 10.35 31.07
N ASN C 348 -38.84 11.11 30.24
CA ASN C 348 -40.25 10.88 29.97
C ASN C 348 -40.48 10.14 28.67
N VAL C 349 -39.58 9.23 28.31
CA VAL C 349 -39.73 8.43 27.09
C VAL C 349 -39.60 6.95 27.43
N SER C 350 -39.91 6.60 28.69
CA SER C 350 -39.95 5.20 29.13
C SER C 350 -38.55 4.59 29.18
N ARG C 351 -37.55 5.38 29.52
CA ARG C 351 -36.17 4.89 29.48
C ARG C 351 -35.97 3.73 30.45
N ALA C 352 -35.07 2.82 30.07
CA ALA C 352 -34.54 1.83 30.99
C ALA C 352 -33.54 2.55 31.87
N ASN C 353 -34.03 3.17 32.93
CA ASN C 353 -33.27 4.17 33.68
C ASN C 353 -32.16 3.52 34.51
N CYS C 354 -31.15 2.99 33.83
CA CYS C 354 -30.04 2.35 34.52
C CYS C 354 -28.92 2.03 33.54
N ASN C 355 -27.67 2.13 33.99
CA ASN C 355 -26.50 1.91 33.12
C ASN C 355 -26.51 2.84 31.92
N LYS C 356 -26.43 4.14 32.22
CA LYS C 356 -26.29 5.13 31.15
C LYS C 356 -24.90 5.05 30.55
N ILE C 357 -24.81 5.23 29.24
CA ILE C 357 -23.55 5.07 28.52
C ILE C 357 -23.53 6.03 27.34
N ILE C 358 -22.33 6.47 26.95
CA ILE C 358 -22.11 7.30 25.78
C ILE C 358 -20.81 6.83 25.15
N MET C 359 -20.90 6.17 24.00
CA MET C 359 -19.74 5.50 23.40
C MET C 359 -19.35 6.29 22.14
N LEU C 360 -18.48 7.27 22.33
CA LEU C 360 -18.06 8.12 21.23
C LEU C 360 -17.16 7.37 20.26
N PHE C 361 -17.42 7.54 18.97
CA PHE C 361 -16.55 7.06 17.91
C PHE C 361 -15.87 8.26 17.25
N THR C 362 -14.57 8.15 17.00
CA THR C 362 -13.86 9.25 16.37
C THR C 362 -12.50 8.74 15.91
N ASP C 363 -11.83 9.56 15.11
CA ASP C 363 -10.46 9.28 14.70
C ASP C 363 -9.46 9.78 15.72
N GLY C 364 -9.54 11.06 16.08
CA GLY C 364 -8.63 11.64 17.06
C GLY C 364 -9.01 13.06 17.39
N GLY C 365 -9.08 13.37 18.68
CA GLY C 365 -9.49 14.68 19.13
C GLY C 365 -8.31 15.56 19.51
N GLU C 366 -8.62 16.84 19.70
CA GLU C 366 -7.65 17.81 20.21
C GLU C 366 -8.25 18.68 21.29
N GLU C 367 -9.53 18.54 21.61
CA GLU C 367 -10.21 19.34 22.63
C GLU C 367 -10.96 18.38 23.54
N ARG C 368 -10.56 18.35 24.82
CA ARG C 368 -11.29 17.57 25.82
C ARG C 368 -12.37 18.46 26.44
N ALA C 369 -13.62 18.03 26.34
CA ALA C 369 -14.73 18.86 26.77
C ALA C 369 -14.84 18.90 28.29
N GLN C 370 -13.85 19.51 28.95
CA GLN C 370 -13.86 19.57 30.40
C GLN C 370 -15.11 20.30 30.90
N GLU C 371 -15.46 21.41 30.25
CA GLU C 371 -16.60 22.19 30.72
C GLU C 371 -17.89 21.40 30.64
N ILE C 372 -18.08 20.63 29.56
CA ILE C 372 -19.28 19.82 29.43
C ILE C 372 -19.31 18.73 30.50
N PHE C 373 -18.18 18.07 30.74
CA PHE C 373 -18.14 17.02 31.74
C PHE C 373 -18.29 17.55 33.15
N ASN C 374 -18.04 18.84 33.37
CA ASN C 374 -18.33 19.43 34.67
C ASN C 374 -19.75 19.97 34.76
N LYS C 375 -20.34 20.36 33.63
CA LYS C 375 -21.72 20.83 33.62
C LYS C 375 -22.68 19.65 33.80
N TYR C 376 -22.66 18.71 32.88
CA TYR C 376 -23.33 17.43 33.06
C TYR C 376 -22.33 16.43 33.66
N ASN C 377 -22.85 15.28 34.08
CA ASN C 377 -22.00 14.18 34.53
C ASN C 377 -21.07 14.61 35.65
N LYS C 378 -21.52 15.54 36.49
CA LYS C 378 -20.69 15.97 37.62
C LYS C 378 -20.48 14.82 38.60
N ASP C 379 -21.52 14.03 38.86
CA ASP C 379 -21.45 12.92 39.81
C ASP C 379 -21.02 11.62 39.15
N LYS C 380 -20.53 11.68 37.91
CA LYS C 380 -20.07 10.48 37.20
C LYS C 380 -21.18 9.45 37.07
N LYS C 381 -22.41 9.93 36.90
CA LYS C 381 -23.52 9.01 36.68
C LYS C 381 -23.36 8.25 35.39
N VAL C 382 -22.95 8.92 34.33
CA VAL C 382 -22.88 8.32 33.01
C VAL C 382 -21.46 7.82 32.75
N ARG C 383 -21.38 6.71 32.03
CA ARG C 383 -20.11 6.15 31.58
C ARG C 383 -19.80 6.66 30.19
N VAL C 384 -18.52 6.72 29.85
CA VAL C 384 -18.12 7.19 28.53
C VAL C 384 -16.98 6.34 27.97
N PHE C 385 -17.30 5.43 27.07
CA PHE C 385 -16.28 4.75 26.28
C PHE C 385 -16.01 5.54 25.02
N THR C 386 -14.82 5.35 24.47
CA THR C 386 -14.41 6.12 23.30
C THR C 386 -13.52 5.27 22.41
N PHE C 387 -13.84 5.21 21.12
CA PHE C 387 -13.10 4.39 20.17
C PHE C 387 -12.28 5.31 19.27
N SER C 388 -10.98 5.03 19.18
CA SER C 388 -10.11 5.75 18.24
C SER C 388 -9.93 4.91 16.97
N VAL C 389 -11.02 4.83 16.19
CA VAL C 389 -11.04 3.97 15.03
C VAL C 389 -10.10 4.48 13.96
N GLY C 390 -9.61 3.57 13.12
CA GLY C 390 -8.82 3.91 11.96
C GLY C 390 -7.34 4.05 12.26
N GLN C 391 -6.56 4.02 11.19
CA GLN C 391 -5.12 4.27 11.26
C GLN C 391 -4.88 5.73 10.91
N HIS C 392 -4.23 6.46 11.82
CA HIS C 392 -3.99 7.87 11.64
C HIS C 392 -2.88 8.29 12.59
N ASN C 393 -2.66 9.59 12.71
CA ASN C 393 -1.61 10.13 13.59
C ASN C 393 -2.13 11.29 14.43
N TYR C 394 -3.45 11.45 14.52
CA TYR C 394 -4.01 12.52 15.33
C TYR C 394 -3.86 12.20 16.81
N ASP C 395 -3.87 13.26 17.63
CA ASP C 395 -3.68 13.09 19.06
C ASP C 395 -4.78 12.22 19.65
N ARG C 396 -4.41 11.36 20.58
CA ARG C 396 -5.34 10.49 21.28
C ARG C 396 -5.38 10.76 22.78
N GLY C 397 -4.63 11.75 23.25
CA GLY C 397 -4.63 12.09 24.66
C GLY C 397 -5.98 12.55 25.15
N PRO C 398 -6.61 13.47 24.41
CA PRO C 398 -7.95 13.92 24.82
C PRO C 398 -8.95 12.80 24.95
N ILE C 399 -8.94 11.84 24.03
CA ILE C 399 -9.91 10.75 24.08
C ILE C 399 -9.62 9.82 25.26
N GLN C 400 -8.35 9.48 25.46
CA GLN C 400 -7.99 8.65 26.60
C GLN C 400 -8.40 9.32 27.90
N TRP C 401 -8.14 10.62 28.03
CA TRP C 401 -8.51 11.34 29.23
C TRP C 401 -10.03 11.40 29.41
N MET C 402 -10.77 11.60 28.32
CA MET C 402 -12.22 11.61 28.41
C MET C 402 -12.75 10.28 28.93
N ALA C 403 -12.19 9.18 28.43
CA ALA C 403 -12.59 7.87 28.92
C ALA C 403 -12.18 7.68 30.38
N CYS C 404 -10.99 8.14 30.75
CA CYS C 404 -10.43 7.83 32.06
C CYS C 404 -11.14 8.60 33.17
N GLU C 405 -11.38 9.90 32.97
CA GLU C 405 -12.04 10.68 34.01
C GLU C 405 -13.40 10.06 34.35
N ASN C 406 -14.22 9.85 33.33
CA ASN C 406 -15.49 9.17 33.52
C ASN C 406 -15.24 7.68 33.79
N LYS C 407 -16.25 7.01 34.31
CA LYS C 407 -16.09 5.62 34.70
C LYS C 407 -16.13 4.73 33.45
N GLY C 408 -15.27 5.02 32.48
CA GLY C 408 -15.30 4.34 31.21
C GLY C 408 -14.02 3.61 30.90
N TYR C 409 -13.72 3.45 29.61
CA TYR C 409 -12.55 2.70 29.16
C TYR C 409 -12.31 3.03 27.69
N TYR C 410 -11.04 3.17 27.32
CA TYR C 410 -10.65 3.62 25.99
C TYR C 410 -10.14 2.44 25.18
N TYR C 411 -10.63 2.32 23.95
CA TYR C 411 -10.28 1.25 23.04
C TYR C 411 -9.64 1.81 21.77
N GLU C 412 -9.28 0.92 20.88
CA GLU C 412 -8.72 1.28 19.58
C GLU C 412 -9.12 0.23 18.57
N ILE C 413 -9.40 0.67 17.35
CA ILE C 413 -9.82 -0.23 16.28
C ILE C 413 -8.93 0.04 15.06
N PRO C 414 -7.71 -0.49 15.03
CA PRO C 414 -6.80 -0.14 13.93
C PRO C 414 -7.36 -0.43 12.55
N SER C 415 -8.10 -1.52 12.40
CA SER C 415 -8.62 -1.90 11.08
C SER C 415 -9.58 -3.07 11.26
N ILE C 416 -10.26 -3.43 10.19
CA ILE C 416 -11.23 -4.51 10.21
C ILE C 416 -10.54 -5.75 10.77
N GLY C 417 -11.30 -6.56 11.51
CA GLY C 417 -10.73 -7.70 12.20
C GLY C 417 -10.57 -7.42 13.68
N ALA C 418 -10.18 -6.19 14.01
CA ALA C 418 -10.13 -5.75 15.39
C ALA C 418 -11.48 -5.23 15.88
N ILE C 419 -12.48 -5.15 15.01
CA ILE C 419 -13.79 -4.67 15.42
C ILE C 419 -14.50 -5.70 16.28
N ARG C 420 -14.52 -6.95 15.82
CA ARG C 420 -15.29 -7.99 16.51
C ARG C 420 -14.77 -8.24 17.91
N ILE C 421 -13.46 -8.11 18.12
CA ILE C 421 -12.89 -8.39 19.43
C ILE C 421 -12.95 -7.18 20.36
N ASN C 422 -13.16 -5.98 19.84
CA ASN C 422 -13.16 -4.75 20.64
C ASN C 422 -14.56 -4.27 20.99
N THR C 423 -15.47 -4.23 20.01
CA THR C 423 -16.79 -3.66 20.26
C THR C 423 -17.52 -4.39 21.38
N GLN C 424 -17.16 -5.64 21.67
CA GLN C 424 -17.82 -6.44 22.69
C GLN C 424 -17.15 -6.35 24.05
N GLU C 425 -16.08 -5.57 24.18
CA GLU C 425 -15.32 -5.54 25.42
C GLU C 425 -15.95 -4.67 26.50
N TYR C 426 -16.80 -3.71 26.13
CA TYR C 426 -17.38 -2.83 27.13
C TYR C 426 -18.25 -3.59 28.13
N LEU C 427 -18.68 -4.81 27.79
CA LEU C 427 -19.43 -5.61 28.74
C LEU C 427 -18.59 -6.00 29.94
N ASP C 428 -17.28 -6.19 29.74
CA ASP C 428 -16.41 -6.45 30.88
C ASP C 428 -16.42 -5.28 31.86
N VAL C 429 -16.37 -4.06 31.33
CA VAL C 429 -16.42 -2.88 32.20
C VAL C 429 -17.78 -2.79 32.89
N LEU C 430 -18.86 -2.95 32.13
CA LEU C 430 -20.19 -2.80 32.70
C LEU C 430 -20.46 -3.82 33.79
N GLY C 431 -19.71 -4.92 33.81
CA GLY C 431 -19.91 -5.95 34.80
C GLY C 431 -19.23 -5.70 36.14
N ARG C 432 -18.46 -4.63 36.26
CA ARG C 432 -17.74 -4.39 37.50
C ARG C 432 -18.67 -4.22 38.69
N PRO C 433 -19.72 -3.38 38.62
CA PRO C 433 -20.58 -3.23 39.80
C PRO C 433 -21.23 -4.53 40.25
N MET C 434 -21.67 -5.36 39.30
CA MET C 434 -22.32 -6.60 39.69
C MET C 434 -21.32 -7.60 40.28
N VAL C 435 -20.09 -7.61 39.78
CA VAL C 435 -19.06 -8.44 40.38
C VAL C 435 -18.78 -7.97 41.81
N LEU C 436 -18.63 -6.65 42.00
CA LEU C 436 -18.38 -6.14 43.33
C LEU C 436 -19.55 -6.42 44.27
N ALA C 437 -20.76 -6.54 43.72
CA ALA C 437 -21.89 -7.04 44.50
C ALA C 437 -21.68 -8.53 44.76
N GLY C 438 -21.65 -8.90 46.04
CA GLY C 438 -21.25 -10.25 46.42
C GLY C 438 -22.06 -11.35 45.76
N ASP C 439 -23.34 -11.47 46.13
CA ASP C 439 -24.18 -12.55 45.63
C ASP C 439 -25.53 -12.09 45.13
N LYS C 440 -25.84 -10.79 45.22
CA LYS C 440 -27.09 -10.29 44.70
C LYS C 440 -27.18 -10.40 43.19
N ALA C 441 -26.06 -10.63 42.51
CA ALA C 441 -26.03 -10.71 41.05
C ALA C 441 -26.19 -12.12 40.51
N LYS C 442 -26.05 -13.14 41.35
CA LYS C 442 -26.20 -14.53 40.91
C LYS C 442 -27.68 -14.90 40.87
N GLN C 443 -28.36 -14.34 39.87
CA GLN C 443 -29.77 -14.62 39.61
C GLN C 443 -29.91 -15.20 38.22
N VAL C 444 -30.57 -16.35 38.11
CA VAL C 444 -30.78 -16.95 36.79
C VAL C 444 -31.64 -16.02 35.96
N GLN C 445 -31.19 -15.74 34.73
CA GLN C 445 -31.79 -14.72 33.88
C GLN C 445 -32.10 -15.34 32.53
N TRP C 446 -33.31 -15.88 32.39
CA TRP C 446 -33.72 -16.50 31.14
C TRP C 446 -33.77 -15.49 30.01
N THR C 447 -33.33 -15.91 28.83
CA THR C 447 -33.32 -15.07 27.66
C THR C 447 -34.62 -15.23 26.89
N ASN C 448 -34.70 -14.64 25.70
CA ASN C 448 -35.85 -14.77 24.82
C ASN C 448 -35.56 -15.83 23.75
N VAL C 449 -36.64 -16.36 23.18
CA VAL C 449 -36.50 -17.46 22.23
C VAL C 449 -35.55 -17.06 21.11
N TYR C 450 -34.64 -17.95 20.77
CA TYR C 450 -33.69 -17.72 19.69
C TYR C 450 -33.24 -19.06 19.15
N LEU C 451 -33.01 -19.11 17.84
CA LEU C 451 -32.57 -20.35 17.21
C LEU C 451 -31.22 -20.79 17.76
N ASP C 452 -31.12 -22.06 18.11
CA ASP C 452 -29.89 -22.57 18.70
C ASP C 452 -28.75 -22.52 17.69
N ALA C 453 -27.54 -22.35 18.22
CA ALA C 453 -26.35 -22.32 17.37
C ALA C 453 -25.95 -23.72 16.90
N LEU C 454 -26.48 -24.77 17.52
CA LEU C 454 -26.15 -26.14 17.16
C LEU C 454 -27.30 -26.83 16.41
N GLU C 455 -28.16 -26.05 15.77
CA GLU C 455 -29.26 -26.58 14.97
C GLU C 455 -30.11 -27.56 15.79
N LEU C 456 -30.73 -27.02 16.83
CA LEU C 456 -31.60 -27.79 17.72
C LEU C 456 -33.05 -27.33 17.71
N GLY C 457 -33.34 -26.13 17.22
CA GLY C 457 -34.70 -25.62 17.20
C GLY C 457 -34.82 -24.27 17.87
N LEU C 458 -35.84 -24.10 18.70
CA LEU C 458 -36.03 -22.89 19.49
C LEU C 458 -35.72 -23.21 20.94
N VAL C 459 -34.75 -22.51 21.51
CA VAL C 459 -34.28 -22.77 22.86
C VAL C 459 -34.14 -21.45 23.59
N ILE C 460 -34.61 -21.41 24.83
CA ILE C 460 -34.37 -20.28 25.74
C ILE C 460 -33.30 -20.72 26.73
N THR C 461 -32.29 -19.88 26.92
CA THR C 461 -31.12 -20.22 27.71
C THR C 461 -31.15 -19.51 29.05
N GLY C 462 -31.00 -20.27 30.12
CA GLY C 462 -30.80 -19.70 31.44
C GLY C 462 -29.32 -19.40 31.64
N THR C 463 -29.04 -18.27 32.28
CA THR C 463 -27.69 -17.77 32.41
C THR C 463 -27.41 -17.37 33.86
N LEU C 464 -26.16 -17.59 34.29
CA LEU C 464 -25.75 -17.30 35.65
C LEU C 464 -24.25 -17.00 35.68
N PRO C 465 -23.85 -15.74 35.86
CA PRO C 465 -22.42 -15.43 35.86
C PRO C 465 -21.67 -16.14 36.98
N VAL C 466 -20.44 -16.53 36.69
CA VAL C 466 -19.53 -17.09 37.68
C VAL C 466 -18.39 -16.09 37.90
N PHE C 467 -18.23 -15.66 39.14
CA PHE C 467 -17.29 -14.59 39.45
C PHE C 467 -15.89 -15.16 39.67
N ASN C 468 -14.93 -14.27 39.86
CA ASN C 468 -13.54 -14.61 40.10
C ASN C 468 -13.27 -14.48 41.59
N ILE C 469 -13.14 -15.61 42.27
CA ILE C 469 -12.78 -15.60 43.69
C ILE C 469 -11.39 -16.20 43.85
N THR C 470 -10.38 -15.35 43.79
CA THR C 470 -9.00 -15.74 44.04
C THR C 470 -8.46 -14.81 45.12
N GLY C 471 -7.94 -15.39 46.20
CA GLY C 471 -7.56 -14.63 47.35
C GLY C 471 -8.70 -14.30 48.29
N GLN C 472 -9.89 -14.84 48.05
CA GLN C 472 -11.01 -14.63 48.95
C GLN C 472 -10.69 -15.21 50.32
N PHE C 473 -11.22 -14.57 51.36
CA PHE C 473 -10.99 -14.86 52.76
C PHE C 473 -9.59 -14.47 53.20
N GLU C 474 -8.73 -14.02 52.30
CA GLU C 474 -7.49 -13.37 52.66
C GLU C 474 -7.61 -11.85 52.69
N ASN C 475 -8.68 -11.31 52.12
CA ASN C 475 -8.97 -9.87 52.16
C ASN C 475 -7.88 -9.05 51.51
N LYS C 476 -7.23 -9.61 50.47
CA LYS C 476 -6.25 -8.83 49.72
C LYS C 476 -6.93 -7.67 49.00
N THR C 477 -8.04 -7.95 48.31
CA THR C 477 -8.88 -6.94 47.66
C THR C 477 -8.06 -5.94 46.85
N ASN C 478 -6.89 -6.36 46.35
CA ASN C 478 -6.11 -5.59 45.39
C ASN C 478 -5.70 -6.54 44.26
N LEU C 479 -6.62 -6.75 43.32
CA LEU C 479 -6.43 -7.71 42.24
C LEU C 479 -7.50 -7.44 41.18
N LYS C 480 -7.44 -8.19 40.08
CA LYS C 480 -8.45 -8.12 39.04
C LYS C 480 -9.61 -9.06 39.34
N ASN C 481 -10.16 -8.94 40.55
CA ASN C 481 -11.31 -9.74 40.97
C ASN C 481 -12.63 -9.07 40.63
N GLN C 482 -12.61 -8.03 39.81
CA GLN C 482 -13.80 -7.31 39.41
C GLN C 482 -14.29 -7.69 38.02
N LEU C 483 -13.71 -8.73 37.42
CA LEU C 483 -14.10 -9.20 36.10
C LEU C 483 -14.57 -10.65 36.21
N ILE C 484 -15.72 -10.93 35.59
CA ILE C 484 -16.28 -12.27 35.64
C ILE C 484 -15.41 -13.23 34.84
N LEU C 485 -15.36 -14.48 35.27
CA LEU C 485 -14.80 -15.53 34.42
C LEU C 485 -15.62 -15.68 33.15
N GLY C 486 -16.94 -15.66 33.27
CA GLY C 486 -17.82 -15.74 32.13
C GLY C 486 -19.22 -16.15 32.55
N VAL C 487 -20.14 -15.99 31.62
CA VAL C 487 -21.52 -16.44 31.79
C VAL C 487 -21.58 -17.88 31.31
N MET C 488 -22.31 -18.72 32.03
CA MET C 488 -22.43 -20.13 31.71
C MET C 488 -23.89 -20.54 31.85
N GLY C 489 -24.50 -20.96 30.76
CA GLY C 489 -25.93 -21.19 30.73
C GLY C 489 -26.37 -22.62 30.46
N VAL C 490 -27.66 -22.85 30.63
CA VAL C 490 -28.31 -24.11 30.29
C VAL C 490 -29.44 -23.80 29.31
N ASP C 491 -29.76 -24.77 28.46
CA ASP C 491 -30.71 -24.57 27.38
C ASP C 491 -31.98 -25.35 27.63
N VAL C 492 -33.12 -24.69 27.42
CA VAL C 492 -34.43 -25.32 27.48
C VAL C 492 -35.09 -25.13 26.12
N SER C 493 -35.57 -26.22 25.54
CA SER C 493 -36.15 -26.19 24.20
C SER C 493 -37.66 -26.01 24.27
N LEU C 494 -38.19 -25.12 23.43
CA LEU C 494 -39.62 -24.92 23.40
C LEU C 494 -40.36 -26.21 23.14
N GLU C 495 -39.76 -27.12 22.37
CA GLU C 495 -40.37 -28.44 22.20
C GLU C 495 -40.45 -29.20 23.51
N ASP C 496 -39.67 -28.79 24.51
CA ASP C 496 -39.74 -29.40 25.84
C ASP C 496 -40.81 -28.76 26.71
N ILE C 497 -40.98 -27.44 26.60
CA ILE C 497 -42.05 -26.77 27.33
C ILE C 497 -43.41 -27.19 26.79
N LYS C 498 -43.49 -27.41 25.46
CA LYS C 498 -44.77 -27.72 24.85
C LYS C 498 -45.37 -29.02 25.36
N ARG C 499 -44.57 -29.94 25.88
CA ARG C 499 -45.09 -31.19 26.41
C ARG C 499 -45.49 -31.08 27.87
N LEU C 500 -45.29 -29.92 28.51
CA LEU C 500 -45.86 -29.65 29.81
C LEU C 500 -47.23 -29.01 29.74
N THR C 501 -47.69 -28.67 28.54
CA THR C 501 -48.98 -28.01 28.31
C THR C 501 -49.75 -28.82 27.28
N PRO C 502 -50.36 -29.93 27.69
CA PRO C 502 -51.02 -30.81 26.71
C PRO C 502 -52.16 -30.13 25.98
N ARG C 503 -51.99 -29.93 24.67
CA ARG C 503 -53.01 -29.31 23.84
C ARG C 503 -54.15 -30.26 23.49
N PHE C 504 -53.91 -31.57 23.55
CA PHE C 504 -54.86 -32.53 22.99
C PHE C 504 -56.14 -32.64 23.79
N THR C 505 -56.15 -32.22 25.06
CA THR C 505 -57.38 -32.24 25.84
C THR C 505 -58.32 -31.12 25.43
N LEU C 506 -57.81 -30.06 24.81
CA LEU C 506 -58.61 -28.93 24.38
C LEU C 506 -59.12 -29.14 22.96
N CYS C 507 -60.03 -28.28 22.54
CA CYS C 507 -60.51 -28.30 21.17
C CYS C 507 -59.43 -27.74 20.25
N PRO C 508 -59.55 -27.97 18.94
CA PRO C 508 -58.53 -27.48 18.01
C PRO C 508 -58.30 -25.98 18.10
N ASN C 509 -59.33 -25.21 18.48
CA ASN C 509 -59.17 -23.77 18.58
C ASN C 509 -58.36 -23.36 19.81
N GLY C 510 -58.46 -24.10 20.90
CA GLY C 510 -57.77 -23.72 22.12
C GLY C 510 -56.27 -23.93 22.03
N TYR C 511 -55.55 -23.26 22.92
CA TYR C 511 -54.09 -23.35 22.96
C TYR C 511 -53.59 -22.56 24.16
N TYR C 512 -52.30 -22.68 24.43
CA TYR C 512 -51.62 -21.93 25.47
C TYR C 512 -50.72 -20.88 24.83
N PHE C 513 -50.24 -19.97 25.67
CA PHE C 513 -49.16 -19.07 25.25
C PHE C 513 -48.68 -18.28 26.46
N ALA C 514 -47.40 -17.97 26.46
CA ALA C 514 -46.76 -17.19 27.51
C ALA C 514 -45.90 -16.12 26.86
N ILE C 515 -45.65 -15.05 27.60
CA ILE C 515 -44.99 -13.86 27.07
C ILE C 515 -43.92 -13.39 28.03
N ASP C 516 -42.79 -12.92 27.48
CA ASP C 516 -41.77 -12.22 28.24
C ASP C 516 -42.41 -11.03 28.94
N PRO C 517 -41.74 -10.43 29.93
CA PRO C 517 -42.22 -9.12 30.40
C PRO C 517 -42.29 -8.10 29.29
N ASN C 518 -41.38 -8.18 28.31
CA ASN C 518 -41.42 -7.29 27.16
C ASN C 518 -42.62 -7.54 26.27
N GLY C 519 -43.34 -8.64 26.46
CA GLY C 519 -44.48 -9.00 25.64
C GLY C 519 -44.18 -10.04 24.58
N TYR C 520 -42.91 -10.25 24.24
CA TYR C 520 -42.56 -11.23 23.24
C TYR C 520 -43.10 -12.60 23.62
N VAL C 521 -43.69 -13.29 22.64
CA VAL C 521 -44.38 -14.55 22.91
C VAL C 521 -43.37 -15.63 23.27
N LEU C 522 -43.88 -16.72 23.82
CA LEU C 522 -43.08 -17.88 24.18
C LEU C 522 -44.03 -19.05 24.28
N LEU C 523 -43.82 -20.07 23.45
CA LEU C 523 -44.75 -21.19 23.34
C LEU C 523 -46.11 -20.70 22.84
N HIS C 524 -46.11 -20.16 21.62
CA HIS C 524 -47.32 -19.73 20.95
C HIS C 524 -47.53 -20.54 19.68
N PRO C 525 -48.76 -20.93 19.36
CA PRO C 525 -48.97 -21.77 18.16
C PRO C 525 -48.52 -21.11 16.87
N ASN C 526 -48.56 -19.78 16.78
CA ASN C 526 -48.23 -19.07 15.56
C ASN C 526 -46.74 -18.75 15.45
N LEU C 527 -45.94 -19.18 16.42
CA LEU C 527 -44.49 -18.96 16.39
C LEU C 527 -43.86 -20.08 15.59
N GLN C 528 -43.44 -19.77 14.36
CA GLN C 528 -42.83 -20.78 13.51
C GLN C 528 -41.30 -20.71 13.60
N PRO C 529 -40.59 -21.84 13.66
CA PRO C 529 -39.13 -21.77 13.85
C PRO C 529 -38.39 -21.28 12.62
N LYS C 530 -38.36 -19.96 12.42
CA LYS C 530 -37.56 -19.37 11.36
C LYS C 530 -37.33 -17.90 11.69
N PRO C 531 -36.30 -17.28 11.13
CA PRO C 531 -35.94 -15.92 11.54
C PRO C 531 -37.07 -14.93 11.29
N ILE C 532 -37.23 -14.00 12.22
CA ILE C 532 -38.20 -12.93 12.06
C ILE C 532 -37.71 -11.96 11.00
N GLY C 533 -38.59 -11.60 10.07
CA GLY C 533 -38.19 -10.72 8.98
C GLY C 533 -38.13 -9.28 9.40
N VAL C 534 -37.22 -8.54 8.76
CA VAL C 534 -37.07 -7.10 8.95
C VAL C 534 -36.98 -6.45 7.57
N GLY C 535 -37.90 -5.55 7.28
CA GLY C 535 -37.88 -4.83 6.01
C GLY C 535 -38.00 -5.74 4.81
N ILE C 536 -38.07 -5.16 3.62
CA ILE C 536 -38.10 -5.92 2.38
C ILE C 536 -36.70 -6.43 2.09
N PRO C 537 -36.54 -7.63 1.53
CA PRO C 537 -35.19 -8.09 1.16
C PRO C 537 -34.60 -7.23 0.06
N THR C 538 -33.30 -7.42 -0.17
CA THR C 538 -32.54 -6.60 -1.11
C THR C 538 -31.79 -7.49 -2.07
N ILE C 539 -31.57 -6.97 -3.28
CA ILE C 539 -30.84 -7.71 -4.30
C ILE C 539 -29.37 -7.81 -3.91
N ASN C 540 -28.81 -9.00 -4.01
CA ASN C 540 -27.40 -9.22 -3.71
C ASN C 540 -26.55 -9.14 -4.97
N GLN C 554 -29.16 -14.44 13.01
CA GLN C 554 -28.79 -14.81 14.37
C GLN C 554 -29.66 -14.08 15.39
N GLU C 555 -30.37 -13.04 14.93
CA GLU C 555 -31.19 -12.26 15.83
C GLU C 555 -32.27 -13.15 16.45
N PRO C 556 -32.61 -12.95 17.73
CA PRO C 556 -33.59 -13.83 18.35
C PRO C 556 -34.95 -13.74 17.66
N VAL C 557 -35.67 -14.85 17.69
CA VAL C 557 -37.00 -14.92 17.11
C VAL C 557 -37.98 -14.32 18.10
N THR C 558 -38.23 -13.01 17.97
CA THR C 558 -39.05 -12.26 18.91
C THR C 558 -40.32 -11.80 18.20
N LEU C 559 -41.45 -12.39 18.57
CA LEU C 559 -42.76 -12.02 18.04
C LEU C 559 -43.56 -11.38 19.17
N ASP C 560 -43.87 -10.10 19.02
CA ASP C 560 -44.72 -9.43 20.00
C ASP C 560 -46.10 -10.07 19.99
N PHE C 561 -46.70 -10.18 21.18
CA PHE C 561 -47.93 -10.94 21.30
C PHE C 561 -49.04 -10.39 20.41
N LEU C 562 -49.07 -9.07 20.20
CA LEU C 562 -50.10 -8.50 19.34
C LEU C 562 -49.82 -8.81 17.87
N ASP C 563 -48.56 -9.05 17.51
CA ASP C 563 -48.20 -9.36 16.14
C ASP C 563 -48.32 -10.84 15.81
N ALA C 564 -48.55 -11.69 16.81
CA ALA C 564 -48.80 -13.11 16.57
C ALA C 564 -50.27 -13.41 16.36
N GLU C 565 -51.15 -12.43 16.54
CA GLU C 565 -52.58 -12.62 16.37
C GLU C 565 -53.18 -11.30 15.89
N LEU C 566 -54.48 -11.31 15.63
CA LEU C 566 -55.18 -10.08 15.33
C LEU C 566 -55.28 -9.22 16.59
N GLU C 567 -54.86 -7.97 16.50
CA GLU C 567 -54.77 -7.09 17.65
C GLU C 567 -55.92 -6.07 17.62
N ASN C 568 -56.58 -5.93 18.76
CA ASN C 568 -57.66 -4.96 18.91
C ASN C 568 -57.50 -4.27 20.25
N ASP C 569 -58.52 -3.49 20.63
CA ASP C 569 -58.45 -2.73 21.87
C ASP C 569 -58.66 -3.59 23.11
N ILE C 570 -59.16 -4.82 22.94
CA ILE C 570 -59.38 -5.71 24.08
C ILE C 570 -58.13 -6.54 24.37
N LYS C 571 -57.54 -7.14 23.33
CA LYS C 571 -56.36 -7.97 23.54
C LYS C 571 -55.19 -7.17 24.11
N VAL C 572 -55.11 -5.89 23.77
CA VAL C 572 -54.02 -5.06 24.30
C VAL C 572 -54.13 -4.95 25.82
N GLU C 573 -55.36 -4.84 26.33
CA GLU C 573 -55.55 -4.81 27.78
C GLU C 573 -55.10 -6.12 28.41
N ILE C 574 -55.42 -7.25 27.77
CA ILE C 574 -54.97 -8.55 28.30
C ILE C 574 -53.45 -8.60 28.33
N ARG C 575 -52.82 -8.16 27.25
CA ARG C 575 -51.36 -8.15 27.21
C ARG C 575 -50.77 -7.29 28.31
N ASN C 576 -51.33 -6.09 28.51
CA ASN C 576 -50.82 -5.21 29.56
C ASN C 576 -50.99 -5.85 30.93
N LYS C 577 -52.13 -6.49 31.18
CA LYS C 577 -52.37 -7.10 32.48
C LYS C 577 -51.42 -8.27 32.73
N MET C 578 -51.19 -9.11 31.72
CA MET C 578 -50.31 -10.26 31.92
C MET C 578 -48.89 -9.81 32.26
N ILE C 579 -48.39 -8.78 31.58
CA ILE C 579 -47.02 -8.34 31.81
C ILE C 579 -46.84 -7.94 33.27
N ASP C 580 -47.84 -7.27 33.85
CA ASP C 580 -47.78 -6.88 35.25
C ASP C 580 -47.96 -8.05 36.21
N GLY C 581 -48.33 -9.23 35.71
CA GLY C 581 -48.49 -10.39 36.55
C GLY C 581 -49.88 -10.57 37.14
N GLU C 582 -50.78 -9.62 36.93
CA GLU C 582 -52.13 -9.77 37.45
C GLU C 582 -52.77 -11.04 36.92
N SER C 583 -53.48 -11.76 37.78
CA SER C 583 -54.15 -12.99 37.42
C SER C 583 -55.65 -12.73 37.34
N GLY C 584 -56.24 -12.99 36.18
CA GLY C 584 -57.66 -12.75 35.99
C GLY C 584 -58.15 -13.42 34.73
N GLU C 585 -59.47 -13.44 34.59
CA GLU C 585 -60.14 -14.09 33.49
C GLU C 585 -61.03 -13.09 32.74
N LYS C 586 -61.01 -13.17 31.42
CA LYS C 586 -61.76 -12.25 30.58
C LYS C 586 -62.44 -13.03 29.47
N THR C 587 -63.60 -12.55 29.05
CA THR C 587 -64.35 -13.13 27.94
C THR C 587 -64.80 -12.01 27.01
N PHE C 588 -64.84 -12.32 25.72
CA PHE C 588 -65.23 -11.34 24.71
C PHE C 588 -65.37 -12.07 23.38
N ARG C 589 -65.74 -11.30 22.35
CA ARG C 589 -65.90 -11.80 20.99
C ARG C 589 -64.86 -11.12 20.12
N THR C 590 -64.00 -11.90 19.48
CA THR C 590 -62.91 -11.39 18.68
C THR C 590 -62.84 -12.16 17.36
N LEU C 591 -61.93 -11.73 16.49
CA LEU C 591 -61.74 -12.31 15.18
C LEU C 591 -60.45 -13.12 15.17
N VAL C 592 -60.51 -14.33 14.58
CA VAL C 592 -59.40 -15.25 14.56
C VAL C 592 -58.97 -15.47 13.12
N LYS C 593 -57.68 -15.33 12.86
CA LYS C 593 -57.13 -15.55 11.52
C LYS C 593 -56.96 -17.06 11.31
N SER C 594 -57.74 -17.62 10.41
CA SER C 594 -57.74 -19.05 10.20
C SER C 594 -56.34 -19.57 9.85
N GLN C 595 -56.17 -20.88 9.97
CA GLN C 595 -54.85 -21.48 9.79
C GLN C 595 -54.31 -21.33 8.38
N ASP C 596 -55.16 -21.05 7.41
CA ASP C 596 -54.72 -20.90 6.02
C ASP C 596 -54.47 -19.45 5.64
N GLU C 597 -54.60 -18.51 6.58
CA GLU C 597 -54.35 -17.09 6.31
C GLU C 597 -55.19 -16.60 5.13
N ARG C 598 -56.41 -17.13 5.02
CA ARG C 598 -57.30 -16.74 3.94
C ARG C 598 -58.73 -16.56 4.41
N TYR C 599 -59.00 -16.60 5.71
CA TYR C 599 -60.35 -16.44 6.23
C TYR C 599 -60.29 -15.82 7.61
N ILE C 600 -61.38 -15.17 7.99
CA ILE C 600 -61.54 -14.61 9.33
C ILE C 600 -62.97 -14.87 9.78
N ASP C 601 -63.14 -15.19 11.05
CA ASP C 601 -64.44 -15.54 11.60
C ASP C 601 -64.57 -14.94 12.99
N LYS C 602 -65.82 -14.75 13.42
CA LYS C 602 -66.13 -14.20 14.72
C LYS C 602 -66.45 -15.31 15.70
N GLY C 603 -65.83 -15.27 16.87
CA GLY C 603 -66.08 -16.26 17.90
C GLY C 603 -65.72 -15.73 19.26
N ASN C 604 -66.11 -16.49 20.28
CA ASN C 604 -65.84 -16.14 21.67
C ASN C 604 -64.60 -16.90 22.14
N ARG C 605 -63.72 -16.20 22.84
CA ARG C 605 -62.46 -16.77 23.31
C ARG C 605 -62.23 -16.31 24.74
N THR C 606 -62.59 -17.17 25.70
CA THR C 606 -62.42 -16.84 27.11
C THR C 606 -60.95 -16.93 27.51
N TYR C 607 -60.25 -15.81 27.48
CA TYR C 607 -58.85 -15.80 27.88
C TYR C 607 -58.72 -16.11 29.36
N THR C 608 -57.52 -16.55 29.74
CA THR C 608 -57.19 -16.79 31.14
C THR C 608 -55.67 -16.81 31.26
N TRP C 609 -55.17 -16.17 32.30
CA TRP C 609 -53.74 -15.98 32.44
C TRP C 609 -53.36 -16.02 33.91
N THR C 610 -52.09 -16.31 34.15
CA THR C 610 -51.56 -16.36 35.52
C THR C 610 -50.06 -16.21 35.45
N PRO C 611 -49.41 -15.68 36.49
CA PRO C 611 -47.95 -15.60 36.49
C PRO C 611 -47.31 -16.82 37.13
N VAL C 612 -46.20 -17.26 36.55
CA VAL C 612 -45.40 -18.32 37.13
C VAL C 612 -44.47 -17.68 38.16
N ASN C 613 -44.71 -17.96 39.44
CA ASN C 613 -44.04 -17.21 40.49
C ASN C 613 -42.53 -17.42 40.47
N GLY C 614 -42.07 -18.53 39.88
CA GLY C 614 -40.64 -18.79 39.87
C GLY C 614 -39.85 -17.75 39.12
N THR C 615 -40.40 -17.27 38.00
CA THR C 615 -39.69 -16.34 37.13
C THR C 615 -40.67 -15.29 36.62
N ASP C 616 -40.25 -14.54 35.61
CA ASP C 616 -41.04 -13.46 35.04
C ASP C 616 -41.67 -13.97 33.75
N TYR C 617 -42.87 -14.52 33.88
CA TYR C 617 -43.63 -15.01 32.72
C TYR C 617 -45.10 -15.00 33.07
N SER C 618 -45.94 -15.11 32.04
CA SER C 618 -47.38 -15.08 32.22
C SER C 618 -47.98 -16.10 31.25
N LEU C 619 -48.20 -17.30 31.74
CA LEU C 619 -48.82 -18.34 30.91
C LEU C 619 -50.31 -18.06 30.76
N ALA C 620 -50.80 -18.09 29.53
CA ALA C 620 -52.19 -17.81 29.22
C ALA C 620 -52.88 -19.08 28.76
N LEU C 621 -54.16 -18.96 28.42
CA LEU C 621 -54.94 -20.10 27.95
C LEU C 621 -56.21 -19.63 27.28
N VAL C 622 -56.45 -20.07 26.05
CA VAL C 622 -57.57 -19.61 25.25
C VAL C 622 -58.52 -20.79 25.06
N LEU C 623 -59.75 -20.65 25.52
CA LEU C 623 -60.77 -21.68 25.35
C LEU C 623 -62.05 -21.06 24.81
N PRO C 624 -62.55 -21.49 23.65
CA PRO C 624 -63.89 -21.04 23.24
C PRO C 624 -64.94 -21.55 24.19
N THR C 625 -66.12 -20.93 24.12
CA THR C 625 -67.21 -21.28 25.05
C THR C 625 -67.66 -22.73 24.89
N TYR C 626 -67.42 -23.35 23.74
CA TYR C 626 -67.88 -24.70 23.49
C TYR C 626 -66.84 -25.76 23.79
N SER C 627 -65.67 -25.38 24.31
CA SER C 627 -64.60 -26.33 24.63
C SER C 627 -64.41 -26.50 26.13
N PHE C 628 -65.40 -26.11 26.92
CA PHE C 628 -65.31 -26.30 28.37
C PHE C 628 -65.23 -27.78 28.72
N TYR C 629 -65.99 -28.62 28.02
CA TYR C 629 -66.09 -30.03 28.31
C TYR C 629 -65.51 -30.84 27.17
N TYR C 630 -64.88 -31.96 27.51
CA TYR C 630 -64.27 -32.86 26.52
C TYR C 630 -64.60 -34.29 26.89
N ILE C 631 -64.58 -35.16 25.89
CA ILE C 631 -64.89 -36.58 26.08
C ILE C 631 -63.59 -37.34 26.27
N LYS C 632 -63.55 -38.16 27.31
CA LYS C 632 -62.43 -39.07 27.55
C LYS C 632 -62.96 -40.49 27.64
N ALA C 633 -62.25 -41.43 27.02
CA ALA C 633 -62.73 -42.79 26.87
C ALA C 633 -62.19 -43.68 27.99
N LYS C 634 -63.04 -44.57 28.48
CA LYS C 634 -62.66 -45.58 29.46
C LYS C 634 -63.01 -46.95 28.90
N LEU C 635 -62.01 -47.82 28.77
CA LEU C 635 -62.19 -49.15 28.21
C LEU C 635 -61.51 -50.17 29.10
N GLU C 636 -62.22 -51.26 29.40
CA GLU C 636 -61.65 -52.34 30.19
C GLU C 636 -61.97 -53.73 29.66
N GLU C 637 -62.93 -53.87 28.73
CA GLU C 637 -63.25 -55.20 28.21
C GLU C 637 -62.08 -55.81 27.45
N THR C 638 -61.39 -55.00 26.65
CA THR C 638 -60.26 -55.37 25.80
C THR C 638 -60.72 -56.15 24.57
N ILE C 639 -61.99 -56.51 24.45
CA ILE C 639 -62.50 -57.15 23.24
C ILE C 639 -62.90 -56.11 22.20
N THR C 640 -63.71 -55.12 22.61
CA THR C 640 -64.00 -54.00 21.72
C THR C 640 -62.72 -53.29 21.31
N GLN C 641 -61.75 -53.21 22.22
CA GLN C 641 -60.46 -52.65 21.87
C GLN C 641 -59.86 -53.39 20.68
N ALA C 642 -60.06 -54.69 20.58
CA ALA C 642 -59.53 -55.43 19.44
C ALA C 642 -60.16 -54.95 18.14
N ARG C 643 -61.49 -55.09 18.02
CA ARG C 643 -62.15 -54.70 16.78
C ARG C 643 -61.81 -53.26 16.42
N TYR C 644 -61.60 -52.40 17.42
CA TYR C 644 -61.13 -51.06 17.13
C TYR C 644 -59.70 -51.08 16.59
N SER C 645 -58.87 -52.00 17.10
CA SER C 645 -57.48 -52.09 16.67
C SER C 645 -57.37 -52.48 15.20
N GLU C 646 -58.09 -53.52 14.77
CA GLU C 646 -58.11 -53.87 13.36
C GLU C 646 -59.18 -53.12 12.56
N THR C 647 -59.89 -52.18 13.20
CA THR C 647 -60.83 -51.34 12.45
C THR C 647 -60.12 -50.48 11.42
N LEU C 648 -58.94 -49.96 11.76
CA LEU C 648 -58.19 -49.05 10.89
C LEU C 648 -57.03 -49.75 10.21
N LYS C 649 -57.19 -51.01 9.82
CA LYS C 649 -56.15 -51.69 9.08
C LYS C 649 -56.07 -51.17 7.65
N PRO C 650 -54.88 -51.19 7.04
CA PRO C 650 -54.77 -50.74 5.65
C PRO C 650 -55.56 -51.58 4.66
N ASP C 651 -55.83 -52.85 4.97
CA ASP C 651 -56.49 -53.75 4.03
C ASP C 651 -58.01 -53.64 4.06
N ASN C 652 -58.58 -52.97 5.06
CA ASN C 652 -60.03 -52.79 5.15
C ASN C 652 -60.50 -51.52 4.45
N PHE C 653 -59.60 -50.80 3.78
CA PHE C 653 -59.97 -49.55 3.14
C PHE C 653 -61.04 -49.77 2.07
N GLU C 654 -60.91 -50.84 1.29
CA GLU C 654 -61.83 -51.06 0.18
C GLU C 654 -63.28 -51.05 0.63
N GLU C 655 -63.54 -51.49 1.86
CA GLU C 655 -64.90 -51.53 2.38
C GLU C 655 -65.12 -50.63 3.59
N SER C 656 -64.11 -49.85 3.98
CA SER C 656 -64.23 -48.94 5.12
C SER C 656 -63.70 -47.55 4.82
N GLY C 657 -63.29 -47.29 3.58
CA GLY C 657 -62.78 -45.98 3.23
C GLY C 657 -61.37 -45.75 3.75
N TYR C 658 -60.62 -44.89 3.07
CA TYR C 658 -59.26 -44.59 3.49
C TYR C 658 -59.28 -44.03 4.91
N THR C 659 -58.12 -44.04 5.56
CA THR C 659 -58.05 -43.64 6.96
C THR C 659 -56.69 -43.02 7.25
N PHE C 660 -56.69 -41.90 7.96
CA PHE C 660 -55.48 -41.27 8.47
C PHE C 660 -55.43 -41.37 9.98
N ILE C 661 -54.23 -41.18 10.53
CA ILE C 661 -54.03 -41.09 11.97
C ILE C 661 -53.09 -39.93 12.24
N ALA C 662 -53.43 -39.12 13.24
CA ALA C 662 -52.62 -37.96 13.56
C ALA C 662 -51.30 -38.40 14.22
N PRO C 663 -50.18 -37.74 13.90
CA PRO C 663 -48.93 -38.05 14.59
C PRO C 663 -48.91 -37.58 16.04
N ARG C 664 -49.66 -38.26 16.90
CA ARG C 664 -49.65 -37.97 18.33
C ARG C 664 -48.71 -38.95 19.04
N ASP C 665 -48.28 -38.54 20.23
CA ASP C 665 -47.31 -39.31 21.01
C ASP C 665 -48.03 -40.44 21.74
N TYR C 666 -48.24 -41.54 21.02
CA TYR C 666 -48.78 -42.77 21.61
C TYR C 666 -47.62 -43.55 22.23
N CYS C 667 -47.19 -43.09 23.41
CA CYS C 667 -46.05 -43.68 24.08
C CYS C 667 -44.81 -43.52 23.21
N ASN C 668 -43.80 -44.37 23.41
CA ASN C 668 -42.56 -44.28 22.66
C ASN C 668 -42.72 -44.71 21.19
N ASP C 669 -43.94 -44.94 20.71
CA ASP C 669 -44.14 -45.35 19.34
C ASP C 669 -43.40 -44.41 18.39
N LEU C 670 -43.01 -44.95 17.24
CA LEU C 670 -42.25 -44.18 16.26
C LEU C 670 -42.99 -42.91 15.87
N LYS C 671 -42.27 -41.80 15.85
CA LYS C 671 -42.84 -40.52 15.44
C LYS C 671 -42.57 -40.31 13.96
N ILE C 672 -43.65 -40.15 13.18
CA ILE C 672 -43.52 -40.03 11.74
C ILE C 672 -43.23 -38.59 11.37
N SER C 673 -42.66 -38.41 10.18
CA SER C 673 -42.32 -37.09 9.65
C SER C 673 -43.13 -36.71 8.43
N ASP C 674 -43.13 -37.56 7.39
CA ASP C 674 -43.77 -37.20 6.12
C ASP C 674 -44.79 -38.23 5.63
N ASN C 675 -44.51 -39.52 5.78
CA ASN C 675 -45.32 -40.56 5.14
C ASN C 675 -46.20 -41.21 6.21
N ASN C 676 -47.50 -40.95 6.14
CA ASN C 676 -48.43 -41.39 7.18
C ASN C 676 -48.69 -42.89 7.10
N THR C 677 -48.45 -43.51 5.94
CA THR C 677 -48.76 -44.93 5.79
C THR C 677 -47.94 -45.79 6.74
N GLU C 678 -46.63 -45.56 6.77
CA GLU C 678 -45.79 -46.30 7.70
C GLU C 678 -46.13 -45.99 9.15
N PHE C 679 -46.58 -44.77 9.44
CA PHE C 679 -47.02 -44.48 10.80
C PHE C 679 -48.25 -45.31 11.16
N LEU C 680 -49.20 -45.44 10.24
CA LEU C 680 -50.37 -46.28 10.48
C LEU C 680 -49.95 -47.73 10.71
N LEU C 681 -49.01 -48.23 9.90
CA LEU C 681 -48.53 -49.59 10.09
C LEU C 681 -47.85 -49.76 11.45
N ASN C 682 -47.03 -48.79 11.85
CA ASN C 682 -46.37 -48.86 13.14
C ASN C 682 -47.38 -48.82 14.28
N PHE C 683 -48.42 -48.00 14.14
CA PHE C 683 -49.48 -47.97 15.15
C PHE C 683 -50.20 -49.30 15.23
N ASN C 684 -50.44 -49.92 14.08
CA ASN C 684 -51.07 -51.24 14.07
C ASN C 684 -50.21 -52.25 14.82
N GLU C 685 -48.90 -52.24 14.55
CA GLU C 685 -48.00 -53.15 15.25
C GLU C 685 -47.99 -52.87 16.75
N PHE C 686 -47.99 -51.59 17.13
CA PHE C 686 -47.94 -51.23 18.55
C PHE C 686 -49.21 -51.69 19.26
N ILE C 687 -50.38 -51.47 18.67
CA ILE C 687 -51.62 -51.91 19.29
C ILE C 687 -51.68 -53.43 19.33
N ASP C 688 -51.14 -54.11 18.30
CA ASP C 688 -51.06 -55.56 18.35
C ASP C 688 -50.23 -56.01 19.55
N ARG C 689 -49.09 -55.35 19.78
CA ARG C 689 -48.29 -55.67 20.95
C ARG C 689 -49.08 -55.43 22.23
N LYS C 690 -49.73 -54.29 22.35
CA LYS C 690 -50.52 -53.97 23.52
C LYS C 690 -51.35 -52.71 23.29
N ASN C 698 -49.00 -43.00 27.62
CA ASN C 698 -50.26 -42.31 27.44
C ASN C 698 -51.35 -43.29 27.02
N ALA C 699 -52.16 -43.72 27.99
CA ALA C 699 -53.22 -44.69 27.75
C ALA C 699 -54.55 -44.05 27.37
N ASP C 700 -54.90 -42.91 27.97
CA ASP C 700 -56.17 -42.27 27.66
C ASP C 700 -56.21 -41.82 26.21
N LEU C 701 -55.11 -41.23 25.72
CA LEU C 701 -55.09 -40.71 24.35
C LEU C 701 -55.31 -41.83 23.34
N ILE C 702 -54.62 -42.95 23.49
CA ILE C 702 -54.79 -44.06 22.57
C ILE C 702 -56.20 -44.61 22.67
N ASN C 703 -56.76 -44.65 23.87
CA ASN C 703 -58.14 -45.10 24.04
C ASN C 703 -59.10 -44.19 23.27
N ARG C 704 -58.89 -42.88 23.36
CA ARG C 704 -59.74 -41.95 22.63
C ARG C 704 -59.60 -42.16 21.12
N VAL C 705 -58.37 -42.35 20.65
CA VAL C 705 -58.18 -42.56 19.21
C VAL C 705 -58.90 -43.81 18.76
N LEU C 706 -58.78 -44.90 19.52
CA LEU C 706 -59.45 -46.13 19.15
C LEU C 706 -60.97 -45.99 19.17
N LEU C 707 -61.50 -45.28 20.18
CA LEU C 707 -62.94 -45.04 20.23
C LEU C 707 -63.41 -44.25 19.02
N ASP C 708 -62.66 -43.21 18.65
CA ASP C 708 -63.03 -42.42 17.48
C ASP C 708 -62.98 -43.26 16.22
N ALA C 709 -61.95 -44.11 16.09
CA ALA C 709 -61.86 -45.00 14.94
C ALA C 709 -63.09 -45.91 14.88
N GLY C 710 -63.48 -46.47 16.02
CA GLY C 710 -64.63 -47.35 16.04
C GLY C 710 -65.91 -46.64 15.62
N PHE C 711 -66.13 -45.45 16.15
CA PHE C 711 -67.35 -44.71 15.81
C PHE C 711 -67.36 -44.31 14.34
N THR C 712 -66.23 -43.86 13.82
CA THR C 712 -66.18 -43.49 12.40
C THR C 712 -66.40 -44.70 11.52
N ASN C 713 -65.81 -45.84 11.87
CA ASN C 713 -66.05 -47.07 11.12
C ASN C 713 -67.53 -47.44 11.15
N GLU C 714 -68.15 -47.34 12.32
CA GLU C 714 -69.57 -47.64 12.43
C GLU C 714 -70.37 -46.75 11.48
N LEU C 715 -70.12 -45.44 11.50
CA LEU C 715 -70.84 -44.54 10.62
C LEU C 715 -70.66 -44.91 9.16
N VAL C 716 -69.40 -45.05 8.73
CA VAL C 716 -69.15 -45.26 7.31
C VAL C 716 -69.79 -46.57 6.86
N GLN C 717 -69.56 -47.66 7.62
CA GLN C 717 -70.10 -48.95 7.24
C GLN C 717 -71.63 -48.94 7.23
N ASN C 718 -72.24 -48.28 8.22
CA ASN C 718 -73.69 -48.27 8.29
C ASN C 718 -74.29 -47.53 7.09
N TYR C 719 -73.84 -46.30 6.85
CA TYR C 719 -74.48 -45.43 5.87
C TYR C 719 -73.64 -45.18 4.63
N TRP C 720 -72.40 -44.69 4.79
CA TRP C 720 -71.62 -44.31 3.61
C TRP C 720 -71.36 -45.52 2.72
N SER C 721 -71.33 -46.72 3.31
CA SER C 721 -71.25 -47.92 2.49
C SER C 721 -72.56 -48.19 1.76
N LYS C 722 -73.65 -47.58 2.20
CA LYS C 722 -74.97 -47.84 1.61
C LYS C 722 -75.19 -47.00 0.36
N GLN C 723 -75.19 -45.68 0.49
CA GLN C 723 -75.45 -44.78 -0.63
C GLN C 723 -74.14 -44.35 -1.26
N LYS C 724 -73.41 -45.34 -1.76
CA LYS C 724 -72.11 -45.08 -2.35
C LYS C 724 -72.26 -44.35 -3.68
N ASN C 725 -71.36 -43.40 -3.92
CA ASN C 725 -71.27 -42.69 -5.19
C ASN C 725 -72.59 -41.99 -5.54
N ILE C 726 -72.96 -41.02 -4.69
CA ILE C 726 -74.11 -40.19 -4.99
C ILE C 726 -73.84 -39.36 -6.24
N LYS C 727 -74.91 -38.85 -6.85
CA LYS C 727 -74.79 -38.21 -8.16
C LYS C 727 -73.71 -37.13 -8.17
N GLY C 728 -73.77 -36.20 -7.22
CA GLY C 728 -72.86 -35.07 -7.22
C GLY C 728 -71.88 -35.03 -6.06
N VAL C 729 -71.72 -36.16 -5.36
CA VAL C 729 -70.78 -36.26 -4.25
C VAL C 729 -69.56 -37.00 -4.74
N LYS C 730 -68.51 -36.25 -5.09
CA LYS C 730 -67.27 -36.88 -5.55
C LYS C 730 -66.66 -37.74 -4.45
N ALA C 731 -66.64 -37.24 -3.21
CA ALA C 731 -66.07 -37.98 -2.11
C ALA C 731 -66.68 -37.46 -0.81
N ARG C 732 -66.55 -38.27 0.23
CA ARG C 732 -67.08 -37.94 1.55
C ARG C 732 -66.01 -38.22 2.60
N PHE C 733 -65.84 -37.28 3.53
CA PHE C 733 -64.82 -37.42 4.56
C PHE C 733 -65.40 -37.00 5.90
N VAL C 734 -64.88 -37.61 6.96
CA VAL C 734 -65.24 -37.27 8.34
C VAL C 734 -63.97 -37.14 9.14
N VAL C 735 -63.84 -36.04 9.87
CA VAL C 735 -62.68 -35.75 10.71
C VAL C 735 -63.15 -35.64 12.14
N THR C 736 -62.46 -36.33 13.04
CA THR C 736 -62.77 -36.29 14.47
C THR C 736 -61.54 -35.79 15.23
N ASP C 737 -61.63 -35.80 16.55
CA ASP C 737 -60.47 -35.57 17.39
C ASP C 737 -59.73 -36.88 17.61
N GLY C 738 -58.51 -36.76 18.12
CA GLY C 738 -57.63 -37.90 18.27
C GLY C 738 -56.80 -38.20 17.04
N GLY C 739 -57.31 -37.89 15.85
CA GLY C 739 -56.55 -38.03 14.62
C GLY C 739 -57.22 -38.88 13.56
N ILE C 740 -58.48 -39.25 13.79
CA ILE C 740 -59.18 -40.15 12.87
C ILE C 740 -59.79 -39.31 11.76
N THR C 741 -59.23 -39.43 10.56
CA THR C 741 -59.80 -38.86 9.34
C THR C 741 -60.04 -39.98 8.35
N ARG C 742 -61.27 -40.08 7.84
CA ARG C 742 -61.67 -41.19 6.98
C ARG C 742 -62.31 -40.64 5.72
N VAL C 743 -61.86 -41.13 4.57
CA VAL C 743 -62.40 -40.78 3.26
C VAL C 743 -62.96 -42.05 2.63
N TYR C 744 -64.20 -41.98 2.14
CA TYR C 744 -64.89 -43.21 1.76
C TYR C 744 -64.40 -43.78 0.43
N PRO C 745 -64.38 -43.03 -0.67
CA PRO C 745 -64.10 -43.66 -1.98
C PRO C 745 -62.78 -44.40 -2.05
N LYS C 746 -61.79 -44.00 -1.23
CA LYS C 746 -60.47 -44.63 -1.25
C LYS C 746 -59.66 -44.17 -2.46
N GLU C 747 -60.27 -43.39 -3.35
CA GLU C 747 -59.57 -42.80 -4.47
C GLU C 747 -59.36 -41.30 -4.30
N ALA C 748 -60.27 -40.61 -3.62
CA ALA C 748 -60.04 -39.21 -3.27
C ALA C 748 -58.87 -39.05 -2.31
N GLY C 749 -58.49 -40.12 -1.61
CA GLY C 749 -57.35 -40.03 -0.71
C GLY C 749 -56.08 -39.61 -1.43
N GLU C 750 -55.89 -40.11 -2.65
CA GLU C 750 -54.74 -39.69 -3.45
C GLU C 750 -54.80 -38.21 -3.79
N ASN C 751 -55.97 -37.59 -3.66
CA ASN C 751 -56.15 -36.16 -3.89
C ASN C 751 -56.68 -35.49 -2.62
N TRP C 752 -56.14 -35.86 -1.47
CA TRP C 752 -56.53 -35.34 -0.18
C TRP C 752 -55.32 -34.62 0.41
N GLN C 753 -55.28 -33.30 0.24
CA GLN C 753 -54.13 -32.50 0.65
C GLN C 753 -54.20 -32.06 2.11
N GLU C 754 -55.31 -32.30 2.80
CA GLU C 754 -55.42 -31.88 4.18
C GLU C 754 -54.38 -32.58 5.04
N ASN C 755 -53.79 -31.85 5.97
CA ASN C 755 -52.76 -32.42 6.83
C ASN C 755 -53.35 -33.55 7.66
N PRO C 756 -52.60 -34.64 7.88
CA PRO C 756 -53.16 -35.74 8.69
C PRO C 756 -53.57 -35.31 10.08
N GLU C 757 -52.80 -34.43 10.71
CA GLU C 757 -53.17 -33.95 12.05
C GLU C 757 -54.45 -33.14 11.97
N THR C 758 -55.40 -33.46 12.84
CA THR C 758 -56.69 -32.77 12.82
C THR C 758 -56.59 -31.37 13.40
N TYR C 759 -55.77 -31.17 14.43
CA TYR C 759 -55.63 -29.86 15.04
C TYR C 759 -54.98 -28.85 14.11
N GLU C 760 -54.40 -29.30 13.00
CA GLU C 760 -53.77 -28.41 12.02
C GLU C 760 -54.61 -28.25 10.76
N ASP C 761 -55.82 -28.81 10.73
CA ASP C 761 -56.68 -28.71 9.56
C ASP C 761 -57.46 -27.41 9.61
N SER C 762 -57.27 -26.57 8.59
CA SER C 762 -57.90 -25.26 8.58
C SER C 762 -59.43 -25.36 8.65
N PHE C 763 -60.00 -26.24 7.84
CA PHE C 763 -61.46 -26.35 7.81
C PHE C 763 -62.00 -26.84 9.14
N TYR C 764 -61.29 -27.74 9.81
CA TYR C 764 -61.75 -28.27 11.08
C TYR C 764 -61.91 -27.16 12.11
N LYS C 765 -60.86 -26.36 12.30
CA LYS C 765 -60.95 -25.25 13.24
C LYS C 765 -62.02 -24.25 12.81
N ARG C 766 -62.00 -23.88 11.53
CA ARG C 766 -63.00 -22.94 11.02
C ARG C 766 -64.40 -23.53 11.14
N SER C 767 -64.56 -24.79 10.75
CA SER C 767 -65.87 -25.42 10.83
C SER C 767 -66.40 -25.42 12.25
N LEU C 768 -65.53 -25.66 13.24
CA LEU C 768 -65.94 -25.53 14.63
C LEU C 768 -66.32 -24.10 14.95
N ASP C 769 -65.56 -23.13 14.42
CA ASP C 769 -65.78 -21.74 14.80
C ASP C 769 -67.18 -21.28 14.46
N ASN C 770 -67.66 -21.61 13.26
CA ASN C 770 -68.99 -21.22 12.83
C ASN C 770 -70.03 -22.26 13.29
N ASP C 771 -71.28 -22.02 12.91
CA ASP C 771 -72.39 -22.90 13.23
C ASP C 771 -73.20 -23.23 11.98
N ASN C 772 -72.55 -23.21 10.82
CA ASN C 772 -73.22 -23.45 9.56
C ASN C 772 -72.22 -24.04 8.57
N TYR C 773 -72.73 -24.61 7.49
CA TYR C 773 -71.87 -25.21 6.49
C TYR C 773 -70.86 -24.19 5.98
N VAL C 774 -69.62 -24.61 5.87
CA VAL C 774 -68.52 -23.75 5.44
C VAL C 774 -67.96 -24.28 4.14
N PHE C 775 -67.85 -23.40 3.15
CA PHE C 775 -67.32 -23.76 1.83
C PHE C 775 -65.88 -23.29 1.73
N THR C 776 -64.99 -24.20 1.31
CA THR C 776 -63.56 -23.92 1.20
C THR C 776 -63.19 -23.93 -0.28
N ALA C 777 -62.83 -22.76 -0.81
CA ALA C 777 -62.43 -22.67 -2.20
C ALA C 777 -61.02 -23.21 -2.35
N PRO C 778 -60.79 -24.24 -3.18
CA PRO C 778 -59.43 -24.75 -3.36
C PRO C 778 -58.51 -23.70 -3.95
N TYR C 779 -57.22 -23.84 -3.66
CA TYR C 779 -56.23 -22.91 -4.18
C TYR C 779 -56.25 -22.94 -5.71
N PHE C 780 -55.57 -21.97 -6.31
CA PHE C 780 -55.55 -21.80 -7.75
C PHE C 780 -54.12 -21.75 -8.27
N ASN C 781 -53.92 -22.32 -9.46
CA ASN C 781 -52.60 -22.44 -10.08
C ASN C 781 -51.64 -23.18 -9.16
N LYS C 782 -52.11 -24.30 -8.61
CA LYS C 782 -51.29 -25.16 -7.79
C LYS C 782 -50.54 -26.16 -8.66
N SER C 783 -49.26 -26.37 -8.34
CA SER C 783 -48.48 -27.36 -9.08
C SER C 783 -49.16 -28.73 -9.03
N GLY C 784 -49.79 -29.06 -7.92
CA GLY C 784 -50.53 -30.31 -7.81
C GLY C 784 -51.92 -30.18 -8.39
N PRO C 785 -52.60 -31.32 -8.52
CA PRO C 785 -53.95 -31.32 -9.05
C PRO C 785 -54.97 -30.80 -8.06
N GLY C 786 -56.09 -30.35 -8.60
CA GLY C 786 -57.19 -29.89 -7.76
C GLY C 786 -58.09 -28.94 -8.53
N ALA C 787 -59.22 -28.63 -7.90
CA ALA C 787 -60.26 -27.70 -8.32
C ALA C 787 -61.13 -28.26 -9.44
N TYR C 788 -60.79 -29.40 -10.02
CA TYR C 788 -61.68 -30.08 -10.97
C TYR C 788 -61.85 -31.56 -10.65
N GLU C 789 -60.78 -32.23 -10.23
CA GLU C 789 -60.84 -33.65 -9.89
C GLU C 789 -60.94 -33.88 -8.39
N SER C 790 -60.94 -32.82 -7.60
CA SER C 790 -61.11 -32.90 -6.15
C SER C 790 -62.43 -32.34 -5.68
N GLY C 791 -62.89 -31.24 -6.26
CA GLY C 791 -64.17 -30.66 -5.90
C GLY C 791 -64.06 -29.72 -4.72
N ILE C 792 -65.01 -28.79 -4.65
CA ILE C 792 -65.08 -27.88 -3.52
C ILE C 792 -65.45 -28.65 -2.26
N MET C 793 -64.98 -28.16 -1.12
CA MET C 793 -65.16 -28.84 0.16
C MET C 793 -66.27 -28.17 0.97
N VAL C 794 -66.98 -29.01 1.73
CA VAL C 794 -68.01 -28.55 2.65
C VAL C 794 -67.78 -29.24 3.98
N SER C 795 -68.26 -28.62 5.06
CA SER C 795 -68.06 -29.17 6.39
C SER C 795 -69.09 -28.59 7.33
N LYS C 796 -69.34 -29.31 8.43
CA LYS C 796 -70.34 -28.88 9.41
C LYS C 796 -70.03 -29.58 10.73
N ALA C 797 -69.72 -28.80 11.76
CA ALA C 797 -69.41 -29.37 13.06
C ALA C 797 -70.58 -30.18 13.58
N VAL C 798 -70.27 -31.33 14.17
CA VAL C 798 -71.30 -32.26 14.66
C VAL C 798 -71.57 -31.87 16.11
N GLU C 799 -72.47 -30.90 16.30
CA GLU C 799 -72.85 -30.48 17.64
C GLU C 799 -73.51 -31.63 18.38
N ILE C 800 -73.24 -31.72 19.69
CA ILE C 800 -73.75 -32.81 20.52
C ILE C 800 -74.22 -32.24 21.85
N TYR C 801 -75.22 -32.88 22.44
CA TYR C 801 -75.70 -32.57 23.79
C TYR C 801 -75.75 -33.89 24.56
N ILE C 802 -74.61 -34.28 25.15
CA ILE C 802 -74.57 -35.52 25.92
C ILE C 802 -75.49 -35.43 27.13
N GLN C 803 -75.34 -34.35 27.91
CA GLN C 803 -76.18 -34.13 29.08
C GLN C 803 -76.57 -32.66 29.20
N GLY C 804 -76.70 -31.97 28.07
CA GLY C 804 -76.94 -30.54 28.06
C GLY C 804 -75.71 -29.70 27.83
N LYS C 805 -74.56 -30.31 27.56
CA LYS C 805 -73.32 -29.60 27.30
C LYS C 805 -73.02 -29.64 25.81
N LEU C 806 -72.81 -28.47 25.21
CA LEU C 806 -72.48 -28.40 23.80
C LEU C 806 -71.10 -28.98 23.56
N LEU C 807 -71.00 -29.92 22.62
CA LEU C 807 -69.73 -30.53 22.25
C LEU C 807 -69.67 -30.69 20.74
N LYS C 808 -68.50 -30.40 20.17
CA LYS C 808 -68.27 -30.50 18.74
C LYS C 808 -67.00 -31.31 18.51
N PRO C 809 -67.04 -32.60 18.81
CA PRO C 809 -65.83 -33.43 18.70
C PRO C 809 -65.33 -33.57 17.27
N ALA C 810 -66.24 -33.80 16.32
CA ALA C 810 -65.86 -34.15 14.96
C ALA C 810 -66.54 -33.25 13.95
N VAL C 811 -66.06 -33.33 12.71
CA VAL C 811 -66.62 -32.60 11.59
C VAL C 811 -66.82 -33.57 10.44
N VAL C 812 -67.96 -33.47 9.76
CA VAL C 812 -68.29 -34.31 8.62
C VAL C 812 -68.44 -33.40 7.40
N GLY C 813 -67.75 -33.75 6.32
CA GLY C 813 -67.74 -32.92 5.13
C GLY C 813 -67.80 -33.76 3.87
N ILE C 814 -68.04 -33.07 2.76
CA ILE C 814 -68.10 -33.69 1.44
C ILE C 814 -67.40 -32.79 0.45
N LYS C 815 -66.88 -33.39 -0.62
CA LYS C 815 -66.22 -32.66 -1.70
C LYS C 815 -67.13 -32.75 -2.93
N ILE C 816 -67.99 -31.75 -3.09
CA ILE C 816 -68.94 -31.75 -4.20
C ILE C 816 -68.20 -31.65 -5.51
N ASP C 817 -68.61 -32.47 -6.49
CA ASP C 817 -68.02 -32.42 -7.81
C ASP C 817 -68.42 -31.12 -8.51
N VAL C 818 -67.46 -30.51 -9.20
CA VAL C 818 -67.69 -29.19 -9.78
C VAL C 818 -68.70 -29.27 -10.93
N ASN C 819 -68.59 -30.30 -11.77
CA ASN C 819 -69.40 -30.33 -12.99
C ASN C 819 -70.89 -30.50 -12.67
N SER C 820 -71.22 -31.38 -11.72
CA SER C 820 -72.63 -31.63 -11.43
C SER C 820 -73.33 -30.35 -10.98
N TRP C 821 -72.71 -29.59 -10.11
CA TRP C 821 -73.37 -28.40 -9.59
C TRP C 821 -73.16 -27.20 -10.51
N ILE C 822 -72.19 -27.25 -11.43
CA ILE C 822 -72.25 -26.39 -12.60
C ILE C 822 -73.53 -26.65 -13.37
N GLU C 823 -73.87 -27.92 -13.58
CA GLU C 823 -75.10 -28.24 -14.29
C GLU C 823 -76.31 -27.72 -13.52
N ASN C 824 -76.35 -27.94 -12.21
CA ASN C 824 -77.39 -27.32 -11.40
C ASN C 824 -77.49 -25.83 -11.68
N PHE C 825 -76.41 -25.08 -11.46
CA PHE C 825 -76.48 -23.63 -11.51
C PHE C 825 -76.88 -23.15 -12.90
N THR C 826 -76.33 -23.76 -13.95
CA THR C 826 -76.69 -23.37 -15.31
C THR C 826 -78.15 -23.68 -15.61
N LYS C 827 -78.70 -24.74 -15.01
CA LYS C 827 -80.12 -25.03 -15.19
C LYS C 827 -81.00 -23.91 -14.68
N THR C 828 -80.50 -23.09 -13.77
CA THR C 828 -81.26 -21.96 -13.23
C THR C 828 -80.77 -20.65 -13.85
N ASP C 849 -74.69 -12.15 -15.80
CA ASP C 849 -73.51 -12.80 -15.26
C ASP C 849 -73.73 -13.18 -13.80
N CYS C 850 -73.99 -14.46 -13.56
CA CYS C 850 -74.28 -14.96 -12.22
C CYS C 850 -73.00 -15.49 -11.58
N VAL C 851 -72.73 -15.05 -10.36
CA VAL C 851 -71.50 -15.39 -9.65
C VAL C 851 -71.86 -15.91 -8.26
N ILE C 852 -71.37 -17.11 -7.93
CA ILE C 852 -71.49 -17.65 -6.59
C ILE C 852 -70.17 -17.39 -5.87
N LEU C 853 -70.25 -16.83 -4.67
CA LEU C 853 -69.08 -16.32 -3.97
C LEU C 853 -69.22 -16.60 -2.48
N ASP C 854 -68.08 -16.59 -1.80
CA ASP C 854 -68.02 -16.82 -0.36
C ASP C 854 -67.14 -15.76 0.28
N ASP C 855 -67.27 -15.63 1.61
CA ASP C 855 -66.44 -14.68 2.33
C ASP C 855 -64.98 -14.95 2.04
N GLY C 856 -64.25 -13.89 1.69
CA GLY C 856 -62.91 -14.02 1.16
C GLY C 856 -62.83 -13.87 -0.34
N GLY C 857 -63.96 -13.72 -1.03
CA GLY C 857 -63.96 -13.41 -2.44
C GLY C 857 -63.24 -14.49 -3.23
N PHE C 858 -63.76 -15.72 -3.17
CA PHE C 858 -63.18 -16.85 -3.90
C PHE C 858 -64.28 -17.37 -4.80
N LEU C 859 -64.03 -17.38 -6.11
CA LEU C 859 -65.03 -17.76 -7.09
C LEU C 859 -65.31 -19.25 -7.01
N LEU C 860 -66.48 -19.62 -6.49
CA LEU C 860 -66.92 -21.00 -6.60
C LEU C 860 -67.44 -21.32 -8.00
N MET C 861 -68.30 -20.46 -8.57
CA MET C 861 -68.55 -20.44 -10.00
C MET C 861 -68.90 -19.03 -10.40
N ALA C 862 -68.73 -18.76 -11.68
CA ALA C 862 -69.39 -17.65 -12.35
C ALA C 862 -69.97 -18.19 -13.64
N ASN C 863 -71.16 -17.71 -14.03
CA ASN C 863 -71.86 -18.28 -15.16
C ASN C 863 -70.98 -18.37 -16.40
N HIS C 864 -70.18 -17.33 -16.64
CA HIS C 864 -69.30 -17.33 -17.80
C HIS C 864 -68.32 -18.49 -17.70
N ASP C 865 -68.12 -19.18 -18.83
CA ASP C 865 -67.27 -20.37 -18.84
C ASP C 865 -65.83 -20.03 -18.51
N ASP C 866 -65.33 -18.87 -18.96
CA ASP C 866 -63.95 -18.51 -18.69
C ASP C 866 -63.70 -18.38 -17.19
N TYR C 867 -64.64 -17.76 -16.47
CA TYR C 867 -64.45 -17.55 -15.04
C TYR C 867 -64.42 -18.88 -14.29
N THR C 868 -65.42 -19.74 -14.53
CA THR C 868 -65.46 -21.04 -13.87
C THR C 868 -64.29 -21.92 -14.31
N ASN C 869 -63.71 -21.64 -15.48
CA ASN C 869 -62.45 -22.30 -15.83
C ASN C 869 -61.36 -21.96 -14.82
N GLN C 870 -61.30 -20.69 -14.42
CA GLN C 870 -60.39 -20.26 -13.36
C GLN C 870 -61.12 -20.23 -12.01
N ILE C 871 -61.67 -21.40 -11.65
CA ILE C 871 -62.37 -21.55 -10.39
C ILE C 871 -61.37 -21.51 -9.24
N GLY C 872 -61.78 -20.93 -8.12
CA GLY C 872 -60.98 -20.90 -6.92
C GLY C 872 -60.08 -19.71 -6.77
N ARG C 873 -59.78 -19.01 -7.87
CA ARG C 873 -58.98 -17.80 -7.77
C ARG C 873 -59.72 -16.75 -6.95
N PHE C 874 -58.97 -15.97 -6.18
CA PHE C 874 -59.59 -14.95 -5.36
C PHE C 874 -60.34 -13.95 -6.24
N PHE C 875 -61.66 -13.96 -6.17
CA PHE C 875 -62.45 -12.94 -6.86
C PHE C 875 -61.97 -11.57 -6.41
N GLY C 876 -61.54 -10.76 -7.37
CA GLY C 876 -60.88 -9.51 -7.09
C GLY C 876 -59.79 -9.26 -8.11
N GLU C 877 -59.23 -10.33 -8.66
CA GLU C 877 -58.42 -10.28 -9.87
C GLU C 877 -59.29 -10.44 -11.11
N ILE C 878 -60.61 -10.37 -10.97
CA ILE C 878 -61.54 -10.68 -12.04
C ILE C 878 -62.37 -9.44 -12.35
N ASP C 879 -63.12 -8.96 -11.37
CA ASP C 879 -63.95 -7.76 -11.48
C ASP C 879 -63.66 -6.87 -10.28
N PRO C 880 -62.47 -6.26 -10.24
CA PRO C 880 -62.07 -5.53 -9.02
C PRO C 880 -63.04 -4.44 -8.62
N SER C 881 -63.59 -3.71 -9.59
CA SER C 881 -64.47 -2.59 -9.25
C SER C 881 -65.71 -3.07 -8.51
N LEU C 882 -66.20 -4.26 -8.84
CA LEU C 882 -67.37 -4.80 -8.16
C LEU C 882 -67.16 -4.83 -6.66
N MET C 883 -66.02 -5.37 -6.21
CA MET C 883 -65.75 -5.43 -4.78
C MET C 883 -65.35 -4.06 -4.23
N ARG C 884 -64.58 -3.31 -5.01
CA ARG C 884 -64.18 -1.97 -4.55
C ARG C 884 -65.39 -1.15 -4.18
N HIS C 885 -66.49 -1.32 -4.90
CA HIS C 885 -67.77 -0.74 -4.47
C HIS C 885 -68.38 -1.56 -3.35
N LEU C 886 -68.25 -2.89 -3.42
CA LEU C 886 -68.90 -3.76 -2.44
C LEU C 886 -68.35 -3.52 -1.04
N VAL C 887 -67.02 -3.38 -0.92
CA VAL C 887 -66.43 -3.13 0.39
C VAL C 887 -66.96 -1.85 0.99
N ASN C 888 -67.45 -0.93 0.15
CA ASN C 888 -67.88 0.38 0.60
C ASN C 888 -69.30 0.39 1.18
N ILE C 889 -70.05 -0.70 1.06
CA ILE C 889 -71.46 -0.71 1.45
C ILE C 889 -71.68 -1.62 2.64
N SER C 890 -70.69 -1.69 3.54
CA SER C 890 -70.81 -2.40 4.81
C SER C 890 -70.85 -3.92 4.63
N VAL C 891 -70.17 -4.43 3.61
CA VAL C 891 -70.00 -5.87 3.41
C VAL C 891 -68.61 -6.10 2.83
N TYR C 892 -67.99 -7.21 3.24
CA TYR C 892 -66.61 -7.51 2.91
C TYR C 892 -65.66 -6.43 3.45
N ALA C 893 -65.64 -6.34 4.78
CA ALA C 893 -64.57 -5.59 5.43
C ALA C 893 -63.27 -6.35 5.30
N PHE C 894 -62.20 -5.81 5.89
CA PHE C 894 -60.90 -6.46 5.81
C PHE C 894 -60.05 -6.02 6.99
N ASN C 895 -59.09 -6.87 7.34
CA ASN C 895 -58.13 -6.59 8.40
C ASN C 895 -56.73 -6.84 7.85
N LYS C 896 -56.01 -5.75 7.56
CA LYS C 896 -54.71 -5.83 6.90
C LYS C 896 -53.62 -6.12 7.93
N SER C 897 -53.58 -7.36 8.39
CA SER C 897 -52.63 -7.78 9.40
C SER C 897 -51.26 -8.00 8.77
N TYR C 898 -50.28 -8.33 9.61
CA TYR C 898 -48.90 -8.55 9.18
C TYR C 898 -48.46 -9.94 9.62
N ASP C 899 -47.64 -10.57 8.79
CA ASP C 899 -47.03 -11.86 9.08
C ASP C 899 -45.51 -11.70 9.00
N TYR C 900 -44.86 -11.63 10.16
CA TYR C 900 -43.44 -11.32 10.22
C TYR C 900 -42.55 -12.49 9.84
N GLN C 901 -43.10 -13.69 9.73
CA GLN C 901 -42.32 -14.89 9.41
C GLN C 901 -42.78 -15.39 8.05
N SER C 902 -42.04 -15.03 7.00
CA SER C 902 -42.38 -15.43 5.64
C SER C 902 -41.12 -15.39 4.79
N VAL C 903 -41.19 -16.04 3.64
CA VAL C 903 -40.05 -16.18 2.73
C VAL C 903 -40.38 -15.46 1.43
N CYS C 904 -39.38 -14.75 0.89
CA CYS C 904 -39.51 -14.03 -0.37
C CYS C 904 -38.39 -14.42 -1.30
N GLU C 905 -38.63 -14.25 -2.60
CA GLU C 905 -37.64 -14.59 -3.62
C GLU C 905 -36.57 -13.51 -3.73
N PRO C 906 -36.93 -12.21 -3.84
CA PRO C 906 -35.88 -11.18 -3.91
C PRO C 906 -34.88 -11.28 -2.76
N GLN C 972 -35.38 -15.73 1.37
CA GLN C 972 -35.03 -14.69 2.32
C GLN C 972 -36.23 -14.32 3.18
N SER C 973 -35.97 -14.04 4.45
CA SER C 973 -37.05 -13.66 5.37
C SER C 973 -37.59 -12.28 4.99
N CYS C 974 -38.92 -12.16 5.01
CA CYS C 974 -39.58 -10.93 4.61
C CYS C 974 -40.91 -10.81 5.34
N ILE C 975 -41.39 -9.58 5.48
CA ILE C 975 -42.66 -9.30 6.14
C ILE C 975 -43.75 -9.30 5.08
N THR C 976 -44.61 -10.30 5.11
CA THR C 976 -45.76 -10.36 4.23
C THR C 976 -46.95 -9.67 4.90
N GLU C 977 -47.75 -8.98 4.09
CA GLU C 977 -48.89 -8.20 4.56
C GLU C 977 -50.15 -8.92 4.10
N GLN C 978 -50.61 -9.89 4.91
CA GLN C 978 -51.75 -10.69 4.55
C GLN C 978 -53.04 -9.89 4.69
N THR C 979 -54.06 -10.31 3.94
CA THR C 979 -55.37 -9.67 3.97
C THR C 979 -56.45 -10.73 3.88
N GLN C 980 -57.54 -10.52 4.62
CA GLN C 980 -58.68 -11.42 4.58
C GLN C 980 -59.95 -10.60 4.60
N TYR C 981 -61.02 -11.19 4.07
CA TYR C 981 -62.31 -10.53 3.98
C TYR C 981 -63.38 -11.41 4.63
N PHE C 982 -64.37 -10.77 5.23
CA PHE C 982 -65.44 -11.49 5.91
C PHE C 982 -66.71 -10.67 5.87
N PHE C 983 -67.84 -11.34 6.05
CA PHE C 983 -69.13 -10.66 6.06
C PHE C 983 -69.24 -9.76 7.28
N ASP C 984 -69.80 -8.57 7.07
CA ASP C 984 -69.95 -7.57 8.13
C ASP C 984 -71.36 -7.53 8.70
N ASN C 985 -72.36 -7.29 7.85
CA ASN C 985 -73.73 -7.12 8.28
C ASN C 985 -74.50 -8.42 8.13
N ASP C 986 -75.39 -8.69 9.09
CA ASP C 986 -76.27 -9.85 9.01
C ASP C 986 -77.34 -9.69 7.93
N SER C 987 -77.48 -8.50 7.36
CA SER C 987 -78.47 -8.30 6.31
C SER C 987 -78.13 -9.15 5.09
N LYS C 988 -79.17 -9.60 4.39
CA LYS C 988 -79.03 -10.51 3.26
C LYS C 988 -79.06 -9.80 1.92
N SER C 989 -80.11 -9.03 1.66
CA SER C 989 -80.31 -8.40 0.35
C SER C 989 -79.36 -7.21 0.18
N PHE C 990 -78.76 -7.11 -0.99
CA PHE C 990 -77.92 -5.99 -1.36
C PHE C 990 -78.10 -5.68 -2.84
N SER C 991 -78.01 -4.41 -3.19
CA SER C 991 -78.17 -3.98 -4.57
C SER C 991 -77.61 -2.57 -4.72
N GLY C 992 -77.40 -2.18 -5.98
CA GLY C 992 -76.87 -0.85 -6.25
C GLY C 992 -76.48 -0.73 -7.70
N VAL C 993 -75.60 0.24 -7.98
CA VAL C 993 -75.10 0.49 -9.32
C VAL C 993 -73.59 0.65 -9.26
N LEU C 994 -72.93 0.27 -10.34
CA LEU C 994 -71.49 0.41 -10.48
C LEU C 994 -71.19 1.43 -11.56
N ASP C 995 -70.25 2.33 -11.27
CA ASP C 995 -69.98 3.51 -12.09
C ASP C 995 -68.51 3.58 -12.47
N CYS C 996 -67.97 2.47 -12.99
CA CYS C 996 -66.57 2.43 -13.39
C CYS C 996 -66.20 3.65 -14.24
N GLY C 997 -66.84 3.81 -15.40
CA GLY C 997 -66.65 4.99 -16.19
C GLY C 997 -67.60 5.08 -17.36
N ASN C 998 -68.29 6.21 -17.49
CA ASN C 998 -69.21 6.46 -18.59
C ASN C 998 -70.08 5.23 -18.89
N CYS C 999 -70.47 4.51 -17.84
CA CYS C 999 -71.25 3.29 -18.01
C CYS C 999 -71.93 2.97 -16.70
N SER C 1000 -72.89 2.04 -16.77
CA SER C 1000 -73.67 1.62 -15.61
C SER C 1000 -73.75 0.10 -15.57
N ARG C 1001 -73.92 -0.43 -14.36
CA ARG C 1001 -74.04 -1.86 -14.14
C ARG C 1001 -75.01 -2.09 -12.99
N ILE C 1002 -75.59 -3.30 -12.96
CA ILE C 1002 -76.57 -3.68 -11.97
C ILE C 1002 -76.08 -4.92 -11.24
N PHE C 1003 -76.11 -4.89 -9.91
CA PHE C 1003 -75.76 -6.03 -9.10
C PHE C 1003 -76.78 -6.20 -7.99
N HIS C 1004 -77.11 -7.44 -7.67
CA HIS C 1004 -78.02 -7.76 -6.58
C HIS C 1004 -77.43 -8.91 -5.77
N GLY C 1005 -77.21 -8.66 -4.49
CA GLY C 1005 -76.57 -9.63 -3.60
C GLY C 1005 -77.58 -10.30 -2.68
N GLU C 1006 -77.29 -11.53 -2.29
CA GLU C 1006 -78.15 -12.29 -1.39
C GLU C 1006 -77.33 -13.40 -0.78
N LYS C 1007 -77.34 -13.49 0.55
CA LYS C 1007 -76.56 -14.49 1.27
C LYS C 1007 -77.39 -15.75 1.45
N LEU C 1008 -76.82 -16.90 1.08
CA LEU C 1008 -77.47 -18.18 1.29
C LEU C 1008 -77.61 -18.44 2.79
N MET C 1009 -78.84 -18.40 3.29
CA MET C 1009 -79.07 -18.56 4.72
C MET C 1009 -78.58 -19.93 5.19
N ASN C 1010 -78.09 -19.97 6.44
CA ASN C 1010 -77.56 -21.19 7.03
C ASN C 1010 -76.43 -21.77 6.18
N THR C 1011 -75.58 -20.89 5.64
CA THR C 1011 -74.45 -21.30 4.84
C THR C 1011 -73.58 -20.09 4.58
N ASN C 1012 -72.26 -20.32 4.53
CA ASN C 1012 -71.29 -19.26 4.30
C ASN C 1012 -71.10 -19.06 2.80
N LEU C 1013 -72.08 -18.42 2.18
CA LEU C 1013 -72.04 -18.14 0.76
C LEU C 1013 -72.84 -16.87 0.46
N ILE C 1014 -72.43 -16.17 -0.60
CA ILE C 1014 -73.12 -14.99 -1.08
C ILE C 1014 -73.31 -15.13 -2.58
N PHE C 1015 -74.49 -14.77 -3.07
CA PHE C 1015 -74.83 -14.86 -4.48
C PHE C 1015 -75.02 -13.46 -5.03
N ILE C 1016 -74.28 -13.13 -6.09
CA ILE C 1016 -74.35 -11.81 -6.73
C ILE C 1016 -74.43 -12.00 -8.23
N MET C 1017 -75.12 -11.07 -8.89
CA MET C 1017 -75.33 -11.11 -10.34
C MET C 1017 -74.81 -9.79 -10.94
N VAL C 1018 -73.60 -9.83 -11.48
CA VAL C 1018 -73.03 -8.66 -12.13
C VAL C 1018 -73.48 -8.65 -13.58
N GLU C 1019 -73.41 -7.48 -14.20
CA GLU C 1019 -73.73 -7.33 -15.61
C GLU C 1019 -72.49 -7.54 -16.47
N SER C 1020 -72.71 -7.94 -17.71
CA SER C 1020 -71.62 -8.30 -18.61
C SER C 1020 -70.58 -7.19 -18.69
N LYS C 1021 -69.36 -7.54 -19.09
CA LYS C 1021 -68.28 -6.57 -19.16
C LYS C 1021 -68.61 -5.48 -20.16
N GLY C 1022 -68.36 -4.23 -19.78
CA GLY C 1022 -68.62 -3.10 -20.64
C GLY C 1022 -68.32 -1.77 -19.97
N THR C 1028 -59.85 -2.13 -13.78
CA THR C 1028 -59.13 -0.92 -13.42
C THR C 1028 -57.92 -1.26 -12.54
N ARG C 1029 -58.13 -1.32 -11.23
CA ARG C 1029 -57.09 -1.68 -10.28
C ARG C 1029 -57.46 -3.02 -9.64
N LEU C 1030 -56.57 -3.99 -9.76
CA LEU C 1030 -56.86 -5.34 -9.29
C LEU C 1030 -56.67 -5.44 -7.79
N LEU C 1031 -57.70 -5.95 -7.10
CA LEU C 1031 -57.57 -6.28 -5.69
C LEU C 1031 -56.82 -7.59 -5.54
N ILE C 1032 -55.83 -7.61 -4.66
CA ILE C 1032 -54.99 -8.79 -4.43
C ILE C 1032 -55.15 -9.19 -2.96
N GLN C 1033 -55.87 -10.27 -2.72
CA GLN C 1033 -55.93 -10.84 -1.38
C GLN C 1033 -54.70 -11.68 -1.06
N ALA C 1034 -53.94 -12.07 -2.08
CA ALA C 1034 -52.71 -12.83 -1.85
C ALA C 1034 -51.69 -11.96 -1.13
N GLU C 1035 -51.04 -12.54 -0.12
CA GLU C 1035 -50.03 -11.82 0.63
C GLU C 1035 -48.91 -11.38 -0.30
N GLN C 1036 -48.51 -10.11 -0.18
CA GLN C 1036 -47.43 -9.55 -0.97
C GLN C 1036 -46.38 -8.96 -0.06
N THR C 1037 -45.12 -9.13 -0.45
CA THR C 1037 -44.01 -8.60 0.36
C THR C 1037 -44.18 -7.10 0.55
N SER C 1038 -43.96 -6.64 1.77
CA SER C 1038 -44.03 -5.22 2.07
C SER C 1038 -43.29 -4.95 3.37
N ASP C 1039 -42.86 -3.71 3.52
CA ASP C 1039 -42.21 -3.28 4.74
C ASP C 1039 -43.23 -3.22 5.88
N GLY C 1040 -42.76 -3.53 7.09
CA GLY C 1040 -43.62 -3.51 8.25
C GLY C 1040 -44.08 -2.09 8.56
N PRO C 1041 -44.77 -1.93 9.69
CA PRO C 1041 -45.19 -0.58 10.08
C PRO C 1041 -44.00 0.35 10.23
N ASN C 1042 -44.17 1.59 9.80
CA ASN C 1042 -43.10 2.57 9.86
C ASN C 1042 -42.61 2.70 11.29
N PRO C 1043 -41.42 2.21 11.63
CA PRO C 1043 -40.95 2.31 13.02
C PRO C 1043 -40.78 3.74 13.49
N CYS C 1044 -40.57 4.69 12.57
CA CYS C 1044 -40.47 6.09 12.97
C CYS C 1044 -41.74 6.58 13.67
N ASP C 1045 -42.87 5.91 13.43
CA ASP C 1045 -44.15 6.31 14.02
C ASP C 1045 -44.53 5.49 15.24
N MET C 1046 -44.09 4.22 15.31
CA MET C 1046 -44.48 3.37 16.42
C MET C 1046 -43.71 3.70 17.70
N VAL C 1047 -42.50 4.23 17.59
CA VAL C 1047 -41.72 4.54 18.78
C VAL C 1047 -42.31 5.70 19.56
N LYS C 1048 -43.15 6.53 18.92
CA LYS C 1048 -43.76 7.65 19.64
C LYS C 1048 -44.67 7.14 20.76
N GLN C 1049 -45.41 6.07 20.50
CA GLN C 1049 -46.33 5.47 21.46
C GLN C 1049 -46.00 3.99 21.59
N PRO C 1050 -44.89 3.66 22.24
CA PRO C 1050 -44.47 2.26 22.30
C PRO C 1050 -45.44 1.42 23.11
N ARG C 1051 -45.48 0.13 22.78
CA ARG C 1051 -46.31 -0.80 23.53
C ARG C 1051 -45.83 -0.89 24.97
N TYR C 1052 -46.76 -1.19 25.87
CA TYR C 1052 -46.43 -1.28 27.29
C TYR C 1052 -45.32 -2.30 27.50
N ARG C 1053 -44.38 -1.94 28.37
CA ARG C 1053 -43.21 -2.77 28.61
C ARG C 1053 -42.73 -2.58 30.04
N LYS C 1054 -42.50 -3.68 30.75
CA LYS C 1054 -42.04 -3.66 32.13
C LYS C 1054 -40.70 -4.37 32.19
N GLY C 1055 -39.62 -3.60 32.21
CA GLY C 1055 -38.29 -4.17 32.17
C GLY C 1055 -37.85 -4.67 33.53
N PRO C 1056 -36.66 -5.27 33.56
CA PRO C 1056 -36.12 -5.79 34.82
C PRO C 1056 -35.77 -4.66 35.77
N ASP C 1057 -35.75 -5.00 37.06
CA ASP C 1057 -35.63 -4.02 38.13
C ASP C 1057 -34.52 -4.41 39.10
N VAL C 1058 -33.35 -4.77 38.58
CA VAL C 1058 -32.15 -4.98 39.38
C VAL C 1058 -30.99 -4.12 38.87
N CYS C 1059 -30.54 -4.37 37.64
CA CYS C 1059 -29.56 -3.52 36.96
C CYS C 1059 -28.43 -3.04 37.87
N PHE C 1060 -27.69 -3.97 38.44
CA PHE C 1060 -26.63 -3.63 39.38
C PHE C 1060 -25.61 -2.72 38.69
N ASP C 1061 -25.54 -1.47 39.14
CA ASP C 1061 -24.57 -0.51 38.61
C ASP C 1061 -24.31 0.55 39.68
N ASN C 1062 -23.30 1.37 39.43
CA ASN C 1062 -22.95 2.51 40.29
C ASN C 1062 -22.62 2.03 41.71
N ASN C 1063 -21.53 1.28 41.79
CA ASN C 1063 -20.97 0.84 43.07
C ASN C 1063 -19.73 1.68 43.38
N VAL C 1064 -19.68 2.24 44.59
CA VAL C 1064 -18.58 3.13 44.95
C VAL C 1064 -17.26 2.39 44.93
N LEU C 1065 -17.24 1.14 45.42
CA LEU C 1065 -16.02 0.35 45.49
C LEU C 1065 -15.66 -0.19 44.11
N GLU C 1066 -15.39 0.74 43.20
CA GLU C 1066 -15.02 0.41 41.82
C GLU C 1066 -13.70 1.09 41.49
N ASP C 1067 -12.92 0.43 40.64
CA ASP C 1067 -11.60 0.92 40.25
C ASP C 1067 -11.70 1.60 38.89
N TYR C 1068 -11.28 2.86 38.83
CA TYR C 1068 -11.28 3.63 37.60
C TYR C 1068 -9.87 3.81 37.03
N THR C 1069 -8.98 2.87 37.29
CA THR C 1069 -7.61 2.95 36.83
C THR C 1069 -7.41 2.37 35.44
N ASP C 1070 -8.47 1.84 34.82
CA ASP C 1070 -8.37 1.21 33.52
C ASP C 1070 -8.74 2.19 32.42
N CYS C 1071 -7.92 2.26 31.38
CA CYS C 1071 -8.16 3.18 30.27
C CYS C 1071 -7.36 2.76 29.04
C27 R16 D . 35.16 -6.54 10.17
C28 R16 D . 34.77 -7.73 9.33
C29 R16 D . 33.33 -8.18 9.48
C30 R16 D . 33.08 -9.01 10.70
C31 R16 D . 31.68 -8.96 11.23
C32 R16 D . 30.63 -9.61 10.35
C33 R16 D . 30.58 -11.12 10.47
C34 R16 D . 30.22 -11.71 11.81
C35 R16 D . 28.89 -11.27 12.35
C36 R16 D . 27.68 -11.84 11.64
C37 R16 D . 27.49 -13.32 11.87
C38 R16 D . 26.10 -13.82 11.64
C39 R16 D . 25.86 -15.22 12.15
C40 R16 D . 24.40 -15.57 12.34
P 3PE E . 8.53 -15.98 -26.62
N 3PE E . 8.19 -20.89 -25.21
O11 3PE E . 9.96 -15.26 -26.96
O12 3PE E . 7.94 -16.31 -27.95
O13 3PE E . 9.03 -17.37 -25.87
O14 3PE E . 7.81 -15.22 -25.56
C11 3PE E . 8.23 -18.53 -25.95
C12 3PE E . 8.81 -19.57 -25.01
C1 3PE E . 10.27 -14.01 -26.40
C2 3PE E . 11.56 -13.51 -27.03
C3 3PE E . 11.30 -12.81 -28.35
O31 3PE E . 11.66 -13.73 -29.37
O32 3PE E . 11.91 -13.28 -31.54
C31 3PE E . 12.36 -13.29 -30.42
C32 3PE E . 13.74 -12.85 -30.03
C33 3PE E . 14.76 -12.87 -31.17
C34 3PE E . 15.75 -11.72 -31.05
C35 3PE E . 16.54 -11.73 -29.75
C36 3PE E . 17.66 -10.70 -29.73
C37 3PE E . 18.53 -10.76 -28.48
C38 3PE E . 19.80 -9.92 -28.60
C39 3PE E . 20.83 -10.23 -27.53
C3A 3PE E . 22.06 -9.34 -27.62
C3B 3PE E . 23.03 -9.50 -26.46
O21 3PE E . 12.28 -12.60 -26.18
O22 3PE E . 10.86 -11.05 -25.44
C21 3PE E . 11.91 -11.35 -25.96
C22 3PE E . 12.97 -10.40 -26.46
C23 3PE E . 13.94 -9.91 -25.40
C24 3PE E . 15.02 -9.05 -26.02
C25 3PE E . 15.85 -8.28 -25.00
C26 3PE E . 16.95 -7.45 -25.63
C27 3PE E . 17.69 -6.57 -24.64
C28 3PE E . 19.01 -6.03 -25.18
C29 3PE E . 19.87 -5.34 -24.13
C31 3PE F . -9.98 26.13 -9.54
C32 3PE F . -8.58 26.45 -9.06
C33 3PE F . -7.67 27.01 -10.13
C34 3PE F . -6.30 27.39 -9.56
C35 3PE F . -5.47 26.20 -9.14
C36 3PE F . -4.04 26.58 -8.76
C37 3PE F . -3.17 26.97 -9.94
C38 3PE F . -2.06 27.94 -9.57
C39 3PE F . -0.83 27.30 -8.95
C3A 3PE F . 0.37 28.23 -8.96
C3B 3PE F . 1.65 27.61 -8.40
C21 3PE F . -7.66 21.60 -11.77
C22 3PE F . -6.19 21.48 -11.49
C23 3PE F . -5.32 22.46 -12.26
C24 3PE F . -3.85 22.28 -11.93
C25 3PE F . -2.95 23.27 -12.66
C26 3PE F . -1.47 22.93 -12.51
C27 3PE F . -0.97 22.98 -11.08
C28 3PE F . 0.55 22.82 -10.96
C29 3PE F . 1.32 24.01 -11.54
C15 A1AC9 G . 23.83 9.65 -12.65
C12 A1AC9 G . 17.55 4.54 -11.03
C10 A1AC9 G . 24.77 10.19 -13.65
C18 A1AC9 G . 24.08 9.85 -11.48
C13 A1AC9 G . 17.69 6.67 -11.29
C20 A1AC9 G . 25.93 9.17 -13.84
C16 A1AC9 G . 19.53 5.25 -13.73
C17 A1AC9 G . 25.27 11.77 -11.82
C11 A1AC9 G . 18.82 6.67 -11.83
C19 A1AC9 G . 25.03 10.50 -10.92
C14 A1AC9 G . 16.90 5.82 -10.94
C09 A1AC9 G . 19.46 5.31 -12.25
C21 A1AC9 G . 19.53 7.85 -12.11
C22 A1AC9 G . 22.69 8.91 -13.06
C23 A1AC9 G . 19.36 3.48 -11.05
C24 A1AC9 G . 17.16 7.98 -10.94
C25 A1AC9 G . 21.85 8.42 -12.20
C26 A1AC9 G . 20.58 4.24 -14.16
C27 A1AC9 G . 23.12 9.30 -10.53
C28 A1AC9 G . 19.02 9.03 -11.80
C29 A1AC9 G . 24.87 12.33 -13.87
C30 A1AC9 G . 25.41 7.78 -14.27
C31 A1AC9 G . 17.87 9.10 -11.22
C32 A1AC9 G . 22.04 8.60 -10.94
C33 A1AC9 G . 21.82 4.63 -14.62
C34 A1AC9 G . 20.27 2.89 -14.10
C35 A1AC9 G . 25.27 6.76 -13.34
C36 A1AC9 G . 25.08 7.55 -15.59
C37 A1AC9 G . 22.75 3.69 -15.01
C38 A1AC9 G . 21.20 1.94 -14.48
C39 A1AC9 G . 24.48 5.29 -15.05
C40 A1AC9 G . 24.81 5.52 -13.73
C41 A1AC9 G . 24.62 6.31 -15.98
C42 A1AC9 G . 22.44 2.34 -14.94
C43 A1AC9 G . 19.25 10.91 -13.19
C44 A1AC9 G . 21.75 7.09 -9.17
C45 A1AC9 G . 17.98 10.95 -9.79
C46 A1AC9 G . 22.98 0.06 -15.03
N07 A1AC9 G . 18.67 4.14 -11.74
N08 A1AC9 G . 25.34 11.47 -13.25
O01 A1AC9 G . 20.77 7.70 -12.74
O02 A1AC9 G . 19.72 10.21 -12.07
O03 A1AC9 G . 17.34 10.36 -10.88
O04 A1AC9 G . 21.18 8.09 -9.97
O05 A1AC9 G . 24.02 4.04 -15.48
O06 A1AC9 G . 23.36 1.37 -15.33
C31 3PE H . 16.44 8.75 -16.02
C32 3PE H . 16.46 10.20 -15.63
C33 3PE H . 16.24 11.15 -16.79
C34 3PE H . 16.46 12.60 -16.38
C35 3PE H . 16.27 13.59 -17.51
C36 3PE H . 16.62 15.02 -17.10
C37 3PE H . 16.48 16.03 -18.23
C38 3PE H . 16.79 17.45 -17.79
C39 3PE H . 16.14 18.52 -18.66
C3A 3PE H . 16.23 19.92 -18.04
C3B 3PE H . 15.34 20.95 -18.71
CA CA I . 11.06 1.31 -8.58
CA CA J . 14.92 2.58 -10.42
C1 NAG K . -37.32 -31.59 38.53
C2 NAG K . -38.23 -32.48 37.68
C3 NAG K . -38.71 -33.68 38.51
C4 NAG K . -37.52 -34.42 39.09
C5 NAG K . -36.64 -33.46 39.88
C6 NAG K . -35.37 -34.10 40.39
C7 NAG K . -39.65 -31.64 35.88
C8 NAG K . -40.87 -30.82 35.53
N2 NAG K . -39.37 -31.73 37.18
O3 NAG K . -39.46 -34.56 37.68
O4 NAG K . -37.97 -35.46 39.96
O5 NAG K . -36.24 -32.37 39.04
O6 NAG K . -34.70 -34.83 39.37
O7 NAG K . -38.97 -32.18 35.01
C1 NAG L . -4.05 -28.43 36.02
C2 NAG L . -5.10 -29.45 36.47
C3 NAG L . -4.44 -30.49 37.38
C4 NAG L . -3.24 -31.12 36.69
C5 NAG L . -2.27 -30.03 36.22
C6 NAG L . -1.12 -30.59 35.41
C7 NAG L . -7.38 -29.38 37.34
C8 NAG L . -8.41 -28.57 38.06
N2 NAG L . -6.20 -28.80 37.15
O3 NAG L . -5.40 -31.49 37.69
O4 NAG L . -2.56 -31.99 37.59
O5 NAG L . -2.96 -29.11 35.38
O6 NAG L . -1.56 -31.03 34.13
O7 NAG L . -7.62 -30.52 36.94
C1 NAG M . -8.99 -14.42 38.60
C2 NAG M . -8.29 -14.50 37.25
C3 NAG M . -6.78 -14.69 37.43
C4 NAG M . -6.23 -13.61 38.34
C5 NAG M . -7.00 -13.59 39.66
C6 NAG M . -6.57 -12.47 40.58
C7 NAG M . -8.50 -15.82 35.19
C8 NAG M . -9.17 -17.00 34.53
N2 NAG M . -8.84 -15.60 36.46
O3 NAG M . -6.14 -14.62 36.16
O4 NAG M . -4.85 -13.87 38.63
O5 NAG M . -8.40 -13.38 39.38
O6 NAG M . -5.16 -12.49 40.78
O7 NAG M . -7.69 -15.12 34.60
C1 NAG N . -2.56 -14.42 37.06
C2 NAG N . -1.63 -13.73 38.06
C3 NAG N . -1.48 -12.25 37.72
C4 NAG N . -1.07 -12.07 36.27
C5 NAG N . -2.03 -12.82 35.35
C6 NAG N . -1.61 -12.78 33.90
C7 NAG N . -2.32 -15.10 39.98
C8 NAG N . -2.82 -15.09 41.39
N2 NAG N . -2.12 -13.90 39.42
O3 NAG N . -0.51 -11.67 38.59
O4 NAG N . -1.07 -10.70 35.93
O5 NAG N . -2.08 -14.21 35.74
O6 NAG N . -0.89 -13.96 33.54
O7 NAG N . -2.11 -16.14 39.38
C1 BMA O . 1.88 -13.91 35.37
C2 BMA O . 2.63 -13.28 34.19
C3 BMA O . 3.74 -14.22 33.72
C4 BMA O . 4.58 -14.73 34.90
C5 BMA O . 3.67 -15.34 35.98
C6 BMA O . 4.42 -15.82 37.19
O2 BMA O . 3.25 -12.07 34.58
O3 BMA O . 4.57 -13.59 32.76
O4 BMA O . 5.50 -15.71 34.45
O5 BMA O . 2.75 -14.32 36.39
O6 BMA O . 3.48 -16.33 38.12
C1 NAG P . -65.79 4.55 -0.79
C2 NAG P . -66.36 5.57 -1.77
C3 NAG P . -65.67 6.91 -1.60
C4 NAG P . -65.75 7.37 -0.15
C5 NAG P . -65.21 6.27 0.77
C6 NAG P . -65.37 6.61 2.23
C7 NAG P . -65.08 4.67 -3.67
C8 NAG P . -65.14 4.22 -5.09
N2 NAG P . -66.23 5.10 -3.14
O3 NAG P . -66.31 7.87 -2.45
O4 NAG P . -64.97 8.55 0.03
O5 NAG P . -65.93 5.06 0.55
O6 NAG P . -66.73 6.60 2.62
O7 NAG P . -64.04 4.66 -3.02
C1 NAG Q . -48.35 -18.13 41.90
C2 NAG Q . -49.12 -19.42 42.10
C3 NAG Q . -50.56 -19.10 42.45
C4 NAG Q . -50.64 -18.43 43.81
C5 NAG Q . -49.37 -17.64 44.13
C6 NAG Q . -48.33 -18.44 44.90
C7 NAG Q . -47.91 -20.72 40.40
C8 NAG Q . -48.03 -21.55 39.17
N2 NAG Q . -49.06 -20.25 40.90
O3 NAG Q . -51.32 -20.31 42.47
O4 NAG Q . -51.74 -17.54 43.82
O5 NAG Q . -48.72 -17.15 42.93
O6 NAG Q . -48.13 -17.89 46.20
O7 NAG Q . -46.83 -20.46 40.91
C1 NAG R . -52.54 -17.20 46.43
C2 NAG R . -52.74 -15.97 47.31
C3 NAG R . -52.41 -16.30 48.76
C4 NAG R . -53.19 -17.52 49.23
C5 NAG R . -52.98 -18.67 48.26
C6 NAG R . -53.82 -19.88 48.60
C7 NAG R . -50.61 -14.93 46.68
C8 NAG R . -49.93 -13.69 46.17
N2 NAG R . -51.93 -14.86 46.84
O3 NAG R . -52.71 -15.17 49.58
O4 NAG R . -52.76 -17.90 50.52
O5 NAG R . -53.33 -18.27 46.93
O6 NAG R . -54.24 -19.87 49.96
O7 NAG R . -49.98 -15.95 46.94
C1 NAG S . -29.11 9.24 2.66
C2 NAG S . -30.36 9.08 1.81
C3 NAG S . -30.57 10.33 0.96
C4 NAG S . -30.58 11.58 1.83
C5 NAG S . -29.32 11.62 2.70
C6 NAG S . -29.33 12.77 3.68
C7 NAG S . -30.84 6.73 1.30
C8 NAG S . -30.65 5.62 0.31
N2 NAG S . -30.27 7.89 0.97
O3 NAG S . -31.80 10.23 0.25
O4 NAG S . -30.61 12.74 1.01
O5 NAG S . -29.22 10.41 3.47
O6 NAG S . -29.74 13.99 3.07
O7 NAG S . -31.47 6.58 2.33
C1 NAG T . -49.49 -20.02 -13.04
C2 NAG T . -49.95 -19.32 -14.33
C3 NAG T . -48.85 -19.34 -15.37
C4 NAG T . -47.56 -18.76 -14.78
C5 NAG T . -47.20 -19.49 -13.50
C6 NAG T . -45.98 -18.90 -12.80
C7 NAG T . -52.39 -19.68 -14.38
C8 NAG T . -53.51 -20.42 -15.05
N2 NAG T . -51.16 -19.95 -14.85
O3 NAG T . -49.25 -18.57 -16.50
O4 NAG T . -46.49 -18.91 -15.72
O5 NAG T . -48.29 -19.40 -12.57
O6 NAG T . -44.83 -19.00 -13.61
O7 NAG T . -52.57 -18.88 -13.47
C1 NAG U . -61.03 -5.39 11.38
C2 NAG U . -60.66 -4.52 12.57
C3 NAG U . -61.92 -4.09 13.31
C4 NAG U . -62.92 -3.45 12.36
C5 NAG U . -63.17 -4.37 11.16
C6 NAG U . -64.05 -3.74 10.11
C7 NAG U . -58.43 -5.28 13.22
C8 NAG U . -57.64 -6.05 14.25
N2 NAG U . -59.75 -5.21 13.46
O3 NAG U . -61.57 -3.17 14.34
O4 NAG U . -64.15 -3.20 13.03
O5 NAG U . -61.93 -4.70 10.53
O6 NAG U . -63.31 -2.85 9.28
O7 NAG U . -57.92 -4.78 12.24
C1 NAG V . -40.30 15.39 28.12
C2 NAG V . -41.37 16.49 28.02
C3 NAG V . -40.98 17.51 26.95
C4 NAG V . -39.58 18.04 27.21
C5 NAG V . -38.59 16.89 27.34
C6 NAG V . -37.20 17.33 27.72
C7 NAG V . -43.49 15.44 28.68
C8 NAG V . -44.79 14.88 28.21
N2 NAG V . -42.67 15.91 27.73
O3 NAG V . -41.93 18.58 26.97
O4 NAG V . -39.17 18.88 26.14
O5 NAG V . -39.03 15.99 28.38
O6 NAG V . -37.17 17.89 29.03
O7 NAG V . -43.17 15.44 29.87
#